data_6UON
#
_entry.id   6UON
#
_cell.length_a   65.399
_cell.length_b   79.286
_cell.length_c   197.710
_cell.angle_alpha   90.000
_cell.angle_beta   91.109
_cell.angle_gamma   90.000
#
_symmetry.space_group_name_H-M   'P 1 21 1'
#
loop_
_entity.id
_entity.type
_entity.pdbx_description
1 polymer TCR-V-alpha-12-02*01
2 polymer TCR-V-beta-10-2*01
3 polymer 'HLA class I antigen'
4 polymer Beta-2-microglobulin
5 polymer GLY-ALA-ASP-GLY-VAL-GLY-LYS-SER-ALA-LEU
#
loop_
_entity_poly.entity_id
_entity_poly.type
_entity_poly.pdbx_seq_one_letter_code
_entity_poly.pdbx_strand_id
1 'polypeptide(L)'
;MKEVEQNSGPLSVPEGAIASLNCTYSDRGSQSFFWYRQYSGKSPELIMFIYSNGDKEDGRFTAQLNKASQYVSLLIRDSQ
PSDSATYLCAAAMDSSYKLIFGSGTRLLVRPDIQNPDPAVYQLRDSKSSDKSVCLFTDFDSQTNVSQSKDSDVYITDKCV
LDMRSMDFKSNSAVAWSNKSDFACANAFNNSIIPEDTFFPSP
;
G,I
2 'polypeptide(L)'
;MAGITQSPRYKITETGRQVTLMCHQTWSHSYMFWYRQDLGHGLRLIYYSAAADITDKGEVPDGYVVSRSKTENFPLTLES
ATRSQTSVYFCASSDPGTEAFFGQGTRLTVVEDLRNVFPPEVAVFEPSEAEISHTQKATLVCLATGFYPDHVELSWWVNG
KEVHSGVCTDPQPLKEQPALNDSRYALSSRLRVSATFWQNPRNHFRCQVQFYGLSENDEWTQDRAKPVTQIVSAEAWGRA
D
;
H,J
3 'polypeptide(L)'
;CSHSMRYFYTAVSRPGRGEPRFIAVGYVDDTQFVQFDSDAASPRGEPRAPWVEQEGPEYWDRETQKYKRQAQTDRVSLRN
LRGYYNQSEAGSHTLQRMYGCDLGPDGRLLRGYNQFAYDGKDYIALNEDLRSWTAADKAAQITQRKWEAAREAEQRRAYL
EGTCVEWLRRYLENGKKTLQRAEHPKTHVTHHPVSDHEATLRCWALGFYPAEITLTWQRDGEDQTQDTELVETRPAGDGT
FQKWAAVVVPSGEEQRYTCHVQHEGLPEPLTLRW
;
A,D
4 'polypeptide(L)'
;IQRTPKIQVYSRHPAENGKSNFLNCYVSGFHPSDIEVDLLKNGERIEKVEHSDLSFSKDWSFYLLYYTEFTPTEKDEYAC
RVNHVTLSQPKIVKWDRDM
;
B,E
5 'polypeptide(L)' GADGVGKSAL C,F
#
# COMPACT_ATOMS: atom_id res chain seq x y z
N GLU A 3 -3.13 10.99 38.29
CA GLU A 3 -2.72 9.58 38.04
C GLU A 3 -3.94 8.66 38.24
N VAL A 4 -4.12 7.72 37.31
CA VAL A 4 -5.25 6.80 37.35
C VAL A 4 -4.71 5.39 37.24
N GLU A 5 -5.24 4.51 38.10
CA GLU A 5 -4.92 3.07 38.13
C GLU A 5 -6.21 2.30 37.86
N GLN A 6 -6.26 1.59 36.73
CA GLN A 6 -7.44 0.78 36.32
C GLN A 6 -7.23 -0.67 36.77
N ASN A 7 -8.24 -1.52 36.55
CA ASN A 7 -8.16 -2.96 36.90
C ASN A 7 -7.38 -3.65 35.78
N SER A 8 -6.05 -3.54 35.83
CA SER A 8 -5.14 -4.08 34.79
C SER A 8 -5.14 -5.61 34.72
N GLY A 9 -5.56 -6.30 35.78
CA GLY A 9 -5.50 -7.73 35.73
C GLY A 9 -6.57 -8.28 34.82
N PRO A 10 -6.19 -9.16 33.91
CA PRO A 10 -7.11 -9.61 32.87
C PRO A 10 -8.13 -10.58 33.43
N LEU A 11 -9.31 -10.59 32.80
CA LEU A 11 -10.43 -11.42 33.23
C LEU A 11 -11.06 -12.09 32.04
N SER A 12 -11.64 -13.28 32.27
CA SER A 12 -12.28 -14.03 31.17
C SER A 12 -13.52 -14.77 31.68
N VAL A 13 -14.70 -14.26 31.34
CA VAL A 13 -15.94 -14.88 31.90
C VAL A 13 -16.64 -15.64 30.78
N PRO A 14 -16.63 -16.97 30.80
CA PRO A 14 -17.21 -17.71 29.71
C PRO A 14 -18.71 -17.67 29.40
N GLU A 15 -19.58 -17.90 30.37
CA GLU A 15 -21.02 -17.93 29.99
C GLU A 15 -21.56 -16.50 29.99
N GLY A 16 -22.58 -16.20 29.17
CA GLY A 16 -23.08 -14.81 29.26
C GLY A 16 -23.57 -14.57 30.66
N ALA A 17 -23.02 -13.54 31.30
CA ALA A 17 -23.35 -13.15 32.68
C ALA A 17 -22.73 -11.78 32.98
N ILE A 18 -23.00 -11.25 34.16
CA ILE A 18 -22.44 -9.94 34.59
C ILE A 18 -20.92 -10.03 34.65
N ALA A 19 -20.24 -9.03 34.09
CA ALA A 19 -18.82 -8.77 34.04
C ALA A 19 -18.68 -7.35 34.54
N SER A 20 -17.78 -7.14 35.50
CA SER A 20 -17.67 -5.86 36.20
C SER A 20 -16.22 -5.41 36.18
N LEU A 21 -16.00 -4.11 35.98
CA LEU A 21 -14.65 -3.58 36.01
C LEU A 21 -14.67 -2.13 36.45
N ASN A 22 -13.67 -1.74 37.24
CA ASN A 22 -13.64 -0.41 37.85
C ASN A 22 -12.24 0.18 37.73
N CYS A 23 -12.16 1.48 37.98
CA CYS A 23 -10.90 2.21 37.98
C CYS A 23 -10.91 3.22 39.12
N THR A 24 -9.72 3.47 39.65
CA THR A 24 -9.50 4.40 40.77
C THR A 24 -8.51 5.46 40.33
N TYR A 25 -8.73 6.69 40.80
CA TYR A 25 -7.78 7.78 40.49
C TYR A 25 -7.28 8.35 41.79
N SER A 26 -6.09 8.92 41.74
CA SER A 26 -5.41 9.43 42.92
C SER A 26 -5.57 10.93 43.09
N ASP A 27 -5.88 11.65 42.01
CA ASP A 27 -6.11 13.10 42.05
C ASP A 27 -7.62 13.28 42.01
N ARG A 28 -8.22 13.46 43.20
CA ARG A 28 -9.67 13.57 43.33
C ARG A 28 -10.30 14.63 42.45
N GLY A 29 -9.53 15.58 41.94
CA GLY A 29 -10.13 16.63 41.12
C GLY A 29 -10.22 16.22 39.66
N SER A 30 -11.38 15.72 39.24
CA SER A 30 -11.59 15.33 37.85
C SER A 30 -12.89 15.92 37.32
N GLN A 31 -14.02 15.39 37.81
CA GLN A 31 -15.39 15.71 37.39
C GLN A 31 -15.72 15.21 35.98
N SER A 32 -14.76 14.66 35.26
CA SER A 32 -14.97 14.13 33.92
C SER A 32 -14.47 12.69 33.84
N PHE A 33 -15.32 11.78 33.34
CA PHE A 33 -14.98 10.36 33.29
C PHE A 33 -15.54 9.73 32.02
N PHE A 34 -14.83 8.74 31.49
CA PHE A 34 -15.29 8.01 30.31
C PHE A 34 -14.72 6.59 30.30
N TRP A 35 -15.38 5.74 29.51
CA TRP A 35 -14.99 4.35 29.30
C TRP A 35 -14.81 4.12 27.80
N TYR A 36 -13.66 3.58 27.41
CA TYR A 36 -13.36 3.31 26.02
C TYR A 36 -13.18 1.80 25.81
N ARG A 37 -13.43 1.36 24.59
CA ARG A 37 -13.23 -0.04 24.19
C ARG A 37 -12.39 -0.08 22.93
N GLN A 38 -11.36 -0.93 22.93
CA GLN A 38 -10.43 -1.05 21.82
C GLN A 38 -10.30 -2.51 21.41
N TYR A 39 -10.47 -2.76 20.12
CA TYR A 39 -10.21 -4.06 19.54
C TYR A 39 -8.72 -4.18 19.20
N SER A 40 -8.24 -5.41 19.13
CA SER A 40 -6.82 -5.66 18.86
C SER A 40 -6.43 -5.09 17.50
N GLY A 41 -5.57 -4.08 17.51
CA GLY A 41 -5.08 -3.46 16.29
C GLY A 41 -5.91 -2.32 15.76
N LYS A 42 -7.02 -1.99 16.41
CA LYS A 42 -7.90 -0.91 16.00
C LYS A 42 -7.89 0.20 17.04
N SER A 43 -8.47 1.33 16.66
CA SER A 43 -8.52 2.44 17.60
C SER A 43 -9.68 2.25 18.57
N PRO A 44 -9.49 2.56 19.85
CA PRO A 44 -10.56 2.39 20.84
C PRO A 44 -11.79 3.21 20.49
N GLU A 45 -12.91 2.84 21.10
CA GLU A 45 -14.19 3.51 20.87
C GLU A 45 -14.91 3.78 22.19
N LEU A 46 -15.58 4.93 22.26
CA LEU A 46 -16.34 5.29 23.45
C LEU A 46 -17.64 4.48 23.53
N ILE A 47 -18.05 4.18 24.76
CA ILE A 47 -19.33 3.51 25.01
C ILE A 47 -20.10 4.31 26.05
N MET A 48 -19.39 4.83 27.05
CA MET A 48 -20.01 5.53 28.16
C MET A 48 -19.20 6.75 28.58
N PHE A 49 -19.90 7.83 28.92
CA PHE A 49 -19.31 9.00 29.54
C PHE A 49 -20.13 9.35 30.76
N ILE A 50 -19.46 9.79 31.83
CA ILE A 50 -20.11 10.10 33.10
C ILE A 50 -19.40 11.29 33.74
N TYR A 51 -20.19 12.23 34.25
CA TYR A 51 -19.69 13.36 35.01
C TYR A 51 -20.41 13.55 36.33
N SER A 52 -21.56 12.89 36.54
CA SER A 52 -22.40 13.05 37.71
C SER A 52 -22.41 11.77 38.54
N ASN A 53 -22.49 11.94 39.87
CA ASN A 53 -22.38 10.82 40.78
C ASN A 53 -23.45 9.76 40.53
N GLY A 54 -24.62 10.17 40.07
CA GLY A 54 -25.71 9.22 39.88
C GLY A 54 -25.41 8.23 38.77
N ASP A 55 -25.89 7.01 38.97
CA ASP A 55 -25.63 5.93 38.02
C ASP A 55 -26.33 6.21 36.69
N LYS A 56 -25.75 5.69 35.61
CA LYS A 56 -26.35 5.80 34.29
C LYS A 56 -26.48 4.46 33.58
N GLU A 57 -27.61 4.32 32.89
CA GLU A 57 -28.03 3.13 32.17
C GLU A 57 -27.70 3.34 30.69
N ASP A 58 -27.46 2.23 29.97
CA ASP A 58 -27.23 2.38 28.54
C ASP A 58 -27.37 1.05 27.84
N GLY A 59 -28.60 0.63 27.56
CA GLY A 59 -28.77 -0.58 26.78
C GLY A 59 -28.22 -1.75 27.56
N ARG A 60 -27.20 -2.41 27.01
CA ARG A 60 -26.61 -3.55 27.76
C ARG A 60 -25.57 -3.03 28.74
N PHE A 61 -25.45 -1.70 28.90
CA PHE A 61 -24.37 -1.20 29.79
C PHE A 61 -24.92 -0.25 30.86
N THR A 62 -24.14 -0.11 31.94
CA THR A 62 -24.41 0.81 33.08
C THR A 62 -23.09 1.31 33.67
N ALA A 63 -23.15 2.39 34.44
CA ALA A 63 -21.95 2.96 35.11
C ALA A 63 -22.40 3.84 36.29
N GLN A 64 -21.49 4.15 37.23
CA GLN A 64 -21.86 5.01 38.39
C GLN A 64 -20.61 5.66 38.97
N LEU A 65 -20.66 6.81 39.67
CA LEU A 65 -19.43 7.37 40.29
C LEU A 65 -19.68 7.68 41.77
N ASN A 66 -19.07 6.98 42.72
CA ASN A 66 -19.36 7.40 44.11
C ASN A 66 -18.82 8.81 44.33
N LYS A 67 -17.56 9.03 43.94
CA LYS A 67 -16.71 10.26 43.95
C LYS A 67 -16.06 10.49 45.32
N ALA A 68 -16.52 9.80 46.38
CA ALA A 68 -15.85 9.95 47.68
C ALA A 68 -14.91 8.74 47.71
N SER A 69 -15.50 7.59 47.38
CA SER A 69 -14.78 6.31 47.18
C SER A 69 -13.94 6.48 45.90
N GLN A 70 -14.54 7.17 44.92
CA GLN A 70 -13.98 7.46 43.59
C GLN A 70 -13.65 6.17 42.84
N TYR A 71 -14.53 5.18 42.98
CA TYR A 71 -14.39 3.91 42.24
C TYR A 71 -15.36 4.02 41.06
N VAL A 72 -14.86 4.21 39.85
CA VAL A 72 -15.77 4.31 38.67
C VAL A 72 -16.16 2.89 38.27
N SER A 73 -17.44 2.64 38.06
CA SER A 73 -17.80 1.25 37.70
C SER A 73 -18.56 1.20 36.36
N LEU A 74 -18.07 0.39 35.43
CA LEU A 74 -18.84 0.08 34.19
C LEU A 74 -19.10 -1.41 34.26
N LEU A 75 -20.24 -1.79 33.72
CA LEU A 75 -20.48 -3.26 33.66
C LEU A 75 -21.53 -3.61 32.59
N ILE A 76 -21.58 -4.89 32.21
CA ILE A 76 -22.41 -5.40 31.08
C ILE A 76 -23.49 -6.36 31.57
N ARG A 77 -24.73 -6.19 31.10
CA ARG A 77 -25.84 -7.07 31.59
C ARG A 77 -25.63 -8.51 31.15
N ASP A 78 -25.28 -8.72 29.88
CA ASP A 78 -25.07 -10.13 29.42
C ASP A 78 -23.89 -10.10 28.44
N SER A 79 -23.10 -11.17 28.37
CA SER A 79 -21.93 -11.10 27.47
C SER A 79 -22.14 -11.87 26.18
N GLN A 80 -21.34 -11.51 25.18
CA GLN A 80 -21.25 -12.15 23.85
C GLN A 80 -19.77 -12.24 23.49
N PRO A 81 -19.35 -13.16 22.61
CA PRO A 81 -17.94 -13.29 22.24
C PRO A 81 -17.41 -12.02 21.58
N SER A 82 -18.24 -11.34 20.79
CA SER A 82 -17.84 -10.12 20.05
C SER A 82 -17.39 -9.02 21.03
N ASP A 83 -18.06 -8.89 22.17
CA ASP A 83 -17.76 -7.82 23.15
C ASP A 83 -16.32 -7.88 23.68
N SER A 84 -15.76 -9.07 23.83
CA SER A 84 -14.37 -9.22 24.37
C SER A 84 -13.42 -8.27 23.65
N ALA A 85 -12.80 -7.37 24.41
CA ALA A 85 -11.82 -6.41 23.89
C ALA A 85 -11.07 -5.81 25.06
N THR A 86 -10.14 -4.91 24.76
CA THR A 86 -9.47 -4.14 25.80
C THR A 86 -10.36 -2.97 26.22
N TYR A 87 -10.43 -2.72 27.52
CA TYR A 87 -11.31 -1.67 28.04
C TYR A 87 -10.48 -0.68 28.84
N LEU A 88 -10.57 0.60 28.46
CA LEU A 88 -9.74 1.66 29.00
C LEU A 88 -10.60 2.63 29.81
N CYS A 89 -10.07 3.06 30.95
CA CYS A 89 -10.73 4.06 31.79
C CYS A 89 -10.05 5.40 31.53
N ALA A 90 -10.82 6.48 31.51
CA ALA A 90 -10.25 7.79 31.22
C ALA A 90 -10.90 8.85 32.10
N ALA A 91 -10.11 9.85 32.47
CA ALA A 91 -10.61 10.94 33.30
C ALA A 91 -9.88 12.23 32.94
N ALA A 92 -10.62 13.34 33.00
CA ALA A 92 -10.11 14.67 32.67
C ALA A 92 -10.23 15.59 33.87
N MET A 93 -9.12 16.20 34.26
CA MET A 93 -9.17 17.21 35.32
C MET A 93 -10.04 18.38 34.88
N ASP A 94 -10.76 18.96 35.83
CA ASP A 94 -11.67 20.07 35.54
C ASP A 94 -10.95 21.39 35.28
N SER A 95 -9.63 21.44 35.42
CA SER A 95 -8.88 22.68 35.20
C SER A 95 -8.12 22.65 33.88
N SER A 96 -7.06 21.85 33.79
CA SER A 96 -6.31 21.72 32.55
C SER A 96 -7.10 21.01 31.46
N TYR A 97 -8.10 20.20 31.84
CA TYR A 97 -8.89 19.39 30.93
C TYR A 97 -8.04 18.35 30.20
N LYS A 98 -6.87 18.05 30.76
CA LYS A 98 -6.05 16.96 30.26
C LYS A 98 -6.75 15.64 30.55
N LEU A 99 -6.91 14.81 29.51
CA LEU A 99 -7.59 13.54 29.64
C LEU A 99 -6.53 12.44 29.69
N ILE A 100 -6.53 11.68 30.78
CA ILE A 100 -5.56 10.61 30.99
C ILE A 100 -6.30 9.28 31.02
N PHE A 101 -5.71 8.26 30.40
CA PHE A 101 -6.23 6.91 30.43
C PHE A 101 -5.53 6.10 31.52
N GLY A 102 -6.18 5.03 31.95
CA GLY A 102 -5.59 4.06 32.85
C GLY A 102 -5.07 2.84 32.09
N SER A 103 -4.43 1.95 32.85
CA SER A 103 -3.94 0.70 32.27
C SER A 103 -5.11 -0.13 31.75
N GLY A 104 -5.01 -0.56 30.50
CA GLY A 104 -6.12 -1.28 29.89
C GLY A 104 -6.38 -2.62 30.56
N THR A 105 -7.67 -2.98 30.62
CA THR A 105 -8.09 -4.27 31.20
C THR A 105 -8.53 -5.21 30.07
N ARG A 106 -7.68 -6.15 29.68
CA ARG A 106 -8.01 -7.08 28.61
C ARG A 106 -9.13 -7.99 29.06
N LEU A 107 -10.09 -8.22 28.16
CA LEU A 107 -11.23 -9.06 28.45
C LEU A 107 -11.36 -10.07 27.32
N LEU A 108 -11.36 -11.35 27.68
CA LEU A 108 -11.46 -12.45 26.74
C LEU A 108 -12.67 -13.30 27.11
N VAL A 109 -13.50 -13.59 26.14
CA VAL A 109 -14.65 -14.46 26.34
C VAL A 109 -14.28 -15.87 25.92
N ARG A 110 -14.88 -16.84 26.60
CA ARG A 110 -14.73 -18.25 26.23
C ARG A 110 -16.12 -18.76 25.88
N PRO A 111 -16.38 -19.11 24.62
CA PRO A 111 -17.73 -19.54 24.24
C PRO A 111 -17.96 -21.01 24.54
N ASP A 112 -19.18 -21.32 24.95
CA ASP A 112 -19.55 -22.71 25.19
C ASP A 112 -19.66 -23.47 23.87
N ILE A 113 -19.13 -24.69 23.85
CA ILE A 113 -19.15 -25.54 22.66
C ILE A 113 -20.09 -26.71 22.93
N GLN A 114 -21.06 -26.91 22.03
CA GLN A 114 -22.02 -27.99 22.16
C GLN A 114 -21.45 -29.26 21.53
N ASN A 115 -21.37 -30.32 22.34
CA ASN A 115 -20.80 -31.62 22.00
C ASN A 115 -19.51 -31.45 21.20
N PRO A 116 -18.42 -30.98 21.83
CA PRO A 116 -17.16 -30.86 21.11
C PRO A 116 -16.46 -32.20 21.02
N ASP A 117 -15.80 -32.43 19.88
CA ASP A 117 -15.04 -33.65 19.63
C ASP A 117 -13.59 -33.22 19.39
N PRO A 118 -12.83 -33.01 20.47
CA PRO A 118 -11.46 -32.50 20.32
C PRO A 118 -10.61 -33.46 19.50
N ALA A 119 -9.74 -32.91 18.66
CA ALA A 119 -8.91 -33.78 17.84
C ALA A 119 -7.69 -33.02 17.35
N VAL A 120 -6.73 -33.79 16.83
CA VAL A 120 -5.49 -33.26 16.28
C VAL A 120 -5.32 -33.86 14.89
N TYR A 121 -4.92 -33.03 13.93
CA TYR A 121 -4.73 -33.46 12.56
C TYR A 121 -3.41 -32.93 12.04
N GLN A 122 -2.93 -33.55 10.95
CA GLN A 122 -1.72 -33.13 10.27
C GLN A 122 -2.09 -32.60 8.90
N LEU A 123 -1.45 -31.50 8.49
CA LEU A 123 -1.80 -30.89 7.18
C LEU A 123 -0.62 -30.93 6.21
N ARG A 124 -0.75 -31.68 5.11
CA ARG A 124 0.31 -31.69 4.08
C ARG A 124 0.26 -30.36 3.32
N ASP A 125 1.42 -29.77 3.07
CA ASP A 125 1.57 -28.46 2.39
C ASP A 125 1.52 -28.62 0.87
N SER A 126 1.58 -27.50 0.16
CA SER A 126 1.71 -27.50 -1.33
C SER A 126 3.13 -27.97 -1.61
N LYS A 127 3.38 -28.58 -2.77
CA LYS A 127 4.70 -29.22 -3.04
C LYS A 127 5.88 -28.25 -2.86
N SER A 128 5.76 -26.99 -3.26
CA SER A 128 6.90 -26.05 -3.08
C SER A 128 7.03 -25.52 -1.64
N SER A 129 6.04 -25.76 -0.78
CA SER A 129 6.12 -25.24 0.61
C SER A 129 7.29 -25.85 1.41
N ASP A 130 7.55 -27.16 1.22
CA ASP A 130 8.65 -27.87 1.92
C ASP A 130 8.51 -27.81 3.45
N LYS A 131 7.30 -28.01 4.00
CA LYS A 131 7.12 -27.98 5.48
C LYS A 131 5.95 -28.88 5.90
N SER A 132 5.82 -29.15 7.20
CA SER A 132 4.70 -29.97 7.74
C SER A 132 4.20 -29.34 9.03
N VAL A 133 2.94 -29.59 9.43
CA VAL A 133 2.37 -28.99 10.68
C VAL A 133 1.21 -29.82 11.23
N CYS A 134 0.80 -29.53 12.46
CA CYS A 134 -0.33 -30.18 13.12
C CYS A 134 -1.21 -29.12 13.77
N LEU A 135 -2.52 -29.38 13.78
CA LEU A 135 -3.49 -28.47 14.38
C LEU A 135 -4.45 -29.23 15.28
N PHE A 136 -4.72 -28.66 16.45
CA PHE A 136 -5.58 -29.23 17.47
C PHE A 136 -6.82 -28.35 17.60
N THR A 137 -8.00 -28.94 17.41
CA THR A 137 -9.21 -28.14 17.25
C THR A 137 -10.43 -28.86 17.81
N ASP A 138 -11.51 -28.09 17.88
CA ASP A 138 -12.85 -28.51 18.34
C ASP A 138 -12.81 -29.05 19.77
N PHE A 139 -12.10 -28.34 20.64
CA PHE A 139 -11.98 -28.69 22.04
C PHE A 139 -12.73 -27.68 22.90
N ASP A 140 -12.95 -28.05 24.16
CA ASP A 140 -13.69 -27.19 25.06
C ASP A 140 -12.94 -25.88 25.29
N SER A 141 -13.71 -24.80 25.51
CA SER A 141 -13.10 -23.49 25.70
C SER A 141 -12.22 -23.44 26.94
N GLN A 142 -12.58 -24.21 27.97
CA GLN A 142 -11.83 -24.20 29.23
C GLN A 142 -10.38 -24.61 29.04
N THR A 143 -10.11 -25.53 28.11
CA THR A 143 -8.77 -26.05 27.90
C THR A 143 -7.80 -24.93 27.53
N ASN A 144 -6.60 -24.99 28.10
CA ASN A 144 -5.52 -24.05 27.81
C ASN A 144 -4.45 -24.73 26.98
N VAL A 145 -3.66 -23.90 26.29
CA VAL A 145 -2.61 -24.34 25.38
C VAL A 145 -1.26 -23.97 25.97
N SER A 146 -0.31 -24.90 25.91
CA SER A 146 0.99 -24.76 26.54
C SER A 146 2.09 -24.48 25.52
N GLN A 147 3.15 -23.83 25.99
CA GLN A 147 4.31 -23.49 25.17
C GLN A 147 5.15 -24.72 24.88
N SER A 148 5.83 -24.69 23.74
CA SER A 148 6.66 -25.81 23.33
C SER A 148 7.94 -25.87 24.15
N LYS A 149 8.21 -27.03 24.75
CA LYS A 149 9.46 -27.21 25.50
C LYS A 149 10.66 -27.17 24.56
N ASP A 150 10.52 -27.75 23.37
CA ASP A 150 11.61 -27.83 22.41
C ASP A 150 11.94 -26.46 21.81
N SER A 151 13.21 -26.26 21.52
CA SER A 151 13.67 -24.97 21.02
C SER A 151 13.18 -24.72 19.59
N ASP A 152 13.15 -25.77 18.76
CA ASP A 152 12.86 -25.64 17.34
C ASP A 152 11.38 -25.83 17.00
N VAL A 153 10.51 -26.02 17.99
CA VAL A 153 9.08 -26.20 17.77
C VAL A 153 8.37 -24.92 18.16
N TYR A 154 7.54 -24.39 17.26
CA TYR A 154 6.79 -23.17 17.51
C TYR A 154 5.30 -23.48 17.45
N ILE A 155 4.57 -23.08 18.51
CA ILE A 155 3.14 -23.32 18.61
C ILE A 155 2.46 -22.02 19.01
N THR A 156 1.35 -21.71 18.34
CA THR A 156 0.61 -20.49 18.58
C THR A 156 -0.43 -20.71 19.69
N ASP A 157 -1.05 -19.62 20.11
CA ASP A 157 -2.06 -19.68 21.15
C ASP A 157 -3.43 -20.02 20.56
N LYS A 158 -4.39 -20.26 21.44
CA LYS A 158 -5.73 -20.62 20.99
C LYS A 158 -6.42 -19.42 20.33
N CYS A 159 -7.43 -19.73 19.51
CA CYS A 159 -8.18 -18.72 18.79
C CYS A 159 -9.60 -19.20 18.54
N VAL A 160 -10.55 -18.27 18.57
CA VAL A 160 -11.95 -18.59 18.31
C VAL A 160 -12.38 -18.06 16.94
N LEU A 161 -13.10 -18.89 16.19
CA LEU A 161 -13.75 -18.51 14.95
C LEU A 161 -15.23 -18.84 15.06
N ASP A 162 -16.06 -18.07 14.35
CA ASP A 162 -17.50 -18.24 14.33
C ASP A 162 -17.98 -18.29 12.89
N MET A 163 -18.89 -19.23 12.60
CA MET A 163 -19.47 -19.37 11.27
C MET A 163 -20.96 -19.11 11.42
N ARG A 164 -21.42 -18.03 10.79
CA ARG A 164 -22.84 -17.70 10.73
C ARG A 164 -23.61 -18.55 9.73
N SER A 165 -22.90 -19.17 8.77
CA SER A 165 -23.57 -19.99 7.77
C SER A 165 -24.02 -21.31 8.37
N MET A 166 -23.10 -22.03 9.03
CA MET A 166 -23.42 -23.29 9.67
C MET A 166 -23.83 -23.12 11.12
N ASP A 167 -24.00 -21.88 11.58
CA ASP A 167 -24.43 -21.59 12.96
C ASP A 167 -23.55 -22.33 13.97
N PHE A 168 -22.24 -22.29 13.75
CA PHE A 168 -21.33 -23.07 14.59
C PHE A 168 -20.07 -22.29 14.92
N LYS A 169 -19.56 -22.46 16.14
CA LYS A 169 -18.34 -21.79 16.57
C LYS A 169 -17.31 -22.83 16.99
N SER A 170 -16.03 -22.53 16.73
CA SER A 170 -14.98 -23.48 17.07
C SER A 170 -13.68 -22.76 17.41
N ASN A 171 -12.86 -23.40 18.23
CA ASN A 171 -11.53 -22.93 18.57
C ASN A 171 -10.47 -23.68 17.78
N SER A 172 -9.24 -23.15 17.82
CA SER A 172 -8.14 -23.72 17.06
C SER A 172 -6.80 -23.40 17.72
N ALA A 173 -5.85 -24.33 17.56
CA ALA A 173 -4.45 -24.11 17.92
C ALA A 173 -3.57 -24.81 16.91
N VAL A 174 -2.47 -24.18 16.51
CA VAL A 174 -1.60 -24.67 15.46
C VAL A 174 -0.18 -24.81 15.99
N ALA A 175 0.53 -25.86 15.55
CA ALA A 175 1.92 -26.11 15.92
C ALA A 175 2.69 -26.53 14.68
N TRP A 176 3.92 -26.04 14.55
CA TRP A 176 4.78 -26.42 13.44
C TRP A 176 6.24 -26.37 13.86
N SER A 177 7.07 -27.09 13.11
CA SER A 177 8.50 -27.13 13.36
C SER A 177 9.24 -27.44 12.06
N ASN A 178 10.42 -26.84 11.90
CA ASN A 178 11.27 -27.14 10.76
C ASN A 178 12.11 -28.39 10.98
N LYS A 179 12.21 -28.86 12.23
CA LYS A 179 13.00 -30.02 12.60
C LYS A 179 12.65 -31.23 11.75
N SER A 180 13.53 -32.24 11.74
CA SER A 180 13.28 -33.45 10.96
C SER A 180 12.30 -34.39 11.66
N ASP A 181 12.62 -34.83 12.88
CA ASP A 181 11.75 -35.72 13.64
C ASP A 181 10.58 -34.93 14.23
N PHE A 182 9.69 -34.49 13.33
CA PHE A 182 8.47 -33.81 13.71
C PHE A 182 7.32 -34.80 13.75
N ALA A 183 6.79 -35.06 14.94
CA ALA A 183 5.64 -35.94 15.13
C ALA A 183 4.50 -35.15 15.76
N CYS A 184 3.28 -35.37 15.27
CA CYS A 184 2.13 -34.67 15.86
C CYS A 184 1.91 -35.11 17.30
N ALA A 185 1.88 -36.41 17.53
CA ALA A 185 1.66 -36.92 18.89
C ALA A 185 2.77 -36.33 19.75
N ASN A 186 4.00 -36.53 19.27
CA ASN A 186 5.23 -36.02 19.92
C ASN A 186 5.19 -34.49 19.91
N ALA A 187 4.69 -33.90 18.83
CA ALA A 187 4.70 -32.42 18.71
C ALA A 187 3.94 -31.79 19.90
N PHE A 188 2.77 -32.31 20.27
CA PHE A 188 2.07 -31.73 21.44
C PHE A 188 2.53 -32.48 22.69
N ASN A 189 3.76 -32.21 23.15
CA ASN A 189 4.30 -32.94 24.31
C ASN A 189 3.44 -32.71 25.55
N ASN A 190 3.11 -31.46 25.87
CA ASN A 190 2.26 -31.18 27.07
C ASN A 190 0.80 -31.11 26.63
N SER A 191 0.20 -32.24 26.23
CA SER A 191 -1.20 -32.16 25.73
C SER A 191 -2.09 -31.67 26.87
N ILE A 192 -1.99 -32.30 28.04
CA ILE A 192 -2.77 -31.90 29.25
C ILE A 192 -4.23 -31.68 28.89
N ILE A 193 -4.86 -32.64 28.21
CA ILE A 193 -6.27 -32.52 27.77
C ILE A 193 -6.95 -33.88 27.98
N PRO A 194 -8.30 -33.96 27.97
CA PRO A 194 -8.98 -35.23 28.20
C PRO A 194 -8.53 -36.15 27.07
N GLU A 195 -8.24 -37.41 27.37
CA GLU A 195 -7.68 -38.28 26.29
C GLU A 195 -8.78 -38.84 25.39
N ASP A 196 -9.31 -37.97 24.53
CA ASP A 196 -10.31 -38.24 23.46
C ASP A 196 -9.74 -37.49 22.25
N THR A 197 -8.60 -37.97 21.74
CA THR A 197 -7.89 -37.27 20.63
C THR A 197 -7.58 -38.23 19.49
N PHE A 198 -7.82 -37.79 18.26
CA PHE A 198 -7.56 -38.62 17.05
C PHE A 198 -6.17 -38.29 16.53
N PHE A 199 -5.36 -39.29 16.17
CA PHE A 199 -4.01 -39.01 15.67
C PHE A 199 -3.80 -39.67 14.32
N PRO A 200 -4.25 -39.02 13.23
CA PRO A 200 -4.03 -39.58 11.89
C PRO A 200 -2.55 -39.59 11.49
N SER A 201 -2.28 -39.90 10.23
CA SER A 201 -0.91 -39.92 9.72
C SER A 201 -0.33 -38.52 9.64
N GLY B 3 -13.63 14.24 9.99
CA GLY B 3 -12.98 13.17 10.72
C GLY B 3 -11.54 13.47 11.10
N ILE B 4 -10.82 12.42 11.52
CA ILE B 4 -9.43 12.54 11.94
C ILE B 4 -8.59 11.56 11.14
N THR B 5 -7.35 11.95 10.85
CA THR B 5 -6.43 11.13 10.09
C THR B 5 -5.02 11.27 10.66
N GLN B 6 -4.36 10.13 10.85
CA GLN B 6 -2.95 10.05 11.16
C GLN B 6 -2.20 9.71 9.88
N SER B 7 -1.14 10.46 9.58
CA SER B 7 -0.50 10.34 8.26
C SER B 7 0.13 8.98 8.05
N PRO B 8 1.12 8.53 8.86
CA PRO B 8 1.74 7.22 8.59
C PRO B 8 1.10 6.08 9.36
N ARG B 9 0.44 5.15 8.66
CA ARG B 9 -0.12 4.00 9.34
C ARG B 9 0.98 3.09 9.87
N TYR B 10 2.07 2.94 9.12
CA TYR B 10 3.24 2.18 9.55
C TYR B 10 4.50 2.93 9.11
N LYS B 11 5.54 2.84 9.94
CA LYS B 11 6.80 3.52 9.65
C LYS B 11 7.94 2.77 10.32
N ILE B 12 9.07 2.69 9.62
CA ILE B 12 10.27 2.01 10.10
C ILE B 12 11.45 2.95 9.87
N THR B 13 12.28 3.13 10.90
CA THR B 13 13.39 4.07 10.82
C THR B 13 14.55 3.57 11.65
N GLU B 14 15.75 4.04 11.31
CA GLU B 14 16.96 3.74 12.06
C GLU B 14 17.04 4.60 13.32
N THR B 15 17.90 4.18 14.25
CA THR B 15 18.14 4.94 15.45
C THR B 15 18.94 6.20 15.12
N GLY B 16 18.58 7.31 15.78
CA GLY B 16 19.27 8.57 15.59
C GLY B 16 18.72 9.45 14.49
N ARG B 17 17.68 9.02 13.78
CA ARG B 17 17.07 9.80 12.71
C ARG B 17 15.71 10.30 13.16
N GLN B 18 15.52 11.62 13.13
CA GLN B 18 14.27 12.23 13.56
C GLN B 18 13.15 11.79 12.63
N VAL B 19 11.95 11.63 13.20
CA VAL B 19 10.77 11.27 12.42
C VAL B 19 9.59 12.12 12.89
N THR B 20 8.72 12.48 11.94
CA THR B 20 7.54 13.29 12.23
C THR B 20 6.28 12.54 11.86
N LEU B 21 5.26 12.67 12.69
CA LEU B 21 3.95 12.07 12.49
C LEU B 21 2.95 13.22 12.39
N MET B 22 2.24 13.28 11.26
CA MET B 22 1.26 14.33 11.03
C MET B 22 -0.12 13.86 11.48
N CYS B 23 -0.87 14.78 12.09
CA CYS B 23 -2.22 14.51 12.54
C CYS B 23 -3.15 15.63 12.06
N HIS B 24 -4.28 15.26 11.50
CA HIS B 24 -5.24 16.24 10.97
C HIS B 24 -6.64 15.88 11.44
N GLN B 25 -7.45 16.89 11.67
CA GLN B 25 -8.81 16.70 12.14
C GLN B 25 -9.73 17.72 11.49
N THR B 26 -10.96 17.31 11.19
CA THR B 26 -11.93 18.16 10.54
C THR B 26 -13.01 18.67 11.48
N TRP B 27 -13.15 18.09 12.68
CA TRP B 27 -14.18 18.52 13.62
C TRP B 27 -13.91 19.90 14.20
N SER B 28 -12.71 20.45 14.00
CA SER B 28 -12.32 21.73 14.59
C SER B 28 -12.44 21.69 16.11
N HIS B 29 -12.01 20.59 16.70
CA HIS B 29 -12.00 20.46 18.16
C HIS B 29 -10.87 21.28 18.76
N SER B 30 -11.14 21.83 19.95
CA SER B 30 -10.17 22.70 20.61
C SER B 30 -8.98 21.90 21.15
N TYR B 31 -9.23 20.70 21.67
CA TYR B 31 -8.23 19.90 22.36
C TYR B 31 -7.68 18.81 21.45
N MET B 32 -6.37 18.60 21.51
CA MET B 32 -5.72 17.50 20.80
C MET B 32 -4.63 16.94 21.69
N PHE B 33 -4.40 15.63 21.58
CA PHE B 33 -3.47 14.92 22.44
C PHE B 33 -2.73 13.87 21.64
N TRP B 34 -1.55 13.49 22.15
CA TRP B 34 -0.80 12.37 21.60
C TRP B 34 -0.67 11.30 22.66
N TYR B 35 -0.68 10.04 22.23
CA TYR B 35 -0.67 8.90 23.13
C TYR B 35 0.23 7.81 22.59
N ARG B 36 0.82 7.05 23.50
CA ARG B 36 1.64 5.88 23.18
C ARG B 36 1.07 4.65 23.87
N GLN B 37 0.92 3.56 23.11
CA GLN B 37 0.49 2.29 23.66
C GLN B 37 1.44 1.21 23.18
N ASP B 38 1.97 0.44 24.11
CA ASP B 38 2.89 -0.68 23.76
C ASP B 38 2.61 -1.88 24.67
N LEU B 39 1.54 -1.78 25.48
CA LEU B 39 0.97 -2.78 26.42
C LEU B 39 1.73 -2.87 27.74
N GLY B 40 2.83 -2.13 27.90
CA GLY B 40 3.54 -2.21 29.18
C GLY B 40 2.73 -1.66 30.33
N HIS B 41 2.27 -0.40 30.21
CA HIS B 41 1.46 0.22 31.29
C HIS B 41 0.03 0.47 30.78
N GLY B 42 -0.21 0.16 29.50
CA GLY B 42 -1.53 0.43 28.90
C GLY B 42 -1.38 1.52 27.87
N LEU B 43 -2.10 2.63 27.98
CA LEU B 43 -1.94 3.70 26.98
C LEU B 43 -1.61 5.01 27.70
N ARG B 44 -0.37 5.50 27.60
CA ARG B 44 -0.01 6.72 28.35
C ARG B 44 0.01 7.94 27.45
N LEU B 45 -0.03 9.11 28.08
CA LEU B 45 -0.05 10.40 27.39
C LEU B 45 1.37 10.91 27.17
N ILE B 46 1.55 11.71 26.12
CA ILE B 46 2.85 12.28 25.77
C ILE B 46 2.77 13.79 25.89
N TYR B 47 2.05 14.43 24.98
CA TYR B 47 1.80 15.87 25.04
C TYR B 47 0.33 16.12 24.73
N TYR B 48 -0.15 17.26 25.21
CA TYR B 48 -1.55 17.61 24.90
C TYR B 48 -1.59 19.11 24.69
N SER B 49 -2.34 19.51 23.67
CA SER B 49 -2.41 20.95 23.35
C SER B 49 -3.86 21.39 23.40
N ALA B 50 -4.09 22.55 24.01
CA ALA B 50 -5.45 23.12 24.08
C ALA B 50 -5.46 24.29 23.11
N ALA B 51 -6.48 24.36 22.25
CA ALA B 51 -6.59 25.43 21.24
C ALA B 51 -5.33 25.48 20.37
N ALA B 52 -4.77 26.66 20.16
CA ALA B 52 -3.63 26.74 19.23
C ALA B 52 -2.47 27.51 19.86
N ASP B 53 -1.25 27.15 19.47
CA ASP B 53 0.02 27.77 19.96
C ASP B 53 0.19 27.58 21.46
N ILE B 54 -0.34 26.49 22.02
CA ILE B 54 -0.26 26.19 23.47
C ILE B 54 0.05 24.71 23.54
N THR B 55 1.12 24.31 24.21
CA THR B 55 1.44 22.86 24.25
C THR B 55 1.90 22.52 25.66
N ASP B 56 1.22 21.61 26.34
CA ASP B 56 1.71 21.26 27.66
C ASP B 56 2.07 19.78 27.69
N LYS B 57 2.91 19.42 28.64
CA LYS B 57 3.53 18.11 28.72
C LYS B 57 2.57 17.09 29.33
N GLY B 58 2.98 15.82 29.31
CA GLY B 58 2.24 14.71 29.83
C GLY B 58 3.10 13.86 30.74
N GLU B 59 2.74 12.58 30.84
CA GLU B 59 3.47 11.69 31.74
C GLU B 59 4.78 11.20 31.14
N VAL B 60 4.86 11.05 29.81
CA VAL B 60 6.08 10.57 29.18
C VAL B 60 6.52 11.60 28.14
N PRO B 61 6.95 12.81 28.57
CA PRO B 61 7.24 13.86 27.58
C PRO B 61 8.68 13.87 27.09
N ASP B 62 9.58 13.19 27.79
CA ASP B 62 11.00 13.22 27.44
C ASP B 62 11.24 12.57 26.08
N GLY B 63 12.08 13.22 25.27
CA GLY B 63 12.40 12.70 23.95
C GLY B 63 11.38 13.00 22.89
N TYR B 64 10.43 13.90 23.15
CA TYR B 64 9.36 14.22 22.22
C TYR B 64 9.24 15.74 22.10
N VAL B 65 8.95 16.19 20.88
CA VAL B 65 8.83 17.62 20.59
C VAL B 65 7.58 17.82 19.74
N VAL B 66 6.82 18.87 20.07
CA VAL B 66 5.55 19.15 19.39
C VAL B 66 5.42 20.64 19.15
N SER B 67 4.49 20.99 18.26
CA SER B 67 4.16 22.37 17.97
C SER B 67 2.71 22.44 17.50
N ARG B 68 2.11 23.64 17.63
CA ARG B 68 0.70 23.85 17.27
C ARG B 68 0.62 25.19 16.53
N SER B 69 0.92 25.16 15.23
CA SER B 69 0.81 26.35 14.41
C SER B 69 -0.64 26.60 13.99
N LYS B 70 -1.28 25.59 13.41
CA LYS B 70 -2.68 25.65 13.02
C LYS B 70 -3.56 25.06 14.12
N THR B 71 -4.83 25.42 14.09
CA THR B 71 -5.78 24.90 15.07
C THR B 71 -6.18 23.45 14.80
N GLU B 72 -6.01 22.97 13.57
CA GLU B 72 -6.43 21.63 13.19
C GLU B 72 -5.27 20.68 12.94
N ASN B 73 -4.04 21.12 13.14
CA ASN B 73 -2.87 20.26 12.92
C ASN B 73 -1.99 20.27 14.16
N PHE B 74 -1.57 19.08 14.58
CA PHE B 74 -0.78 18.90 15.80
C PHE B 74 0.31 17.88 15.48
N PRO B 75 1.38 18.30 14.83
CA PRO B 75 2.43 17.35 14.45
C PRO B 75 3.25 16.91 15.66
N LEU B 76 3.72 15.67 15.60
CA LEU B 76 4.60 15.13 16.64
C LEU B 76 5.95 14.79 16.02
N THR B 77 7.02 15.26 16.65
CA THR B 77 8.36 15.01 16.13
C THR B 77 9.20 14.31 17.19
N LEU B 78 10.01 13.36 16.74
CA LEU B 78 11.01 12.70 17.57
C LEU B 78 12.37 13.04 16.99
N GLU B 79 13.16 13.79 17.78
CA GLU B 79 14.43 14.29 17.29
C GLU B 79 15.44 13.17 17.09
N SER B 80 15.53 12.26 18.07
CA SER B 80 16.45 11.13 17.99
C SER B 80 15.65 9.86 18.27
N ALA B 81 15.44 9.06 17.24
CA ALA B 81 14.73 7.79 17.39
C ALA B 81 15.57 6.80 18.20
N THR B 82 14.91 6.11 19.13
CA THR B 82 15.58 5.15 20.00
C THR B 82 14.81 3.83 20.00
N ARG B 83 15.41 2.83 20.64
CA ARG B 83 14.77 1.52 20.74
C ARG B 83 13.50 1.59 21.61
N SER B 84 13.53 2.40 22.66
CA SER B 84 12.38 2.47 23.56
C SER B 84 11.16 3.09 22.89
N GLN B 85 11.36 3.98 21.91
CA GLN B 85 10.26 4.72 21.32
C GLN B 85 9.37 3.87 20.43
N THR B 86 9.80 2.67 20.06
CA THR B 86 8.94 1.76 19.30
C THR B 86 7.65 1.46 20.07
N SER B 87 6.52 1.79 19.47
CA SER B 87 5.22 1.64 20.12
C SER B 87 4.14 1.89 19.07
N VAL B 88 2.90 2.02 19.53
CA VAL B 88 1.77 2.37 18.67
C VAL B 88 1.27 3.74 19.13
N TYR B 89 1.44 4.74 18.27
CA TYR B 89 1.06 6.10 18.61
C TYR B 89 -0.36 6.40 18.12
N PHE B 90 -1.09 7.14 18.94
CA PHE B 90 -2.45 7.57 18.61
C PHE B 90 -2.56 9.07 18.78
N CYS B 91 -3.29 9.73 17.89
CA CYS B 91 -3.55 11.16 17.98
C CYS B 91 -5.04 11.36 18.19
N ALA B 92 -5.41 11.95 19.33
CA ALA B 92 -6.81 12.14 19.67
C ALA B 92 -7.16 13.62 19.67
N SER B 93 -8.46 13.89 19.54
CA SER B 93 -8.96 15.26 19.52
C SER B 93 -10.38 15.27 20.08
N SER B 94 -10.70 16.34 20.81
CA SER B 94 -12.01 16.45 21.44
C SER B 94 -12.20 17.86 21.95
N ASP B 95 -13.43 18.15 22.37
CA ASP B 95 -13.73 19.31 23.19
C ASP B 95 -13.26 19.02 24.61
N PRO B 96 -13.20 20.05 25.48
CA PRO B 96 -12.61 19.84 26.82
C PRO B 96 -13.18 18.66 27.60
N GLY B 97 -14.49 18.50 27.64
CA GLY B 97 -15.07 17.43 28.45
C GLY B 97 -15.84 16.38 27.66
N THR B 98 -16.00 16.59 26.36
CA THR B 98 -16.72 15.63 25.53
C THR B 98 -15.85 14.39 25.27
N GLU B 99 -16.44 13.42 24.59
CA GLU B 99 -15.74 12.21 24.18
C GLU B 99 -14.53 12.55 23.30
N ALA B 100 -13.43 11.85 23.52
CA ALA B 100 -12.23 12.02 22.71
C ALA B 100 -12.28 11.17 21.45
N PHE B 101 -11.82 11.74 20.33
CA PHE B 101 -11.76 11.05 19.06
C PHE B 101 -10.32 10.97 18.59
N PHE B 102 -9.85 9.78 18.28
CA PHE B 102 -8.54 9.55 17.69
C PHE B 102 -8.65 8.75 16.40
N GLY B 103 -7.61 8.86 15.58
CA GLY B 103 -7.55 8.21 14.30
C GLY B 103 -7.09 6.76 14.38
N GLN B 104 -6.87 6.17 13.20
CA GLN B 104 -6.53 4.76 13.09
C GLN B 104 -5.31 4.37 13.91
N GLY B 105 -4.32 5.26 14.02
CA GLY B 105 -3.13 4.93 14.78
C GLY B 105 -1.92 4.73 13.89
N THR B 106 -0.75 4.91 14.51
CA THR B 106 0.53 4.81 13.82
C THR B 106 1.38 3.72 14.47
N ARG B 107 1.70 2.68 13.72
CA ARG B 107 2.57 1.61 14.19
C ARG B 107 4.00 1.98 13.81
N LEU B 108 4.85 2.18 14.82
CA LEU B 108 6.23 2.62 14.60
C LEU B 108 7.23 1.65 15.21
N THR B 109 8.28 1.34 14.44
CA THR B 109 9.34 0.44 14.89
C THR B 109 10.68 1.02 14.51
N VAL B 110 11.58 1.16 15.48
CA VAL B 110 12.93 1.64 15.28
C VAL B 110 13.90 0.48 15.39
N VAL B 111 14.77 0.32 14.40
CA VAL B 111 15.69 -0.81 14.33
C VAL B 111 17.13 -0.31 14.27
N GLU B 112 18.05 -1.19 14.69
CA GLU B 112 19.48 -0.87 14.65
C GLU B 112 20.00 -0.74 13.23
N ASP B 113 19.67 -1.71 12.37
CA ASP B 113 20.23 -1.75 11.02
C ASP B 113 19.12 -1.92 10.00
N LEU B 114 19.30 -1.28 8.85
CA LEU B 114 18.30 -1.34 7.81
C LEU B 114 18.23 -2.71 7.16
N ARG B 115 19.35 -3.44 7.10
CA ARG B 115 19.39 -4.74 6.46
C ARG B 115 18.53 -5.77 7.20
N ASN B 116 18.29 -5.56 8.49
CA ASN B 116 17.54 -6.52 9.29
C ASN B 116 16.08 -6.63 8.87
N VAL B 117 15.58 -5.66 8.10
CA VAL B 117 14.19 -5.69 7.67
C VAL B 117 14.02 -6.77 6.61
N PHE B 118 13.02 -7.63 6.80
CA PHE B 118 12.76 -8.69 5.84
C PHE B 118 11.27 -8.96 5.69
N PRO B 119 10.81 -9.16 4.46
CA PRO B 119 9.40 -9.43 4.24
C PRO B 119 9.07 -10.87 4.61
N PRO B 120 7.80 -11.23 4.73
CA PRO B 120 7.46 -12.61 5.08
C PRO B 120 7.49 -13.53 3.86
N GLU B 121 7.62 -14.82 4.16
CA GLU B 121 7.42 -15.89 3.20
C GLU B 121 6.15 -16.61 3.63
N VAL B 122 5.18 -16.69 2.74
CA VAL B 122 3.85 -17.18 3.07
C VAL B 122 3.58 -18.48 2.32
N ALA B 123 2.79 -19.35 2.96
CA ALA B 123 2.42 -20.62 2.37
C ALA B 123 1.10 -21.06 2.99
N VAL B 124 0.22 -21.61 2.17
CA VAL B 124 -1.07 -22.11 2.61
C VAL B 124 -1.03 -23.64 2.57
N PHE B 125 -1.51 -24.26 3.65
CA PHE B 125 -1.49 -25.70 3.83
C PHE B 125 -2.92 -26.20 3.79
N GLU B 126 -3.14 -27.23 2.97
CA GLU B 126 -4.39 -27.89 2.66
C GLU B 126 -4.81 -28.85 3.76
N PRO B 127 -6.11 -29.08 3.95
CA PRO B 127 -6.57 -29.88 5.07
C PRO B 127 -6.35 -31.38 4.87
N SER B 128 -6.47 -32.11 5.97
CA SER B 128 -6.29 -33.56 5.98
C SER B 128 -7.59 -34.25 5.55
N GLU B 129 -7.44 -35.33 4.78
CA GLU B 129 -8.61 -36.09 4.35
C GLU B 129 -9.31 -36.75 5.53
N ALA B 130 -8.55 -37.20 6.53
CA ALA B 130 -9.15 -37.73 7.76
C ALA B 130 -9.93 -36.65 8.49
N GLU B 131 -9.45 -35.41 8.44
CA GLU B 131 -10.14 -34.31 9.10
C GLU B 131 -11.55 -34.12 8.54
N ILE B 132 -11.68 -34.04 7.21
CA ILE B 132 -13.00 -33.92 6.62
C ILE B 132 -13.78 -35.21 6.78
N SER B 133 -13.08 -36.35 6.88
CA SER B 133 -13.77 -37.62 7.09
C SER B 133 -14.54 -37.61 8.41
N HIS B 134 -13.88 -37.17 9.49
CA HIS B 134 -14.53 -37.20 10.80
C HIS B 134 -15.38 -35.96 11.05
N THR B 135 -14.79 -34.77 10.89
CA THR B 135 -15.50 -33.53 11.23
C THR B 135 -16.60 -33.20 10.22
N GLN B 136 -16.43 -33.61 8.96
CA GLN B 136 -17.26 -33.19 7.83
C GLN B 136 -17.08 -31.70 7.53
N LYS B 137 -15.94 -31.13 7.89
CA LYS B 137 -15.62 -29.74 7.62
C LYS B 137 -14.11 -29.59 7.55
N ALA B 138 -13.64 -28.73 6.65
CA ALA B 138 -12.23 -28.58 6.35
C ALA B 138 -11.67 -27.29 6.96
N THR B 139 -10.40 -27.34 7.36
CA THR B 139 -9.71 -26.20 7.96
C THR B 139 -8.38 -26.00 7.22
N LEU B 140 -8.33 -25.00 6.36
CA LEU B 140 -7.09 -24.60 5.71
C LEU B 140 -6.30 -23.69 6.63
N VAL B 141 -4.97 -23.71 6.50
CA VAL B 141 -4.10 -22.95 7.39
C VAL B 141 -3.14 -22.11 6.57
N CYS B 142 -2.97 -20.85 6.95
CA CYS B 142 -2.02 -19.97 6.31
C CYS B 142 -0.89 -19.64 7.29
N LEU B 143 0.33 -19.56 6.76
CA LEU B 143 1.52 -19.37 7.58
C LEU B 143 2.44 -18.37 6.90
N ALA B 144 2.82 -17.34 7.64
CA ALA B 144 3.82 -16.38 7.19
C ALA B 144 4.99 -16.44 8.15
N THR B 145 6.20 -16.39 7.62
CA THR B 145 7.39 -16.57 8.44
C THR B 145 8.45 -15.56 8.04
N GLY B 146 9.34 -15.25 8.97
CA GLY B 146 10.52 -14.49 8.62
C GLY B 146 10.23 -13.05 8.27
N PHE B 147 9.23 -12.43 8.89
CA PHE B 147 8.93 -11.03 8.65
C PHE B 147 9.35 -10.23 9.87
N TYR B 148 10.11 -9.15 9.63
CA TYR B 148 10.58 -8.25 10.66
C TYR B 148 10.45 -6.84 10.11
N PRO B 149 9.75 -5.93 10.81
CA PRO B 149 9.07 -6.16 12.09
C PRO B 149 7.62 -6.59 11.92
N ASP B 150 6.85 -6.48 13.00
CA ASP B 150 5.43 -6.86 12.99
C ASP B 150 4.61 -5.75 12.32
N HIS B 151 4.80 -5.63 11.01
CA HIS B 151 4.02 -4.68 10.22
C HIS B 151 3.34 -5.41 9.07
N VAL B 152 2.43 -6.33 9.41
CA VAL B 152 1.74 -7.15 8.42
C VAL B 152 0.26 -7.24 8.78
N GLU B 153 -0.56 -7.36 7.74
CA GLU B 153 -1.99 -7.59 7.88
C GLU B 153 -2.40 -8.74 6.98
N LEU B 154 -3.04 -9.75 7.55
CA LEU B 154 -3.39 -10.97 6.84
C LEU B 154 -4.88 -10.98 6.53
N SER B 155 -5.22 -11.36 5.29
CA SER B 155 -6.59 -11.46 4.84
C SER B 155 -6.77 -12.71 4.00
N TRP B 156 -7.87 -13.41 4.24
CA TRP B 156 -8.27 -14.53 3.41
C TRP B 156 -9.12 -14.05 2.24
N TRP B 157 -9.01 -14.75 1.11
CA TRP B 157 -9.76 -14.42 -0.08
C TRP B 157 -10.28 -15.70 -0.70
N VAL B 158 -11.56 -15.71 -1.06
CA VAL B 158 -12.19 -16.85 -1.72
C VAL B 158 -12.84 -16.36 -3.00
N ASN B 159 -12.35 -16.83 -4.15
CA ASN B 159 -12.89 -16.48 -5.46
C ASN B 159 -12.91 -14.96 -5.66
N GLY B 160 -11.80 -14.32 -5.31
CA GLY B 160 -11.71 -12.88 -5.45
C GLY B 160 -12.48 -12.09 -4.42
N LYS B 161 -12.90 -12.73 -3.32
CA LYS B 161 -13.71 -12.09 -2.29
C LYS B 161 -13.03 -12.29 -0.94
N GLU B 162 -12.77 -11.19 -0.24
CA GLU B 162 -12.18 -11.29 1.10
C GLU B 162 -13.28 -11.75 2.06
N VAL B 163 -13.10 -12.95 2.61
CA VAL B 163 -14.11 -13.53 3.49
C VAL B 163 -13.78 -13.19 4.94
N HIS B 164 -14.83 -13.08 5.76
CA HIS B 164 -14.69 -12.75 7.17
C HIS B 164 -15.26 -13.80 8.11
N SER B 165 -16.14 -14.69 7.63
CA SER B 165 -16.77 -15.67 8.50
C SER B 165 -15.98 -16.97 8.49
N GLY B 166 -15.94 -17.63 9.65
CA GLY B 166 -15.15 -18.84 9.81
C GLY B 166 -13.66 -18.60 9.66
N VAL B 167 -13.21 -17.39 9.98
CA VAL B 167 -11.82 -16.99 9.82
C VAL B 167 -11.23 -16.68 11.19
N CYS B 168 -9.99 -17.12 11.42
CA CYS B 168 -9.23 -16.77 12.60
C CYS B 168 -7.83 -16.32 12.21
N THR B 169 -7.30 -15.39 12.99
CA THR B 169 -5.94 -14.89 12.81
C THR B 169 -5.29 -14.74 14.17
N ASP B 170 -4.03 -15.15 14.26
CA ASP B 170 -3.27 -15.02 15.50
C ASP B 170 -3.21 -13.56 15.91
N PRO B 171 -3.62 -13.21 17.13
CA PRO B 171 -3.61 -11.78 17.51
C PRO B 171 -2.23 -11.14 17.47
N GLN B 172 -1.20 -11.85 17.93
CA GLN B 172 0.16 -11.31 17.88
C GLN B 172 1.12 -12.37 17.35
N PRO B 173 2.19 -11.94 16.67
CA PRO B 173 3.13 -12.91 16.09
C PRO B 173 4.10 -13.48 17.12
N LEU B 174 4.58 -14.69 16.81
CA LEU B 174 5.54 -15.40 17.65
C LEU B 174 6.95 -15.20 17.11
N LYS B 175 7.90 -14.98 18.02
CA LYS B 175 9.29 -14.80 17.62
C LYS B 175 9.90 -16.13 17.23
N GLU B 176 10.60 -16.15 16.10
CA GLU B 176 11.25 -17.37 15.62
C GLU B 176 12.31 -17.84 16.60
N GLN B 177 13.21 -16.95 17.00
CA GLN B 177 14.19 -17.22 18.06
C GLN B 177 14.11 -16.09 19.07
N PRO B 178 13.76 -16.37 20.33
CA PRO B 178 13.54 -15.32 21.34
C PRO B 178 14.84 -14.76 21.94
N ALA B 179 15.75 -14.32 21.06
CA ALA B 179 17.05 -13.83 21.50
C ALA B 179 16.96 -12.48 22.18
N LEU B 180 15.85 -11.76 21.95
CA LEU B 180 15.53 -10.44 22.58
C LEU B 180 16.48 -9.29 22.20
N ASN B 181 17.28 -9.40 21.13
CA ASN B 181 18.07 -8.27 20.64
C ASN B 181 17.51 -8.14 19.23
N ASP B 182 17.35 -9.25 18.52
CA ASP B 182 16.82 -9.23 17.16
C ASP B 182 16.18 -10.57 16.87
N SER B 183 14.88 -10.57 16.60
CA SER B 183 14.15 -11.79 16.33
C SER B 183 13.16 -11.56 15.20
N ARG B 184 13.09 -12.52 14.27
CA ARG B 184 12.11 -12.50 13.20
C ARG B 184 10.84 -13.20 13.65
N TYR B 185 9.72 -12.77 13.10
CA TYR B 185 8.41 -13.18 13.59
C TYR B 185 7.75 -14.17 12.64
N ALA B 186 6.71 -14.82 13.15
CA ALA B 186 5.93 -15.79 12.41
C ALA B 186 4.48 -15.63 12.81
N LEU B 187 3.58 -15.69 11.83
CA LEU B 187 2.17 -15.48 12.02
C LEU B 187 1.38 -16.61 11.36
N SER B 188 0.20 -16.89 11.91
CA SER B 188 -0.62 -17.98 11.42
C SER B 188 -2.08 -17.55 11.36
N SER B 189 -2.84 -18.27 10.55
CA SER B 189 -4.27 -18.01 10.40
C SER B 189 -4.96 -19.28 9.97
N ARG B 190 -6.25 -19.37 10.28
CA ARG B 190 -7.05 -20.54 9.93
C ARG B 190 -8.33 -20.12 9.24
N LEU B 191 -8.82 -20.98 8.35
CA LEU B 191 -10.06 -20.74 7.60
C LEU B 191 -10.82 -22.05 7.56
N ARG B 192 -11.96 -22.09 8.23
CA ARG B 192 -12.79 -23.30 8.31
C ARG B 192 -14.02 -23.14 7.41
N VAL B 193 -14.30 -24.17 6.62
CA VAL B 193 -15.42 -24.19 5.69
C VAL B 193 -16.02 -25.59 5.70
N SER B 194 -17.16 -25.73 5.03
CA SER B 194 -17.81 -27.03 4.91
C SER B 194 -17.00 -27.93 3.98
N ALA B 195 -16.98 -29.22 4.29
CA ALA B 195 -16.20 -30.17 3.49
C ALA B 195 -16.72 -30.25 2.06
N THR B 196 -18.05 -30.18 1.89
CA THR B 196 -18.62 -30.19 0.54
C THR B 196 -18.14 -29.01 -0.28
N PHE B 197 -17.93 -27.86 0.37
CA PHE B 197 -17.39 -26.69 -0.32
C PHE B 197 -15.95 -26.93 -0.76
N TRP B 198 -15.15 -27.58 0.09
CA TRP B 198 -13.75 -27.81 -0.22
C TRP B 198 -13.57 -28.86 -1.31
N GLN B 199 -14.50 -29.80 -1.42
CA GLN B 199 -14.36 -30.86 -2.42
C GLN B 199 -14.63 -30.38 -3.84
N ASN B 200 -15.35 -29.28 -4.01
CA ASN B 200 -15.56 -28.74 -5.35
C ASN B 200 -14.27 -28.12 -5.85
N PRO B 201 -13.76 -28.51 -7.02
CA PRO B 201 -12.47 -27.96 -7.48
C PRO B 201 -12.54 -26.53 -7.98
N ARG B 202 -13.73 -26.02 -8.30
CA ARG B 202 -13.81 -24.68 -8.90
C ARG B 202 -13.40 -23.59 -7.92
N ASN B 203 -13.66 -23.79 -6.63
CA ASN B 203 -13.30 -22.78 -5.63
C ASN B 203 -11.79 -22.63 -5.53
N HIS B 204 -11.36 -21.40 -5.21
CA HIS B 204 -9.95 -21.06 -5.12
C HIS B 204 -9.74 -20.30 -3.81
N PHE B 205 -8.84 -20.80 -2.96
CA PHE B 205 -8.54 -20.17 -1.68
C PHE B 205 -7.20 -19.48 -1.77
N ARG B 206 -7.14 -18.22 -1.30
CA ARG B 206 -5.94 -17.40 -1.44
C ARG B 206 -5.70 -16.65 -0.15
N CYS B 207 -4.64 -17.02 0.57
CA CYS B 207 -4.21 -16.26 1.73
C CYS B 207 -3.32 -15.11 1.27
N GLN B 208 -3.49 -13.94 1.89
CA GLN B 208 -2.83 -12.72 1.47
C GLN B 208 -2.25 -12.04 2.69
N VAL B 209 -1.05 -11.46 2.55
CA VAL B 209 -0.38 -10.76 3.64
C VAL B 209 0.20 -9.48 3.07
N GLN B 210 -0.33 -8.34 3.52
CA GLN B 210 0.29 -7.06 3.23
C GLN B 210 1.37 -6.76 4.25
N PHE B 211 2.52 -6.29 3.77
CA PHE B 211 3.67 -5.99 4.62
C PHE B 211 4.12 -4.57 4.33
N TYR B 212 4.06 -3.71 5.35
CA TYR B 212 4.43 -2.30 5.22
C TYR B 212 5.89 -2.18 5.66
N GLY B 213 6.79 -2.22 4.69
CA GLY B 213 8.22 -2.19 4.91
C GLY B 213 8.82 -0.81 4.72
N LEU B 214 10.01 -0.78 4.16
CA LEU B 214 10.75 0.47 3.98
C LEU B 214 10.05 1.39 2.99
N SER B 215 10.27 2.69 3.17
CA SER B 215 9.89 3.65 2.15
C SER B 215 10.89 3.59 1.01
N GLU B 216 10.43 4.01 -0.18
CA GLU B 216 11.28 3.97 -1.37
C GLU B 216 12.51 4.86 -1.22
N ASN B 217 12.36 6.01 -0.55
CA ASN B 217 13.47 6.95 -0.46
C ASN B 217 14.64 6.39 0.34
N ASP B 218 14.37 5.52 1.31
CA ASP B 218 15.45 4.92 2.09
C ASP B 218 16.39 4.14 1.17
N GLU B 219 17.69 4.38 1.34
CA GLU B 219 18.68 3.79 0.45
C GLU B 219 18.88 2.31 0.75
N TRP B 220 19.17 1.54 -0.29
CA TRP B 220 19.33 0.09 -0.19
C TRP B 220 20.52 -0.32 -1.03
N THR B 221 21.50 -0.98 -0.40
CA THR B 221 22.69 -1.43 -1.10
C THR B 221 22.80 -2.94 -1.19
N GLN B 222 22.15 -3.69 -0.31
CA GLN B 222 22.26 -5.14 -0.29
C GLN B 222 21.76 -5.74 -1.60
N ASP B 223 22.41 -6.82 -2.03
CA ASP B 223 22.06 -7.48 -3.29
C ASP B 223 20.63 -8.00 -3.28
N ARG B 224 20.12 -8.36 -2.09
CA ARG B 224 18.76 -8.87 -1.99
C ARG B 224 17.75 -7.81 -2.42
N ALA B 225 16.60 -8.28 -2.91
CA ALA B 225 15.52 -7.40 -3.33
C ALA B 225 15.12 -6.47 -2.19
N LYS B 226 14.99 -5.19 -2.50
CA LYS B 226 14.70 -4.19 -1.47
C LYS B 226 13.35 -4.51 -0.82
N PRO B 227 13.26 -4.49 0.51
CA PRO B 227 12.02 -4.86 1.21
C PRO B 227 11.07 -3.68 1.41
N VAL B 228 10.46 -3.23 0.31
CA VAL B 228 9.47 -2.16 0.36
C VAL B 228 8.11 -2.76 0.68
N THR B 229 7.11 -1.90 0.88
CA THR B 229 5.74 -2.36 1.12
C THR B 229 5.27 -3.25 -0.03
N GLN B 230 4.86 -4.47 0.29
CA GLN B 230 4.46 -5.41 -0.75
C GLN B 230 3.42 -6.39 -0.22
N ILE B 231 2.76 -7.06 -1.16
CA ILE B 231 1.70 -8.03 -0.87
C ILE B 231 2.19 -9.40 -1.30
N VAL B 232 2.23 -10.35 -0.37
CA VAL B 232 2.63 -11.72 -0.66
C VAL B 232 1.44 -12.64 -0.41
N SER B 233 1.13 -13.49 -1.40
CA SER B 233 -0.05 -14.33 -1.33
C SER B 233 0.28 -15.77 -1.71
N ALA B 234 -0.46 -16.70 -1.12
CA ALA B 234 -0.36 -18.12 -1.41
C ALA B 234 -1.73 -18.66 -1.82
N GLU B 235 -1.75 -19.53 -2.82
CA GLU B 235 -2.99 -19.99 -3.42
C GLU B 235 -3.12 -21.51 -3.34
N ALA B 236 -4.37 -21.97 -3.38
CA ALA B 236 -4.66 -23.40 -3.32
C ALA B 236 -6.05 -23.64 -3.89
N TRP B 237 -6.29 -24.88 -4.33
CA TRP B 237 -7.57 -25.28 -4.88
C TRP B 237 -8.04 -26.57 -4.20
N GLY B 238 -9.34 -26.82 -4.30
CA GLY B 238 -9.89 -28.05 -3.76
C GLY B 238 -9.70 -29.22 -4.71
N ARG B 239 -9.44 -30.39 -4.14
CA ARG B 239 -9.19 -31.59 -4.92
C ARG B 239 -9.99 -32.75 -4.35
N ALA B 240 -9.97 -33.87 -5.08
CA ALA B 240 -10.66 -35.09 -4.69
C ALA B 240 -12.14 -34.87 -4.41
N VAL C 4 12.90 -0.45 -35.03
CA VAL C 4 11.52 -0.17 -35.55
C VAL C 4 10.99 -1.45 -36.19
N GLU C 5 9.85 -1.95 -35.69
CA GLU C 5 9.08 -3.09 -36.26
C GLU C 5 7.75 -2.48 -36.65
N GLN C 6 7.63 -2.02 -37.89
CA GLN C 6 6.42 -1.27 -38.33
C GLN C 6 5.14 -2.11 -38.25
N ASN C 7 4.02 -1.44 -37.95
CA ASN C 7 2.66 -2.05 -37.83
C ASN C 7 1.60 -0.95 -37.78
N SER C 8 0.33 -1.27 -38.03
CA SER C 8 -0.71 -0.22 -38.03
C SER C 8 -1.60 -0.35 -36.79
N GLY C 9 -2.75 0.34 -36.79
CA GLY C 9 -3.65 0.26 -35.63
C GLY C 9 -5.00 -0.33 -35.98
N PRO C 10 -6.00 0.51 -36.31
CA PRO C 10 -7.38 0.04 -36.52
C PRO C 10 -7.59 -0.91 -37.69
N LEU C 11 -8.47 -1.89 -37.48
CA LEU C 11 -8.88 -2.90 -38.48
C LEU C 11 -10.06 -3.69 -37.94
N SER C 12 -11.08 -3.90 -38.78
CA SER C 12 -12.30 -4.59 -38.38
C SER C 12 -12.69 -5.62 -39.45
N VAL C 13 -12.83 -6.87 -39.01
CA VAL C 13 -13.23 -7.94 -39.97
C VAL C 13 -14.61 -8.41 -39.55
N PRO C 14 -15.56 -8.57 -40.49
CA PRO C 14 -16.91 -8.92 -40.12
C PRO C 14 -17.20 -10.41 -39.87
N GLU C 15 -16.63 -10.96 -38.80
CA GLU C 15 -16.93 -12.35 -38.36
C GLU C 15 -16.80 -13.33 -39.53
N GLY C 16 -15.72 -13.25 -40.29
CA GLY C 16 -15.61 -14.11 -41.48
C GLY C 16 -14.77 -15.34 -41.24
N ALA C 17 -13.92 -15.66 -42.20
CA ALA C 17 -13.02 -16.82 -42.12
C ALA C 17 -11.58 -16.31 -42.28
N ILE C 18 -11.34 -15.45 -43.27
CA ILE C 18 -9.96 -15.01 -43.40
C ILE C 18 -9.76 -13.74 -42.59
N ALA C 19 -8.91 -13.81 -41.55
CA ALA C 19 -8.51 -12.61 -40.82
C ALA C 19 -6.98 -12.50 -40.89
N SER C 20 -6.49 -11.32 -41.27
CA SER C 20 -5.07 -11.19 -41.58
C SER C 20 -4.46 -10.00 -40.85
N LEU C 21 -3.19 -10.17 -40.46
CA LEU C 21 -2.43 -9.12 -39.79
C LEU C 21 -0.98 -9.28 -40.24
N ASN C 22 -0.28 -8.16 -40.39
CA ASN C 22 1.07 -8.18 -40.94
C ASN C 22 2.03 -7.39 -40.07
N CYS C 23 3.31 -7.69 -40.25
CA CYS C 23 4.41 -7.04 -39.56
C CYS C 23 5.60 -6.98 -40.50
N THR C 24 6.42 -5.94 -40.34
CA THR C 24 7.63 -5.77 -41.12
C THR C 24 8.80 -5.60 -40.16
N TYR C 25 9.95 -6.18 -40.52
CA TYR C 25 11.08 -6.10 -39.58
C TYR C 25 12.13 -5.10 -40.06
N SER C 26 12.70 -4.37 -39.10
CA SER C 26 13.70 -3.30 -39.33
C SER C 26 15.01 -3.82 -39.93
N ASP C 27 15.54 -4.94 -39.43
CA ASP C 27 16.85 -5.45 -39.94
C ASP C 27 16.80 -6.98 -40.16
N ARG C 28 17.53 -7.45 -41.17
CA ARG C 28 17.54 -8.86 -41.63
C ARG C 28 17.98 -9.82 -40.54
N GLY C 29 18.98 -9.47 -39.72
CA GLY C 29 19.43 -10.44 -38.71
C GLY C 29 18.57 -10.46 -37.46
N SER C 30 17.32 -10.94 -37.57
CA SER C 30 16.37 -11.06 -36.45
C SER C 30 15.73 -12.45 -36.55
N GLN C 31 16.53 -13.50 -36.38
CA GLN C 31 16.03 -14.87 -36.63
C GLN C 31 14.86 -15.27 -35.73
N SER C 32 14.60 -14.58 -34.62
CA SER C 32 13.38 -15.00 -33.88
C SER C 32 12.22 -14.04 -34.17
N PHE C 33 10.99 -14.57 -34.21
CA PHE C 33 9.76 -13.84 -34.43
C PHE C 33 8.64 -14.48 -33.62
N PHE C 34 7.75 -13.66 -33.08
CA PHE C 34 6.54 -14.17 -32.47
C PHE C 34 5.49 -13.07 -32.42
N TRP C 35 4.25 -13.50 -32.21
CA TRP C 35 3.10 -12.61 -32.14
C TRP C 35 2.34 -12.84 -30.84
N TYR C 36 2.04 -11.75 -30.13
CA TYR C 36 1.34 -11.80 -28.87
C TYR C 36 -0.06 -11.23 -29.04
N ARG C 37 -0.98 -11.67 -28.19
CA ARG C 37 -2.33 -11.13 -28.17
C ARG C 37 -2.67 -10.71 -26.75
N GLN C 38 -3.19 -9.50 -26.60
CA GLN C 38 -3.55 -8.96 -25.30
C GLN C 38 -4.95 -8.35 -25.39
N TYR C 39 -5.77 -8.69 -24.40
CA TYR C 39 -7.08 -8.08 -24.23
C TYR C 39 -6.94 -6.77 -23.48
N SER C 40 -7.93 -5.89 -23.65
CA SER C 40 -7.88 -4.56 -23.05
C SER C 40 -7.77 -4.67 -21.52
N GLY C 41 -6.66 -4.21 -20.97
CA GLY C 41 -6.43 -4.22 -19.55
C GLY C 41 -5.76 -5.44 -18.99
N LYS C 42 -5.42 -6.43 -19.81
CA LYS C 42 -4.78 -7.65 -19.36
C LYS C 42 -3.35 -7.73 -19.90
N SER C 43 -2.58 -8.66 -19.33
CA SER C 43 -1.20 -8.85 -19.77
C SER C 43 -1.17 -9.71 -21.03
N PRO C 44 -0.29 -9.40 -21.98
CA PRO C 44 -0.23 -10.18 -23.22
C PRO C 44 0.12 -11.63 -22.98
N GLU C 45 -0.25 -12.46 -23.94
CA GLU C 45 0.06 -13.89 -23.92
C GLU C 45 0.57 -14.30 -25.29
N LEU C 46 1.57 -15.18 -25.30
CA LEU C 46 2.08 -15.71 -26.56
C LEU C 46 1.11 -16.75 -27.11
N ILE C 47 0.99 -16.78 -28.44
CA ILE C 47 0.18 -17.80 -29.09
C ILE C 47 1.00 -18.47 -30.20
N MET C 48 1.82 -17.69 -30.90
CA MET C 48 2.61 -18.22 -32.01
C MET C 48 4.01 -17.63 -32.02
N PHE C 49 4.97 -18.51 -32.28
CA PHE C 49 6.38 -18.17 -32.46
C PHE C 49 6.89 -18.82 -33.74
N ILE C 50 7.79 -18.13 -34.43
CA ILE C 50 8.34 -18.63 -35.69
C ILE C 50 9.76 -18.11 -35.84
N TYR C 51 10.66 -18.99 -36.29
CA TYR C 51 12.03 -18.60 -36.60
C TYR C 51 12.49 -18.97 -38.00
N SER C 52 11.80 -19.86 -38.70
CA SER C 52 12.20 -20.24 -40.06
C SER C 52 11.10 -19.81 -41.01
N ASN C 53 11.50 -19.18 -42.13
CA ASN C 53 10.52 -18.66 -43.07
C ASN C 53 9.70 -19.77 -43.71
N GLY C 54 10.29 -20.94 -43.89
CA GLY C 54 9.60 -22.03 -44.57
C GLY C 54 8.42 -22.59 -43.82
N ASP C 55 8.50 -22.63 -42.49
CA ASP C 55 7.46 -23.28 -41.70
C ASP C 55 6.14 -22.52 -41.76
N LYS C 56 5.06 -23.28 -41.63
CA LYS C 56 3.71 -22.77 -41.45
C LYS C 56 3.18 -23.45 -40.21
N GLU C 57 2.41 -22.73 -39.39
CA GLU C 57 2.08 -23.23 -38.07
C GLU C 57 0.77 -24.00 -38.04
N ASP C 58 0.70 -24.94 -37.09
CA ASP C 58 -0.44 -25.81 -36.89
C ASP C 58 -1.34 -25.31 -35.76
N GLY C 59 -2.62 -25.66 -35.88
CA GLY C 59 -3.62 -25.42 -34.86
C GLY C 59 -4.87 -24.76 -35.42
N ARG C 60 -5.41 -23.78 -34.71
CA ARG C 60 -6.56 -23.05 -35.26
C ARG C 60 -6.12 -21.96 -36.22
N PHE C 61 -5.07 -21.22 -35.86
CA PHE C 61 -4.55 -20.09 -36.61
C PHE C 61 -3.36 -20.54 -37.45
N THR C 62 -2.93 -19.64 -38.35
CA THR C 62 -1.78 -19.90 -39.21
C THR C 62 -0.86 -18.69 -39.20
N ALA C 63 0.41 -18.93 -39.54
CA ALA C 63 1.42 -17.88 -39.53
C ALA C 63 2.35 -18.08 -40.72
N GLN C 64 2.69 -16.98 -41.38
CA GLN C 64 3.55 -16.99 -42.55
C GLN C 64 4.78 -16.14 -42.25
N LEU C 65 5.89 -16.51 -42.88
CA LEU C 65 7.17 -15.85 -42.67
C LEU C 65 7.98 -15.85 -43.96
N ASN C 66 8.76 -14.78 -44.13
CA ASN C 66 9.56 -14.60 -45.33
C ASN C 66 10.69 -13.64 -45.01
N LYS C 67 11.89 -13.96 -45.51
CA LYS C 67 13.07 -13.15 -45.21
C LYS C 67 13.46 -12.20 -46.32
N ALA C 68 12.92 -12.38 -47.53
CA ALA C 68 13.29 -11.53 -48.65
C ALA C 68 12.65 -10.14 -48.54
N SER C 69 11.36 -10.10 -48.27
CA SER C 69 10.60 -8.85 -48.27
C SER C 69 10.48 -8.27 -46.87
N GLN C 70 11.06 -8.93 -45.87
CA GLN C 70 11.02 -8.47 -44.49
C GLN C 70 9.58 -8.40 -44.00
N TYR C 71 8.85 -9.51 -44.22
CA TYR C 71 7.42 -9.60 -43.90
C TYR C 71 7.12 -10.82 -43.02
N VAL C 72 6.34 -10.60 -41.95
CA VAL C 72 5.78 -11.65 -41.12
C VAL C 72 4.27 -11.44 -41.14
N SER C 73 3.50 -12.53 -41.03
CA SER C 73 2.05 -12.36 -41.05
C SER C 73 1.35 -13.45 -40.24
N LEU C 74 0.13 -13.10 -39.81
CA LEU C 74 -0.74 -13.97 -38.98
C LEU C 74 -2.15 -14.02 -39.59
N LEU C 75 -2.72 -15.22 -39.64
CA LEU C 75 -4.05 -15.46 -40.19
C LEU C 75 -4.90 -16.22 -39.20
N ILE C 76 -6.19 -15.88 -39.14
CA ILE C 76 -7.17 -16.58 -38.32
C ILE C 76 -8.18 -17.20 -39.28
N ARG C 77 -8.61 -18.43 -38.95
CA ARG C 77 -9.49 -19.23 -39.80
C ARG C 77 -10.98 -18.92 -39.62
N ASP C 78 -11.40 -18.47 -38.44
CA ASP C 78 -12.82 -18.33 -38.15
C ASP C 78 -13.23 -16.94 -37.70
N SER C 79 -12.33 -16.15 -37.13
CA SER C 79 -12.63 -14.81 -36.64
C SER C 79 -13.80 -14.86 -35.66
N GLN C 80 -13.69 -15.73 -34.66
CA GLN C 80 -14.77 -15.90 -33.70
C GLN C 80 -14.89 -14.63 -32.84
N PRO C 81 -16.07 -14.34 -32.30
CA PRO C 81 -16.22 -13.09 -31.53
C PRO C 81 -15.27 -12.97 -30.35
N SER C 82 -14.77 -14.08 -29.79
CA SER C 82 -13.84 -13.97 -28.67
C SER C 82 -12.46 -13.46 -29.10
N ASP C 83 -12.12 -13.60 -30.38
CA ASP C 83 -10.77 -13.30 -30.85
C ASP C 83 -10.48 -11.81 -30.98
N SER C 84 -11.47 -10.94 -30.78
CA SER C 84 -11.24 -9.50 -30.93
C SER C 84 -10.34 -9.02 -29.79
N ALA C 85 -9.12 -8.63 -30.14
CA ALA C 85 -8.16 -8.15 -29.15
C ALA C 85 -7.08 -7.35 -29.86
N THR C 86 -6.15 -6.79 -29.09
CA THR C 86 -4.98 -6.17 -29.68
C THR C 86 -3.91 -7.22 -29.93
N TYR C 87 -3.26 -7.13 -31.09
CA TYR C 87 -2.26 -8.10 -31.50
C TYR C 87 -0.94 -7.37 -31.76
N LEU C 88 0.12 -7.82 -31.09
CA LEU C 88 1.41 -7.18 -31.09
C LEU C 88 2.43 -8.08 -31.79
N CYS C 89 3.29 -7.47 -32.60
CA CYS C 89 4.37 -8.17 -33.27
C CYS C 89 5.66 -7.97 -32.48
N ALA C 90 6.45 -9.02 -32.33
CA ALA C 90 7.71 -8.88 -31.60
C ALA C 90 8.76 -9.77 -32.24
N ALA C 91 9.99 -9.27 -32.25
CA ALA C 91 11.09 -10.04 -32.81
C ALA C 91 12.37 -9.71 -32.07
N ALA C 92 13.24 -10.73 -31.98
CA ALA C 92 14.49 -10.59 -31.20
C ALA C 92 15.70 -10.60 -32.12
N MET C 93 16.47 -9.53 -32.11
CA MET C 93 17.70 -9.46 -32.95
C MET C 93 18.66 -10.53 -32.46
N ASP C 94 19.39 -11.20 -33.35
CA ASP C 94 20.37 -12.23 -32.93
C ASP C 94 21.58 -11.59 -32.26
N SER C 95 22.22 -12.32 -31.35
CA SER C 95 23.41 -11.99 -30.50
C SER C 95 23.01 -11.06 -29.36
N SER C 96 22.48 -9.88 -29.67
CA SER C 96 22.04 -8.97 -28.60
C SER C 96 20.89 -9.62 -27.82
N TYR C 97 19.97 -10.25 -28.56
CA TYR C 97 18.75 -10.96 -28.08
C TYR C 97 17.67 -9.98 -27.63
N LYS C 98 17.82 -8.70 -27.95
CA LYS C 98 16.82 -7.69 -27.55
C LYS C 98 15.64 -7.84 -28.48
N LEU C 99 14.50 -8.17 -27.91
CA LEU C 99 13.23 -8.32 -28.61
C LEU C 99 12.47 -7.00 -28.56
N ILE C 100 12.07 -6.52 -29.72
CA ILE C 100 11.33 -5.28 -29.85
C ILE C 100 9.94 -5.61 -30.37
N PHE C 101 8.93 -4.95 -29.78
CA PHE C 101 7.52 -5.17 -30.18
C PHE C 101 7.07 -4.05 -31.10
N GLY C 102 6.05 -4.34 -31.91
CA GLY C 102 5.50 -3.37 -32.87
C GLY C 102 4.49 -2.45 -32.22
N SER C 103 3.95 -1.49 -32.98
CA SER C 103 2.95 -0.53 -32.43
C SER C 103 1.72 -1.31 -31.96
N GLY C 104 1.29 -2.31 -32.72
CA GLY C 104 0.13 -3.15 -32.34
C GLY C 104 -0.96 -3.03 -33.36
N THR C 105 -1.60 -4.15 -33.70
CA THR C 105 -2.65 -4.12 -34.75
C THR C 105 -4.03 -4.25 -34.11
N ARG C 106 -4.78 -3.14 -34.06
CA ARG C 106 -6.12 -3.22 -33.51
C ARG C 106 -7.00 -4.08 -34.42
N LEU C 107 -7.78 -4.97 -33.81
CA LEU C 107 -8.69 -5.85 -34.54
C LEU C 107 -10.06 -5.84 -33.88
N LEU C 108 -11.10 -5.59 -34.69
CA LEU C 108 -12.47 -5.58 -34.22
C LEU C 108 -13.26 -6.62 -34.97
N VAL C 109 -13.88 -7.54 -34.25
CA VAL C 109 -14.79 -8.52 -34.84
C VAL C 109 -16.22 -8.10 -34.55
N ARG C 110 -17.13 -8.35 -35.50
CA ARG C 110 -18.55 -8.11 -35.30
C ARG C 110 -19.32 -9.40 -35.57
N PRO C 111 -20.08 -9.92 -34.60
CA PRO C 111 -20.81 -11.16 -34.83
C PRO C 111 -22.06 -10.93 -35.66
N ASP C 112 -22.37 -11.92 -36.50
CA ASP C 112 -23.53 -11.82 -37.37
C ASP C 112 -24.83 -11.88 -36.57
N ILE C 113 -25.78 -11.05 -36.97
CA ILE C 113 -27.09 -11.00 -36.33
C ILE C 113 -28.11 -11.57 -37.31
N GLN C 114 -28.85 -12.58 -36.86
CA GLN C 114 -29.85 -13.24 -37.68
C GLN C 114 -31.22 -12.57 -37.54
N ASN C 115 -31.73 -12.50 -36.32
CA ASN C 115 -33.07 -11.96 -36.03
C ASN C 115 -32.96 -10.86 -34.97
N PRO C 116 -32.43 -9.70 -35.34
CA PRO C 116 -32.29 -8.60 -34.37
C PRO C 116 -33.62 -7.92 -34.09
N ASP C 117 -33.82 -7.54 -32.82
CA ASP C 117 -35.01 -6.83 -32.38
C ASP C 117 -34.58 -5.51 -31.74
N PRO C 118 -34.26 -4.50 -32.55
CA PRO C 118 -33.75 -3.24 -31.99
C PRO C 118 -34.78 -2.56 -31.10
N ALA C 119 -34.30 -2.00 -29.98
CA ALA C 119 -35.22 -1.32 -29.09
C ALA C 119 -34.44 -0.39 -28.15
N VAL C 120 -35.20 0.50 -27.50
CA VAL C 120 -34.68 1.41 -26.49
C VAL C 120 -35.59 1.34 -25.27
N TYR C 121 -35.00 1.29 -24.08
CA TYR C 121 -35.76 1.18 -22.85
C TYR C 121 -35.25 2.17 -21.80
N GLN C 122 -36.09 2.38 -20.80
CA GLN C 122 -35.81 3.27 -19.68
C GLN C 122 -35.68 2.46 -18.41
N LEU C 123 -34.64 2.74 -17.62
CA LEU C 123 -34.32 2.00 -16.42
C LEU C 123 -34.50 2.90 -15.20
N ARG C 124 -35.31 2.45 -14.25
CA ARG C 124 -35.61 3.23 -13.06
C ARG C 124 -34.49 3.09 -12.03
N ASP C 125 -33.95 4.23 -11.60
CA ASP C 125 -32.91 4.20 -10.59
C ASP C 125 -33.53 4.01 -9.20
N SER C 126 -32.68 3.60 -8.25
CA SER C 126 -33.11 3.55 -6.86
C SER C 126 -33.43 4.94 -6.32
N LYS C 127 -32.61 5.92 -6.67
CA LYS C 127 -32.72 7.28 -6.14
C LYS C 127 -34.07 7.92 -6.44
N SER C 132 -31.89 10.15 -15.20
CA SER C 132 -32.39 8.86 -15.67
C SER C 132 -31.36 8.18 -16.56
N VAL C 133 -31.71 7.00 -17.06
CA VAL C 133 -30.85 6.23 -17.96
C VAL C 133 -31.67 5.74 -19.13
N CYS C 134 -31.01 5.56 -20.27
CA CYS C 134 -31.58 4.94 -21.44
C CYS C 134 -30.66 3.82 -21.91
N LEU C 135 -31.25 2.76 -22.44
CA LEU C 135 -30.47 1.64 -22.94
C LEU C 135 -30.96 1.28 -24.33
N PHE C 136 -30.03 1.19 -25.29
CA PHE C 136 -30.35 0.92 -26.68
C PHE C 136 -29.71 -0.41 -27.02
N THR C 137 -30.52 -1.39 -27.43
CA THR C 137 -30.01 -2.75 -27.49
C THR C 137 -30.63 -3.52 -28.66
N ASP C 138 -30.00 -4.67 -28.92
CA ASP C 138 -30.42 -5.62 -29.96
C ASP C 138 -30.48 -4.95 -31.33
N PHE C 139 -29.45 -4.17 -31.65
CA PHE C 139 -29.42 -3.42 -32.89
C PHE C 139 -28.46 -4.05 -33.87
N ASP C 140 -28.59 -3.64 -35.13
CA ASP C 140 -27.85 -4.23 -36.24
C ASP C 140 -26.35 -4.00 -36.08
N SER C 141 -25.58 -4.97 -36.58
CA SER C 141 -24.12 -4.88 -36.48
C SER C 141 -23.58 -3.70 -37.27
N GLN C 142 -24.22 -3.37 -38.41
CA GLN C 142 -23.74 -2.26 -39.23
C GLN C 142 -23.80 -0.94 -38.48
N THR C 143 -24.79 -0.77 -37.60
CA THR C 143 -24.99 0.50 -36.93
C THR C 143 -23.76 0.91 -36.13
N ASN C 144 -23.39 2.19 -36.25
CA ASN C 144 -22.31 2.76 -35.47
C ASN C 144 -22.90 3.72 -34.44
N VAL C 145 -22.19 3.91 -33.34
CA VAL C 145 -22.63 4.80 -32.27
C VAL C 145 -21.59 5.90 -32.12
N SER C 146 -22.05 7.15 -32.16
CA SER C 146 -21.19 8.31 -31.98
C SER C 146 -21.57 8.98 -30.67
N GLN C 147 -20.61 9.67 -30.05
CA GLN C 147 -20.92 10.38 -28.83
C GLN C 147 -21.72 11.64 -29.15
N SER C 148 -22.60 12.01 -28.23
CA SER C 148 -23.44 13.19 -28.41
C SER C 148 -22.61 14.44 -28.18
N LYS C 149 -22.74 15.41 -29.08
CA LYS C 149 -21.97 16.65 -28.96
C LYS C 149 -22.28 17.39 -27.66
N ASP C 150 -23.47 17.21 -27.10
CA ASP C 150 -23.85 17.94 -25.90
C ASP C 150 -22.93 17.55 -24.75
N SER C 151 -22.61 18.54 -23.90
CA SER C 151 -21.57 18.35 -22.90
C SER C 151 -22.02 17.42 -21.78
N ASP C 152 -23.28 17.49 -21.36
CA ASP C 152 -23.76 16.76 -20.21
C ASP C 152 -24.35 15.39 -20.55
N VAL C 153 -24.27 14.96 -21.80
CA VAL C 153 -24.78 13.66 -22.21
C VAL C 153 -23.59 12.72 -22.40
N TYR C 154 -23.61 11.59 -21.72
CA TYR C 154 -22.57 10.59 -21.85
C TYR C 154 -23.15 9.28 -22.36
N ILE C 155 -22.57 8.76 -23.44
CA ILE C 155 -22.99 7.53 -24.06
C ILE C 155 -21.75 6.69 -24.35
N THR C 156 -21.84 5.39 -24.05
CA THR C 156 -20.71 4.49 -24.24
C THR C 156 -20.73 3.91 -25.65
N ASP C 157 -19.64 3.21 -25.98
CA ASP C 157 -19.46 2.60 -27.28
C ASP C 157 -20.13 1.22 -27.32
N LYS C 158 -20.10 0.59 -28.50
CA LYS C 158 -20.72 -0.71 -28.68
C LYS C 158 -20.01 -1.77 -27.85
N CYS C 159 -20.72 -2.88 -27.61
CA CYS C 159 -20.19 -3.97 -26.81
C CYS C 159 -20.76 -5.28 -27.31
N VAL C 160 -19.97 -6.34 -27.16
CA VAL C 160 -20.36 -7.69 -27.51
C VAL C 160 -20.66 -8.44 -26.21
N LEU C 161 -21.71 -9.25 -26.23
CA LEU C 161 -22.12 -10.03 -25.07
C LEU C 161 -21.92 -11.51 -25.34
N ASP C 162 -21.72 -12.27 -24.27
CA ASP C 162 -21.59 -13.73 -24.37
C ASP C 162 -22.59 -14.34 -23.41
N MET C 163 -23.49 -15.17 -23.95
CA MET C 163 -24.52 -15.83 -23.16
C MET C 163 -24.56 -17.32 -23.47
N ARG C 164 -24.54 -18.14 -22.42
CA ARG C 164 -24.77 -19.57 -22.58
C ARG C 164 -26.21 -19.88 -22.98
N SER C 165 -27.11 -18.91 -22.85
CA SER C 165 -28.52 -19.13 -23.16
C SER C 165 -28.75 -19.30 -24.65
N MET C 166 -28.75 -20.54 -25.12
CA MET C 166 -29.02 -20.88 -26.52
C MET C 166 -28.07 -20.22 -27.51
N ASP C 167 -26.91 -19.76 -27.04
CA ASP C 167 -25.91 -19.10 -27.88
C ASP C 167 -26.49 -17.86 -28.56
N PHE C 168 -26.95 -16.93 -27.73
CA PHE C 168 -27.54 -15.69 -28.20
C PHE C 168 -26.73 -14.53 -27.63
N LYS C 169 -26.30 -13.65 -28.53
CA LYS C 169 -25.52 -12.47 -28.17
C LYS C 169 -26.11 -11.25 -28.85
N SER C 170 -25.95 -10.10 -28.20
CA SER C 170 -26.49 -8.85 -28.72
C SER C 170 -25.57 -7.72 -28.29
N ASN C 171 -25.66 -6.61 -29.02
CA ASN C 171 -24.89 -5.42 -28.68
C ASN C 171 -25.73 -4.48 -27.84
N SER C 172 -25.05 -3.51 -27.23
CA SER C 172 -25.72 -2.61 -26.30
C SER C 172 -25.00 -1.26 -26.28
N ALA C 173 -25.77 -0.22 -26.00
CA ALA C 173 -25.25 1.12 -25.80
C ALA C 173 -26.03 1.76 -24.67
N VAL C 174 -25.32 2.53 -23.84
CA VAL C 174 -25.89 3.11 -22.63
C VAL C 174 -25.86 4.61 -22.78
N ALA C 175 -26.90 5.28 -22.29
CA ALA C 175 -27.00 6.72 -22.36
C ALA C 175 -27.42 7.28 -21.02
N TRP C 176 -26.77 8.34 -20.59
CA TRP C 176 -27.18 8.97 -19.34
C TRP C 176 -26.81 10.45 -19.37
N SER C 177 -27.44 11.19 -18.47
CA SER C 177 -27.21 12.62 -18.30
C SER C 177 -27.43 12.93 -16.83
N ASN C 178 -26.57 13.77 -16.28
CA ASN C 178 -26.72 14.18 -14.90
C ASN C 178 -27.62 15.39 -14.72
N LYS C 179 -27.78 16.17 -15.80
CA LYS C 179 -28.63 17.38 -15.80
C LYS C 179 -29.15 17.65 -17.21
N SER C 180 -29.93 18.72 -17.36
CA SER C 180 -30.48 19.24 -18.64
C SER C 180 -31.58 18.37 -19.27
N ASP C 181 -32.20 17.48 -18.49
CA ASP C 181 -33.40 16.71 -18.95
C ASP C 181 -33.24 16.07 -20.33
N PHE C 182 -32.18 15.31 -20.58
CA PHE C 182 -32.06 14.66 -21.92
C PHE C 182 -32.96 13.41 -21.97
N ALA C 183 -33.88 13.38 -22.93
CA ALA C 183 -34.87 12.33 -23.12
C ALA C 183 -34.32 11.25 -24.03
N CYS C 184 -34.72 10.01 -23.73
CA CYS C 184 -34.25 8.84 -24.46
C CYS C 184 -34.48 8.96 -25.96
N ALA C 185 -35.63 9.53 -26.35
CA ALA C 185 -35.88 9.73 -27.77
C ALA C 185 -34.83 10.64 -28.40
N ASN C 186 -34.52 11.75 -27.73
CA ASN C 186 -33.48 12.66 -28.20
C ASN C 186 -32.07 12.16 -27.91
N ALA C 187 -31.91 11.27 -26.92
CA ALA C 187 -30.58 10.82 -26.55
C ALA C 187 -29.88 10.12 -27.71
N PHE C 188 -30.55 9.17 -28.34
CA PHE C 188 -30.00 8.45 -29.48
C PHE C 188 -30.43 9.08 -30.81
N ASN C 189 -30.86 10.33 -30.78
CA ASN C 189 -31.31 11.01 -31.99
C ASN C 189 -30.17 11.19 -32.99
N ASN C 190 -28.98 11.53 -32.50
CA ASN C 190 -27.83 11.79 -33.39
C ASN C 190 -27.07 10.51 -33.77
N SER C 191 -27.57 9.33 -33.37
CA SER C 191 -26.77 8.15 -33.73
C SER C 191 -27.37 7.35 -34.88
N ILE C 192 -28.09 8.01 -35.79
CA ILE C 192 -28.66 7.31 -36.98
C ILE C 192 -29.51 6.09 -36.63
N ILE C 193 -30.46 6.22 -35.69
CA ILE C 193 -31.31 5.05 -35.32
C ILE C 193 -31.77 4.27 -36.55
N PRO C 194 -31.67 2.92 -36.57
CA PRO C 194 -31.99 2.13 -37.76
C PRO C 194 -33.46 2.13 -38.17
N GLU C 195 -33.77 2.78 -39.29
CA GLU C 195 -35.12 2.79 -39.84
C GLU C 195 -36.16 3.15 -38.79
N ASP C 196 -37.11 2.25 -38.54
CA ASP C 196 -38.09 2.40 -37.48
C ASP C 196 -37.81 1.37 -36.40
N THR C 197 -37.64 1.85 -35.17
CA THR C 197 -37.24 1.04 -34.02
C THR C 197 -38.30 1.16 -32.93
N PHE C 198 -38.26 0.22 -31.99
CA PHE C 198 -39.24 0.16 -30.91
C PHE C 198 -38.82 1.06 -29.76
N PHE C 199 -39.80 1.74 -29.19
CA PHE C 199 -39.62 2.70 -28.11
C PHE C 199 -40.61 2.38 -27.00
N PRO C 200 -40.45 3.01 -25.82
CA PRO C 200 -41.40 2.73 -24.73
C PRO C 200 -42.84 3.16 -25.04
N GLY D 3 6.85 -18.61 -11.43
CA GLY D 3 6.16 -17.59 -12.21
C GLY D 3 6.79 -16.23 -12.07
N ILE D 4 6.07 -15.20 -12.52
CA ILE D 4 6.55 -13.83 -12.48
C ILE D 4 5.53 -12.98 -11.73
N THR D 5 6.03 -11.99 -11.00
CA THR D 5 5.17 -11.10 -10.22
C THR D 5 5.74 -9.68 -10.27
N GLN D 6 4.85 -8.72 -10.53
CA GLN D 6 5.16 -7.30 -10.39
C GLN D 6 4.58 -6.82 -9.07
N SER D 7 5.40 -6.10 -8.28
CA SER D 7 5.01 -5.78 -6.91
C SER D 7 3.79 -4.88 -6.85
N PRO D 8 3.79 -3.66 -7.43
CA PRO D 8 2.60 -2.82 -7.31
C PRO D 8 1.68 -3.03 -8.51
N ARG D 9 0.49 -3.60 -8.28
CA ARG D 9 -0.45 -3.76 -9.38
C ARG D 9 -0.95 -2.42 -9.88
N TYR D 10 -1.15 -1.47 -8.95
CA TYR D 10 -1.53 -0.10 -9.27
C TYR D 10 -0.76 0.83 -8.34
N LYS D 11 -0.41 2.01 -8.84
CA LYS D 11 0.37 2.96 -8.08
C LYS D 11 0.05 4.37 -8.54
N ILE D 12 -0.01 5.29 -7.57
CA ILE D 12 -0.29 6.70 -7.83
C ILE D 12 0.75 7.53 -7.08
N THR D 13 1.35 8.49 -7.77
CA THR D 13 2.41 9.29 -7.17
C THR D 13 2.37 10.70 -7.73
N GLU D 14 2.93 11.63 -6.95
CA GLU D 14 3.05 13.02 -7.35
C GLU D 14 4.26 13.20 -8.27
N THR D 15 4.27 14.32 -8.99
CA THR D 15 5.41 14.65 -9.84
C THR D 15 6.61 15.04 -8.99
N GLY D 16 7.79 14.58 -9.41
CA GLY D 16 9.03 14.92 -8.72
C GLY D 16 9.43 13.96 -7.63
N ARG D 17 8.62 12.94 -7.34
CA ARG D 17 8.94 11.95 -6.32
C ARG D 17 9.26 10.63 -7.01
N GLN D 18 10.46 10.12 -6.78
CA GLN D 18 10.89 8.89 -7.42
C GLN D 18 10.07 7.71 -6.93
N VAL D 19 9.82 6.76 -7.84
CA VAL D 19 9.12 5.53 -7.50
C VAL D 19 9.82 4.37 -8.18
N THR D 20 9.78 3.21 -7.53
CA THR D 20 10.40 1.98 -7.98
C THR D 20 9.33 0.90 -8.14
N LEU D 21 9.50 0.07 -9.17
CA LEU D 21 8.63 -1.06 -9.47
C LEU D 21 9.47 -2.32 -9.38
N MET D 22 9.05 -3.24 -8.51
CA MET D 22 9.77 -4.49 -8.30
C MET D 22 9.22 -5.57 -9.22
N CYS D 23 10.13 -6.38 -9.75
CA CYS D 23 9.78 -7.51 -10.60
C CYS D 23 10.54 -8.73 -10.10
N HIS D 24 9.83 -9.85 -9.94
CA HIS D 24 10.45 -11.06 -9.43
C HIS D 24 10.02 -12.25 -10.26
N GLN D 25 10.95 -13.19 -10.47
CA GLN D 25 10.66 -14.39 -11.22
C GLN D 25 11.45 -15.55 -10.63
N THR D 26 10.85 -16.74 -10.64
CA THR D 26 11.48 -17.94 -10.12
C THR D 26 11.94 -18.89 -11.22
N TRP D 27 11.60 -18.60 -12.48
CA TRP D 27 11.98 -19.45 -13.60
C TRP D 27 13.48 -19.44 -13.85
N SER D 28 14.23 -18.54 -13.22
CA SER D 28 15.67 -18.40 -13.43
C SER D 28 15.99 -18.13 -14.90
N HIS D 29 15.19 -17.27 -15.52
CA HIS D 29 15.46 -16.88 -16.91
C HIS D 29 16.66 -15.93 -16.96
N SER D 30 17.46 -16.07 -18.03
CA SER D 30 18.67 -15.25 -18.15
C SER D 30 18.34 -13.82 -18.52
N TYR D 31 17.34 -13.62 -19.37
CA TYR D 31 17.01 -12.30 -19.90
C TYR D 31 15.79 -11.75 -19.19
N MET D 32 15.86 -10.47 -18.82
CA MET D 32 14.69 -9.81 -18.25
C MET D 32 14.62 -8.38 -18.76
N PHE D 33 13.42 -7.90 -19.05
CA PHE D 33 13.26 -6.59 -19.64
C PHE D 33 11.97 -5.93 -19.16
N TRP D 34 11.95 -4.61 -19.31
CA TRP D 34 10.82 -3.77 -18.91
C TRP D 34 10.21 -3.12 -20.14
N TYR D 35 8.91 -2.83 -20.06
CA TYR D 35 8.16 -2.27 -21.18
C TYR D 35 7.18 -1.21 -20.70
N ARG D 36 6.90 -0.26 -21.58
CA ARG D 36 5.91 0.79 -21.37
C ARG D 36 4.87 0.73 -22.48
N GLN D 37 3.60 0.85 -22.09
CA GLN D 37 2.48 0.82 -23.03
C GLN D 37 1.57 2.01 -22.76
N ASP D 38 1.25 2.74 -23.83
CA ASP D 38 0.45 3.99 -23.75
C ASP D 38 -0.70 4.00 -24.77
N LEU D 39 -1.04 2.82 -25.32
CA LEU D 39 -2.15 2.54 -26.28
C LEU D 39 -1.90 3.12 -27.69
N GLY D 40 -1.73 4.43 -27.81
CA GLY D 40 -1.57 5.08 -29.12
C GLY D 40 -0.34 4.65 -29.89
N HIS D 41 0.84 4.62 -29.26
CA HIS D 41 2.08 4.24 -29.98
C HIS D 41 2.28 2.73 -29.94
N GLY D 42 1.64 2.05 -28.99
CA GLY D 42 1.74 0.58 -28.85
C GLY D 42 2.53 0.17 -27.62
N LEU D 43 3.52 -0.71 -27.80
CA LEU D 43 4.34 -1.20 -26.71
C LEU D 43 5.80 -0.89 -27.02
N ARG D 44 6.40 -0.04 -26.20
CA ARG D 44 7.77 0.43 -26.40
C ARG D 44 8.68 -0.16 -25.34
N LEU D 45 9.92 -0.45 -25.73
CA LEU D 45 10.89 -0.99 -24.80
C LEU D 45 11.60 0.14 -24.06
N ILE D 46 12.01 -0.14 -22.83
CA ILE D 46 12.68 0.83 -21.98
C ILE D 46 14.10 0.38 -21.66
N TYR D 47 14.24 -0.69 -20.87
CA TYR D 47 15.54 -1.30 -20.61
C TYR D 47 15.43 -2.80 -20.71
N TYR D 48 16.58 -3.44 -20.92
CA TYR D 48 16.67 -4.90 -20.94
C TYR D 48 18.02 -5.33 -20.40
N SER D 49 18.04 -6.52 -19.80
CA SER D 49 19.24 -7.11 -19.21
C SER D 49 19.39 -8.51 -19.79
N ALA D 50 20.56 -8.79 -20.36
CA ALA D 50 20.86 -10.11 -20.89
C ALA D 50 21.26 -11.11 -19.82
N ALA D 51 21.89 -10.59 -18.78
CA ALA D 51 22.34 -11.43 -17.67
C ALA D 51 22.56 -10.53 -16.45
N ALA D 52 23.01 -11.12 -15.36
CA ALA D 52 23.12 -10.37 -14.13
C ALA D 52 24.27 -9.37 -14.26
N ASP D 53 24.13 -8.24 -13.57
CA ASP D 53 25.12 -7.17 -13.58
C ASP D 53 25.33 -6.58 -14.97
N ILE D 54 24.49 -6.92 -15.93
CA ILE D 54 24.61 -6.47 -17.31
C ILE D 54 23.26 -5.90 -17.73
N THR D 55 23.20 -4.57 -17.89
CA THR D 55 22.00 -3.88 -18.32
C THR D 55 22.33 -2.93 -19.46
N ASP D 56 21.60 -3.03 -20.56
CA ASP D 56 21.79 -2.17 -21.71
C ASP D 56 20.49 -1.40 -22.00
N LYS D 57 20.64 -0.28 -22.71
CA LYS D 57 19.54 0.65 -22.87
C LYS D 57 18.57 0.20 -23.96
N GLY D 58 17.46 0.94 -24.08
CA GLY D 58 16.40 0.62 -25.00
C GLY D 58 15.99 1.80 -25.86
N GLU D 59 14.72 1.79 -26.27
CA GLU D 59 14.23 2.78 -27.21
C GLU D 59 13.97 4.13 -26.55
N VAL D 60 13.44 4.13 -25.32
CA VAL D 60 13.12 5.38 -24.64
C VAL D 60 13.77 5.34 -23.26
N PRO D 61 15.11 5.38 -23.16
CA PRO D 61 15.75 5.15 -21.85
C PRO D 61 15.84 6.39 -20.98
N ASP D 62 15.54 7.57 -21.51
CA ASP D 62 15.68 8.81 -20.75
C ASP D 62 14.75 8.82 -19.54
N GLY D 63 15.28 9.22 -18.39
CA GLY D 63 14.52 9.34 -17.17
C GLY D 63 14.25 8.05 -16.43
N TYR D 64 14.90 6.94 -16.81
CA TYR D 64 14.67 5.65 -16.19
C TYR D 64 16.00 4.99 -15.89
N VAL D 65 16.10 4.33 -14.74
CA VAL D 65 17.33 3.66 -14.32
C VAL D 65 16.98 2.31 -13.72
N VAL D 66 17.78 1.29 -14.04
CA VAL D 66 17.55 -0.06 -13.55
C VAL D 66 18.88 -0.66 -13.12
N SER D 67 18.80 -1.72 -12.33
CA SER D 67 19.96 -2.47 -11.90
C SER D 67 19.54 -3.90 -11.66
N ARG D 68 20.52 -4.81 -11.72
CA ARG D 68 20.26 -6.24 -11.60
C ARG D 68 21.35 -6.87 -10.74
N SER D 69 21.17 -6.79 -9.41
CA SER D 69 22.11 -7.42 -8.50
C SER D 69 21.90 -8.93 -8.45
N LYS D 70 20.66 -9.36 -8.21
CA LYS D 70 20.33 -10.77 -8.25
C LYS D 70 19.79 -11.14 -9.63
N THR D 71 19.85 -12.44 -9.92
CA THR D 71 19.31 -12.96 -11.17
C THR D 71 17.79 -13.06 -11.17
N GLU D 72 17.15 -12.99 -10.00
CA GLU D 72 15.71 -13.22 -9.91
C GLU D 72 14.89 -11.96 -9.68
N ASN D 73 15.51 -10.79 -9.52
CA ASN D 73 14.79 -9.54 -9.35
C ASN D 73 15.40 -8.46 -10.23
N PHE D 74 14.52 -7.68 -10.87
CA PHE D 74 14.94 -6.64 -11.83
C PHE D 74 14.13 -5.38 -11.55
N PRO D 75 14.53 -4.60 -10.55
CA PRO D 75 13.77 -3.39 -10.22
C PRO D 75 13.95 -2.27 -11.24
N LEU D 76 12.90 -1.47 -11.42
CA LEU D 76 12.93 -0.31 -12.29
C LEU D 76 12.65 0.94 -11.47
N THR D 77 13.48 1.97 -11.60
CA THR D 77 13.29 3.20 -10.84
C THR D 77 13.21 4.37 -11.80
N LEU D 78 12.35 5.34 -11.48
CA LEU D 78 12.31 6.61 -12.21
C LEU D 78 12.70 7.74 -11.26
N GLU D 79 13.79 8.44 -11.61
CA GLU D 79 14.39 9.42 -10.70
C GLU D 79 13.46 10.58 -10.42
N SER D 80 12.85 11.14 -11.46
CA SER D 80 11.92 12.25 -11.33
C SER D 80 10.63 11.91 -12.05
N ALA D 81 9.57 11.68 -11.28
CA ALA D 81 8.27 11.38 -11.88
C ALA D 81 7.74 12.60 -12.62
N THR D 82 7.24 12.37 -13.84
CA THR D 82 6.73 13.43 -14.70
C THR D 82 5.38 13.02 -15.26
N ARG D 83 4.75 13.96 -15.96
CA ARG D 83 3.45 13.69 -16.57
C ARG D 83 3.55 12.62 -17.65
N SER D 84 4.65 12.62 -18.41
CA SER D 84 4.81 11.66 -19.50
C SER D 84 4.93 10.23 -18.99
N GLN D 85 5.45 10.04 -17.78
CA GLN D 85 5.73 8.70 -17.27
C GLN D 85 4.46 7.92 -16.92
N THR D 86 3.30 8.56 -16.84
CA THR D 86 2.04 7.85 -16.67
C THR D 86 1.82 6.86 -17.80
N SER D 87 1.77 5.56 -17.49
CA SER D 87 1.54 4.54 -18.53
C SER D 87 1.15 3.23 -17.86
N VAL D 88 1.28 2.15 -18.62
CA VAL D 88 1.12 0.78 -18.12
C VAL D 88 2.44 0.07 -18.34
N TYR D 89 3.15 -0.24 -17.26
CA TYR D 89 4.44 -0.91 -17.34
C TYR D 89 4.27 -2.41 -17.23
N PHE D 90 5.10 -3.14 -17.98
CA PHE D 90 5.12 -4.59 -17.95
C PHE D 90 6.55 -5.06 -17.73
N CYS D 91 6.73 -6.11 -16.93
CA CYS D 91 8.04 -6.71 -16.75
C CYS D 91 8.01 -8.14 -17.25
N ALA D 92 8.82 -8.43 -18.26
CA ALA D 92 8.86 -9.76 -18.84
C ALA D 92 10.23 -10.40 -18.61
N SER D 93 10.26 -11.72 -18.71
CA SER D 93 11.47 -12.50 -18.47
C SER D 93 11.43 -13.72 -19.36
N SER D 94 12.60 -14.12 -19.87
CA SER D 94 12.66 -15.23 -20.80
C SER D 94 14.10 -15.69 -20.95
N ASP D 95 14.26 -16.81 -21.64
CA ASP D 95 15.54 -17.23 -22.17
C ASP D 95 15.88 -16.33 -23.36
N PRO D 96 17.13 -16.36 -23.83
CA PRO D 96 17.52 -15.38 -24.89
C PRO D 96 16.61 -15.36 -26.11
N GLY D 97 16.26 -16.52 -26.66
CA GLY D 97 15.44 -16.54 -27.86
C GLY D 97 14.11 -17.23 -27.70
N THR D 98 13.86 -17.85 -26.55
CA THR D 98 12.60 -18.55 -26.31
C THR D 98 11.48 -17.53 -26.13
N GLU D 99 10.25 -18.04 -25.99
CA GLU D 99 9.10 -17.19 -25.77
C GLU D 99 9.28 -16.36 -24.50
N ALA D 100 8.82 -15.11 -24.56
CA ALA D 100 8.86 -14.23 -23.41
C ALA D 100 7.63 -14.45 -22.55
N PHE D 101 7.82 -14.35 -21.24
CA PHE D 101 6.76 -14.52 -20.26
C PHE D 101 6.55 -13.17 -19.57
N PHE D 102 5.29 -12.74 -19.50
CA PHE D 102 4.95 -11.46 -18.90
C PHE D 102 4.22 -11.69 -17.59
N GLY D 103 4.46 -10.80 -16.63
CA GLY D 103 3.74 -10.82 -15.38
C GLY D 103 2.50 -9.95 -15.44
N GLN D 104 1.78 -9.94 -14.32
CA GLN D 104 0.59 -9.09 -14.22
C GLN D 104 1.01 -7.62 -14.37
N GLY D 105 0.50 -6.97 -15.41
CA GLY D 105 0.90 -5.60 -15.69
C GLY D 105 0.62 -4.67 -14.54
N THR D 106 1.38 -3.57 -14.52
CA THR D 106 1.26 -2.56 -13.46
C THR D 106 0.89 -1.22 -14.08
N ARG D 107 -0.28 -0.72 -13.72
CA ARG D 107 -0.76 0.56 -14.22
C ARG D 107 -0.32 1.67 -13.27
N LEU D 108 0.47 2.61 -13.77
CA LEU D 108 0.98 3.69 -12.94
C LEU D 108 0.51 5.01 -13.53
N THR D 109 0.02 5.89 -12.67
CA THR D 109 -0.54 7.16 -13.06
C THR D 109 0.04 8.26 -12.18
N VAL D 110 0.58 9.29 -12.81
CA VAL D 110 1.15 10.44 -12.12
C VAL D 110 0.16 11.59 -12.22
N VAL D 111 -0.12 12.22 -11.08
CA VAL D 111 -1.12 13.27 -11.01
C VAL D 111 -0.43 14.57 -10.62
N GLU D 112 -1.06 15.69 -11.00
CA GLU D 112 -0.51 17.00 -10.66
C GLU D 112 -0.52 17.22 -9.16
N ASP D 113 -1.68 17.02 -8.53
CA ASP D 113 -1.83 17.21 -7.10
C ASP D 113 -2.62 16.04 -6.53
N LEU D 114 -2.32 15.70 -5.28
CA LEU D 114 -3.00 14.58 -4.62
C LEU D 114 -4.48 14.89 -4.38
N ARG D 115 -4.83 16.17 -4.25
CA ARG D 115 -6.20 16.54 -3.90
C ARG D 115 -7.21 16.12 -4.96
N ASN D 116 -6.79 15.97 -6.21
CA ASN D 116 -7.72 15.63 -7.28
C ASN D 116 -8.29 14.22 -7.18
N VAL D 117 -7.65 13.34 -6.41
CA VAL D 117 -8.10 11.96 -6.30
C VAL D 117 -9.31 11.85 -5.38
N PHE D 118 -10.40 11.27 -5.88
CA PHE D 118 -11.58 10.94 -5.09
C PHE D 118 -12.25 9.71 -5.71
N PRO D 119 -12.80 8.82 -4.90
CA PRO D 119 -13.30 7.53 -5.42
C PRO D 119 -14.58 7.69 -6.22
N PRO D 120 -15.00 6.63 -6.93
CA PRO D 120 -16.20 6.72 -7.77
C PRO D 120 -17.49 6.58 -6.98
N GLU D 121 -18.57 7.00 -7.64
CA GLU D 121 -19.94 6.80 -7.17
C GLU D 121 -20.63 5.80 -8.09
N VAL D 122 -21.15 4.72 -7.51
CA VAL D 122 -21.68 3.59 -8.27
C VAL D 122 -23.18 3.47 -8.01
N ALA D 123 -23.91 2.98 -9.02
CA ALA D 123 -25.35 2.79 -8.91
C ALA D 123 -25.81 1.71 -9.89
N VAL D 124 -26.74 0.88 -9.44
CA VAL D 124 -27.33 -0.18 -10.26
C VAL D 124 -28.77 0.20 -10.59
N PHE D 125 -29.15 -0.01 -11.85
CA PHE D 125 -30.46 0.40 -12.34
C PHE D 125 -31.32 -0.82 -12.67
N GLU D 126 -32.59 -0.77 -12.26
CA GLU D 126 -33.51 -1.89 -12.44
C GLU D 126 -33.99 -1.97 -13.88
N PRO D 127 -34.31 -3.17 -14.36
CA PRO D 127 -34.70 -3.33 -15.76
C PRO D 127 -36.11 -2.80 -16.01
N SER D 128 -36.39 -2.58 -17.30
CA SER D 128 -37.68 -2.06 -17.73
C SER D 128 -38.68 -3.20 -17.92
N GLU D 129 -39.94 -2.94 -17.53
CA GLU D 129 -40.99 -3.93 -17.76
C GLU D 129 -41.24 -4.15 -19.24
N ALA D 130 -41.07 -3.12 -20.07
CA ALA D 130 -41.19 -3.31 -21.51
C ALA D 130 -40.13 -4.28 -22.02
N GLU D 131 -38.92 -4.22 -21.44
CA GLU D 131 -37.86 -5.13 -21.86
C GLU D 131 -38.22 -6.58 -21.58
N ILE D 132 -38.66 -6.90 -20.36
CA ILE D 132 -39.05 -8.27 -20.07
C ILE D 132 -40.30 -8.65 -20.84
N SER D 133 -41.16 -7.67 -21.15
CA SER D 133 -42.36 -7.96 -21.92
C SER D 133 -42.03 -8.42 -23.34
N HIS D 134 -41.18 -7.66 -24.05
CA HIS D 134 -40.90 -8.00 -25.44
C HIS D 134 -39.72 -8.96 -25.61
N THR D 135 -38.57 -8.64 -25.02
CA THR D 135 -37.36 -9.43 -25.22
C THR D 135 -37.45 -10.79 -24.53
N GLN D 136 -38.20 -10.90 -23.44
CA GLN D 136 -38.23 -12.06 -22.56
C GLN D 136 -36.92 -12.26 -21.82
N LYS D 137 -36.15 -11.19 -21.63
CA LYS D 137 -34.90 -11.23 -20.88
C LYS D 137 -34.64 -9.86 -20.30
N ALA D 138 -34.07 -9.81 -19.11
CA ALA D 138 -33.85 -8.57 -18.37
C ALA D 138 -32.39 -8.16 -18.45
N THR D 139 -32.15 -6.85 -18.47
CA THR D 139 -30.80 -6.30 -18.58
C THR D 139 -30.57 -5.29 -17.46
N LEU D 140 -29.81 -5.68 -16.45
CA LEU D 140 -29.38 -4.74 -15.43
C LEU D 140 -28.15 -3.96 -15.90
N VAL D 141 -28.03 -2.72 -15.42
CA VAL D 141 -26.96 -1.83 -15.83
C VAL D 141 -26.33 -1.22 -14.58
N CYS D 142 -25.00 -1.25 -14.51
CA CYS D 142 -24.25 -0.64 -13.42
C CYS D 142 -23.45 0.54 -13.98
N LEU D 143 -23.39 1.62 -13.20
CA LEU D 143 -22.78 2.86 -13.65
C LEU D 143 -21.96 3.48 -12.53
N ALA D 144 -20.69 3.76 -12.79
CA ALA D 144 -19.81 4.46 -11.86
C ALA D 144 -19.30 5.75 -12.49
N THR D 145 -19.24 6.81 -11.69
CA THR D 145 -18.86 8.13 -12.19
C THR D 145 -17.93 8.84 -11.20
N GLY D 146 -17.17 9.80 -11.73
CA GLY D 146 -16.44 10.74 -10.91
C GLY D 146 -15.23 10.21 -10.18
N PHE D 147 -14.52 9.25 -10.75
CA PHE D 147 -13.28 8.73 -10.18
C PHE D 147 -12.09 9.14 -11.03
N TYR D 148 -11.03 9.62 -10.37
CA TYR D 148 -9.78 9.98 -11.03
C TYR D 148 -8.63 9.40 -10.21
N PRO D 149 -7.73 8.63 -10.83
CA PRO D 149 -7.70 8.20 -12.23
C PRO D 149 -8.37 6.86 -12.52
N ASP D 150 -8.08 6.31 -13.70
CA ASP D 150 -8.63 5.04 -14.17
C ASP D 150 -7.90 3.87 -13.52
N HIS D 151 -8.16 3.68 -12.22
CA HIS D 151 -7.61 2.56 -11.45
C HIS D 151 -8.76 1.81 -10.77
N VAL D 152 -9.62 1.19 -11.58
CA VAL D 152 -10.79 0.49 -11.06
C VAL D 152 -10.96 -0.84 -11.78
N GLU D 153 -11.54 -1.80 -11.06
CA GLU D 153 -11.91 -3.09 -11.62
C GLU D 153 -13.35 -3.41 -11.22
N LEU D 154 -14.20 -3.67 -12.21
CA LEU D 154 -15.62 -3.89 -11.98
C LEU D 154 -15.95 -5.37 -12.13
N SER D 155 -16.76 -5.89 -11.21
CA SER D 155 -17.19 -7.27 -11.23
C SER D 155 -18.67 -7.39 -10.84
N TRP D 156 -19.40 -8.22 -11.57
CA TRP D 156 -20.77 -8.56 -11.23
C TRP D 156 -20.78 -9.76 -10.28
N TRP D 157 -21.75 -9.78 -9.37
CA TRP D 157 -21.85 -10.85 -8.40
C TRP D 157 -23.32 -11.22 -8.24
N VAL D 158 -23.61 -12.53 -8.24
CA VAL D 158 -24.96 -13.03 -8.04
C VAL D 158 -24.93 -14.01 -6.88
N ASN D 159 -25.65 -13.68 -5.80
CA ASN D 159 -25.74 -14.50 -4.61
C ASN D 159 -24.35 -14.82 -4.05
N GLY D 160 -23.50 -13.80 -3.99
CA GLY D 160 -22.15 -13.97 -3.49
C GLY D 160 -21.22 -14.71 -4.43
N LYS D 161 -21.61 -14.89 -5.69
CA LYS D 161 -20.83 -15.64 -6.67
C LYS D 161 -20.63 -14.77 -7.91
N GLU D 162 -19.38 -14.61 -8.31
CA GLU D 162 -19.06 -13.81 -9.48
C GLU D 162 -19.47 -14.54 -10.76
N VAL D 163 -20.35 -13.92 -11.54
CA VAL D 163 -20.89 -14.52 -12.75
C VAL D 163 -19.98 -14.18 -13.91
N HIS D 164 -19.97 -15.08 -14.91
CA HIS D 164 -19.12 -14.93 -16.08
C HIS D 164 -19.87 -14.82 -17.39
N SER D 165 -21.12 -15.28 -17.45
CA SER D 165 -21.92 -15.24 -18.67
C SER D 165 -22.83 -14.02 -18.68
N GLY D 166 -23.06 -13.47 -19.87
CA GLY D 166 -23.89 -12.29 -20.00
C GLY D 166 -23.35 -11.03 -19.37
N VAL D 167 -22.03 -10.87 -19.36
CA VAL D 167 -21.38 -9.74 -18.71
C VAL D 167 -20.71 -8.89 -19.77
N CYS D 168 -20.90 -7.57 -19.67
CA CYS D 168 -20.18 -6.62 -20.52
C CYS D 168 -19.65 -5.47 -19.68
N THR D 169 -18.47 -4.99 -20.03
CA THR D 169 -17.85 -3.84 -19.39
C THR D 169 -17.17 -3.00 -20.45
N ASP D 170 -17.30 -1.68 -20.32
CA ASP D 170 -16.66 -0.77 -21.26
C ASP D 170 -15.15 -0.99 -21.26
N PRO D 171 -14.53 -1.19 -22.43
CA PRO D 171 -13.07 -1.43 -22.44
C PRO D 171 -12.27 -0.28 -21.86
N GLN D 172 -12.69 0.96 -22.12
CA GLN D 172 -12.02 2.14 -21.62
C GLN D 172 -13.03 3.08 -20.99
N PRO D 173 -12.62 3.84 -19.97
CA PRO D 173 -13.55 4.77 -19.33
C PRO D 173 -13.72 6.04 -20.16
N LEU D 174 -14.89 6.64 -20.01
CA LEU D 174 -15.20 7.88 -20.71
C LEU D 174 -14.98 9.06 -19.79
N LYS D 175 -14.31 10.10 -20.29
CA LYS D 175 -14.10 11.31 -19.52
C LYS D 175 -15.40 12.12 -19.50
N GLU D 176 -15.79 12.60 -18.32
CA GLU D 176 -17.02 13.37 -18.21
C GLU D 176 -16.93 14.65 -19.03
N GLN D 177 -15.86 15.42 -18.84
CA GLN D 177 -15.53 16.53 -19.72
C GLN D 177 -14.06 16.43 -20.10
N PRO D 178 -13.73 16.12 -21.36
CA PRO D 178 -12.32 15.98 -21.73
C PRO D 178 -11.70 17.29 -22.18
N ALA D 179 -11.99 18.38 -21.49
CA ALA D 179 -11.49 19.68 -21.93
C ALA D 179 -10.03 19.93 -21.54
N LEU D 180 -9.57 19.34 -20.44
CA LEU D 180 -8.22 19.56 -19.94
C LEU D 180 -7.59 18.23 -19.54
N ASN D 181 -6.32 18.30 -19.11
CA ASN D 181 -5.58 17.10 -18.73
C ASN D 181 -6.18 16.45 -17.49
N ASP D 182 -6.49 17.25 -16.46
CA ASP D 182 -7.11 16.71 -15.26
C ASP D 182 -8.59 16.51 -15.55
N SER D 183 -9.02 15.25 -15.61
CA SER D 183 -10.39 14.91 -15.93
C SER D 183 -10.84 13.71 -15.12
N ARG D 184 -12.08 13.74 -14.67
CA ARG D 184 -12.67 12.63 -13.94
C ARG D 184 -13.31 11.65 -14.91
N TYR D 185 -13.30 10.37 -14.56
CA TYR D 185 -13.69 9.30 -15.46
C TYR D 185 -15.01 8.68 -15.05
N ALA D 186 -15.59 7.93 -15.99
CA ALA D 186 -16.86 7.25 -15.79
C ALA D 186 -16.85 5.93 -16.54
N LEU D 187 -17.38 4.88 -15.91
CA LEU D 187 -17.40 3.54 -16.46
C LEU D 187 -18.80 2.95 -16.32
N SER D 188 -19.12 2.01 -17.22
CA SER D 188 -20.44 1.39 -17.24
C SER D 188 -20.28 -0.10 -17.50
N SER D 189 -21.32 -0.87 -17.13
CA SER D 189 -21.33 -2.30 -17.35
C SER D 189 -22.77 -2.79 -17.46
N ARG D 190 -22.95 -3.91 -18.16
CA ARG D 190 -24.27 -4.49 -18.35
C ARG D 190 -24.25 -5.98 -18.01
N LEU D 191 -25.41 -6.47 -17.55
CA LEU D 191 -25.60 -7.87 -17.17
C LEU D 191 -26.98 -8.30 -17.66
N ARG D 192 -27.02 -9.20 -18.64
CA ARG D 192 -28.27 -9.68 -19.20
C ARG D 192 -28.54 -11.10 -18.70
N VAL D 193 -29.78 -11.34 -18.26
CA VAL D 193 -30.21 -12.61 -17.71
C VAL D 193 -31.62 -12.91 -18.20
N SER D 194 -32.08 -14.13 -17.93
CA SER D 194 -33.44 -14.52 -18.29
C SER D 194 -34.46 -13.81 -17.43
N ALA D 195 -35.59 -13.45 -18.03
CA ALA D 195 -36.64 -12.74 -17.31
C ALA D 195 -37.25 -13.60 -16.21
N THR D 196 -37.39 -14.91 -16.46
CA THR D 196 -37.94 -15.81 -15.45
C THR D 196 -37.05 -15.83 -14.20
N PHE D 197 -35.74 -15.73 -14.39
CA PHE D 197 -34.85 -15.65 -13.24
C PHE D 197 -35.06 -14.34 -12.48
N TRP D 198 -35.22 -13.23 -13.20
CA TRP D 198 -35.35 -11.93 -12.55
C TRP D 198 -36.68 -11.76 -11.85
N GLN D 199 -37.72 -12.48 -12.28
CA GLN D 199 -39.03 -12.32 -11.66
C GLN D 199 -39.08 -12.90 -10.25
N ASN D 200 -38.17 -13.80 -9.92
CA ASN D 200 -38.07 -14.30 -8.55
C ASN D 200 -37.46 -13.20 -7.69
N PRO D 201 -38.11 -12.82 -6.58
CA PRO D 201 -37.52 -11.75 -5.74
C PRO D 201 -36.32 -12.19 -4.94
N ARG D 202 -36.11 -13.50 -4.74
CA ARG D 202 -35.07 -13.98 -3.85
C ARG D 202 -33.65 -13.73 -4.39
N ASN D 203 -33.47 -13.73 -5.71
CA ASN D 203 -32.13 -13.52 -6.25
C ASN D 203 -31.59 -12.15 -5.88
N HIS D 204 -30.26 -12.07 -5.81
CA HIS D 204 -29.55 -10.88 -5.35
C HIS D 204 -28.48 -10.50 -6.36
N PHE D 205 -28.57 -9.29 -6.90
CA PHE D 205 -27.58 -8.78 -7.83
C PHE D 205 -26.72 -7.75 -7.12
N ARG D 206 -25.40 -7.85 -7.30
CA ARG D 206 -24.46 -6.98 -6.60
C ARG D 206 -23.39 -6.56 -7.60
N CYS D 207 -23.43 -5.30 -8.02
CA CYS D 207 -22.35 -4.75 -8.83
C CYS D 207 -21.27 -4.24 -7.89
N GLN D 208 -20.01 -4.50 -8.24
CA GLN D 208 -18.90 -4.22 -7.35
C GLN D 208 -17.79 -3.53 -8.14
N VAL D 209 -17.14 -2.55 -7.51
CA VAL D 209 -16.05 -1.82 -8.13
C VAL D 209 -14.94 -1.71 -7.09
N GLN D 210 -13.81 -2.35 -7.37
CA GLN D 210 -12.61 -2.17 -6.58
C GLN D 210 -11.85 -0.97 -7.10
N PHE D 211 -11.40 -0.12 -6.17
CA PHE D 211 -10.70 1.12 -6.49
C PHE D 211 -9.40 1.15 -5.72
N TYR D 212 -8.29 1.18 -6.45
CA TYR D 212 -6.94 1.17 -5.87
C TYR D 212 -6.48 2.62 -5.76
N GLY D 213 -6.68 3.20 -4.58
CA GLY D 213 -6.37 4.58 -4.34
C GLY D 213 -5.05 4.78 -3.63
N LEU D 214 -5.01 5.80 -2.78
CA LEU D 214 -3.78 6.15 -2.07
C LEU D 214 -3.39 5.08 -1.05
N SER D 215 -2.10 5.00 -0.78
CA SER D 215 -1.61 4.19 0.32
C SER D 215 -1.89 4.89 1.65
N GLU D 216 -1.94 4.09 2.72
CA GLU D 216 -2.22 4.65 4.05
C GLU D 216 -1.14 5.65 4.46
N ASN D 217 0.11 5.41 4.07
CA ASN D 217 1.21 6.28 4.49
C ASN D 217 1.05 7.70 3.96
N ASP D 218 0.40 7.86 2.80
CA ASP D 218 0.23 9.19 2.22
C ASP D 218 -0.59 10.08 3.15
N GLU D 219 -0.08 11.29 3.39
CA GLU D 219 -0.73 12.22 4.28
C GLU D 219 -1.95 12.86 3.61
N TRP D 220 -2.95 13.18 4.42
CA TRP D 220 -4.21 13.71 3.91
C TRP D 220 -4.63 14.89 4.78
N THR D 221 -4.83 16.05 4.15
CA THR D 221 -5.25 17.25 4.86
C THR D 221 -6.66 17.71 4.52
N GLN D 222 -7.17 17.35 3.35
CA GLN D 222 -8.50 17.78 2.95
C GLN D 222 -9.56 17.19 3.89
N ASP D 223 -10.59 18.00 4.17
CA ASP D 223 -11.65 17.57 5.07
C ASP D 223 -12.43 16.38 4.51
N ARG D 224 -12.50 16.27 3.19
CA ARG D 224 -13.26 15.19 2.55
C ARG D 224 -12.70 13.83 2.92
N ALA D 225 -13.57 12.82 2.87
CA ALA D 225 -13.19 11.44 3.18
C ALA D 225 -11.99 11.02 2.34
N LYS D 226 -10.98 10.46 3.01
CA LYS D 226 -9.74 10.09 2.35
C LYS D 226 -10.00 9.01 1.30
N PRO D 227 -9.46 9.15 0.09
CA PRO D 227 -9.69 8.16 -0.99
C PRO D 227 -8.67 7.02 -0.98
N VAL D 228 -8.81 6.14 0.00
CA VAL D 228 -7.93 4.98 0.11
C VAL D 228 -8.46 3.85 -0.75
N THR D 229 -7.69 2.77 -0.86
CA THR D 229 -8.15 1.59 -1.57
C THR D 229 -9.44 1.08 -0.96
N GLN D 230 -10.49 0.96 -1.76
CA GLN D 230 -11.78 0.58 -1.21
C GLN D 230 -12.63 -0.13 -2.25
N ILE D 231 -13.64 -0.83 -1.76
CA ILE D 231 -14.58 -1.57 -2.60
C ILE D 231 -15.94 -0.90 -2.43
N VAL D 232 -16.51 -0.44 -3.54
CA VAL D 232 -17.82 0.20 -3.54
C VAL D 232 -18.77 -0.66 -4.35
N SER D 233 -19.91 -1.02 -3.75
CA SER D 233 -20.85 -1.92 -4.38
C SER D 233 -22.27 -1.38 -4.27
N ALA D 234 -23.08 -1.71 -5.28
CA ALA D 234 -24.50 -1.39 -5.29
C ALA D 234 -25.29 -2.67 -5.51
N GLU D 235 -26.37 -2.82 -4.75
CA GLU D 235 -27.11 -4.07 -4.73
C GLU D 235 -28.57 -3.85 -5.13
N ALA D 236 -29.20 -4.93 -5.57
CA ALA D 236 -30.58 -4.89 -6.02
C ALA D 236 -31.18 -6.29 -5.92
N TRP D 237 -32.51 -6.32 -5.88
CA TRP D 237 -33.27 -7.55 -5.76
C TRP D 237 -34.31 -7.62 -6.87
N GLY D 238 -34.84 -8.83 -7.06
CA GLY D 238 -35.86 -9.03 -8.07
C GLY D 238 -37.22 -8.50 -7.64
N ARG D 239 -37.98 -8.03 -8.62
CA ARG D 239 -39.29 -7.41 -8.39
C ARG D 239 -40.30 -8.14 -9.27
N ALA D 240 -41.10 -9.00 -8.66
CA ALA D 240 -42.12 -9.76 -9.38
C ALA D 240 -43.23 -8.86 -9.90
N SER E 2 34.88 -27.78 -50.48
CA SER E 2 33.74 -27.63 -49.58
C SER E 2 34.17 -26.97 -48.26
N HIS E 3 33.27 -26.19 -47.68
CA HIS E 3 33.51 -25.51 -46.41
C HIS E 3 32.47 -25.95 -45.39
N SER E 4 32.77 -25.73 -44.13
CA SER E 4 31.87 -26.12 -43.05
C SER E 4 32.25 -25.41 -41.77
N MET E 5 31.30 -25.31 -40.85
CA MET E 5 31.53 -24.75 -39.53
C MET E 5 31.09 -25.76 -38.48
N ARG E 6 31.94 -25.99 -37.48
CA ARG E 6 31.70 -26.98 -36.44
C ARG E 6 31.97 -26.37 -35.07
N TYR E 7 31.19 -26.81 -34.08
CA TYR E 7 31.30 -26.36 -32.70
C TYR E 7 31.29 -27.56 -31.79
N PHE E 8 32.23 -27.59 -30.84
CA PHE E 8 32.39 -28.72 -29.93
C PHE E 8 32.37 -28.24 -28.49
N TYR E 9 31.48 -28.82 -27.69
CA TYR E 9 31.34 -28.54 -26.27
C TYR E 9 31.66 -29.79 -25.47
N THR E 10 32.37 -29.62 -24.36
CA THR E 10 32.70 -30.72 -23.46
C THR E 10 32.47 -30.27 -22.03
N ALA E 11 31.73 -31.06 -21.26
CA ALA E 11 31.44 -30.77 -19.87
C ALA E 11 31.87 -31.97 -19.03
N VAL E 12 32.81 -31.75 -18.11
CA VAL E 12 33.31 -32.81 -17.24
C VAL E 12 32.83 -32.52 -15.82
N SER E 13 32.03 -33.43 -15.29
CA SER E 13 31.47 -33.30 -13.94
C SER E 13 32.45 -33.91 -12.96
N ARG E 14 32.96 -33.05 -12.07
CA ARG E 14 33.94 -33.35 -11.04
C ARG E 14 33.29 -33.20 -9.66
N PRO E 15 33.27 -34.23 -8.82
CA PRO E 15 32.68 -34.07 -7.48
C PRO E 15 33.70 -33.67 -6.43
N GLY E 16 33.30 -32.72 -5.57
CA GLY E 16 34.14 -32.26 -4.49
C GLY E 16 35.10 -31.14 -4.82
N ARG E 17 35.25 -30.77 -6.08
CA ARG E 17 36.12 -29.67 -6.50
C ARG E 17 35.33 -28.51 -7.07
N GLY E 18 34.03 -28.46 -6.80
CA GLY E 18 33.16 -27.38 -7.23
C GLY E 18 32.37 -27.72 -8.48
N GLU E 19 32.11 -26.70 -9.29
CA GLU E 19 31.26 -26.87 -10.47
C GLU E 19 32.03 -27.57 -11.59
N PRO E 20 31.32 -28.26 -12.48
CA PRO E 20 32.00 -28.98 -13.57
C PRO E 20 32.75 -28.03 -14.49
N ARG E 21 33.68 -28.60 -15.25
CA ARG E 21 34.48 -27.84 -16.21
C ARG E 21 33.83 -27.87 -17.59
N PHE E 22 33.78 -26.70 -18.22
CA PHE E 22 33.18 -26.53 -19.54
C PHE E 22 34.27 -26.04 -20.50
N ILE E 23 34.34 -26.66 -21.68
CA ILE E 23 35.32 -26.30 -22.71
C ILE E 23 34.59 -26.25 -24.04
N ALA E 24 34.74 -25.13 -24.75
CA ALA E 24 34.06 -24.93 -26.03
C ALA E 24 35.07 -24.49 -27.07
N VAL E 25 35.00 -25.10 -28.27
CA VAL E 25 35.90 -24.78 -29.36
C VAL E 25 35.10 -24.64 -30.65
N GLY E 26 35.58 -23.74 -31.52
CA GLY E 26 34.98 -23.49 -32.81
C GLY E 26 35.94 -23.64 -33.98
N TYR E 27 35.49 -24.38 -34.98
CA TYR E 27 36.36 -24.63 -36.14
C TYR E 27 35.62 -24.26 -37.41
N VAL E 28 36.28 -23.52 -38.29
CA VAL E 28 35.77 -23.21 -39.65
C VAL E 28 36.65 -24.09 -40.50
N ASP E 29 36.08 -25.00 -41.29
CA ASP E 29 36.92 -25.95 -42.05
C ASP E 29 37.76 -26.68 -41.01
N ASP E 30 39.08 -26.49 -41.02
CA ASP E 30 39.95 -27.15 -40.03
C ASP E 30 40.84 -26.12 -39.36
N THR E 31 40.37 -24.87 -39.29
CA THR E 31 41.17 -23.81 -38.64
C THR E 31 40.40 -23.36 -37.40
N GLN E 32 41.01 -23.37 -36.23
CA GLN E 32 40.32 -22.98 -34.98
C GLN E 32 40.19 -21.46 -34.93
N PHE E 33 39.06 -20.94 -34.44
CA PHE E 33 38.88 -19.50 -34.36
C PHE E 33 38.51 -19.00 -32.97
N VAL E 34 37.84 -19.84 -32.18
CA VAL E 34 37.41 -19.45 -30.85
C VAL E 34 37.62 -20.61 -29.88
N GLN E 35 37.83 -20.26 -28.60
CA GLN E 35 37.96 -21.25 -27.54
C GLN E 35 37.57 -20.61 -26.21
N PHE E 36 36.76 -21.33 -25.44
CA PHE E 36 36.32 -20.87 -24.13
C PHE E 36 36.39 -22.02 -23.15
N ASP E 37 36.93 -21.77 -21.96
CA ASP E 37 36.97 -22.77 -20.90
C ASP E 37 36.51 -22.10 -19.60
N SER E 38 35.66 -22.78 -18.86
CA SER E 38 35.08 -22.19 -17.66
C SER E 38 36.06 -22.14 -16.50
N ASP E 39 37.07 -23.01 -16.49
CA ASP E 39 38.03 -23.06 -15.38
C ASP E 39 39.26 -22.21 -15.63
N ALA E 40 39.23 -21.31 -16.62
CA ALA E 40 40.35 -20.42 -16.86
C ALA E 40 40.43 -19.36 -15.76
N ALA E 41 41.57 -18.67 -15.72
CA ALA E 41 41.76 -17.60 -14.75
C ALA E 41 40.73 -16.50 -14.95
N SER E 42 40.51 -16.09 -16.20
CA SER E 42 39.48 -15.12 -16.57
C SER E 42 38.64 -15.73 -17.68
N PRO E 43 37.54 -16.40 -17.34
CA PRO E 43 36.74 -17.09 -18.36
C PRO E 43 36.08 -16.14 -19.35
N ARG E 44 36.54 -16.18 -20.60
CA ARG E 44 35.98 -15.37 -21.66
C ARG E 44 36.37 -15.98 -23.00
N GLY E 45 35.59 -15.64 -24.03
CA GLY E 45 35.87 -16.11 -25.36
C GLY E 45 37.23 -15.64 -25.85
N GLU E 46 38.06 -16.60 -26.30
CA GLU E 46 39.41 -16.28 -26.72
C GLU E 46 39.54 -16.45 -28.22
N PRO E 47 40.15 -15.50 -28.91
CA PRO E 47 40.36 -15.65 -30.35
C PRO E 47 41.65 -16.37 -30.67
N ARG E 48 41.58 -17.38 -31.54
CA ARG E 48 42.74 -18.12 -31.98
C ARG E 48 43.04 -17.93 -33.47
N ALA E 49 42.19 -17.22 -34.20
CA ALA E 49 42.42 -16.90 -35.58
C ALA E 49 42.54 -15.39 -35.76
N PRO E 50 43.42 -14.90 -36.64
CA PRO E 50 43.57 -13.45 -36.79
C PRO E 50 42.33 -12.77 -37.34
N TRP E 51 41.52 -13.46 -38.14
CA TRP E 51 40.41 -12.80 -38.83
C TRP E 51 39.23 -12.49 -37.91
N VAL E 52 39.10 -13.16 -36.76
CA VAL E 52 38.08 -12.77 -35.77
C VAL E 52 38.54 -11.69 -34.81
N GLU E 53 39.84 -11.43 -34.72
CA GLU E 53 40.33 -10.44 -33.78
C GLU E 53 39.88 -9.01 -34.15
N GLN E 54 39.53 -8.78 -35.41
CA GLN E 54 39.05 -7.48 -35.85
C GLN E 54 37.54 -7.31 -35.64
N GLU E 55 36.89 -8.27 -34.99
CA GLU E 55 35.49 -8.12 -34.61
C GLU E 55 35.38 -7.25 -33.37
N GLY E 56 34.25 -6.56 -33.23
CA GLY E 56 34.02 -5.66 -32.13
C GLY E 56 34.09 -6.37 -30.78
N PRO E 57 34.52 -5.64 -29.75
CA PRO E 57 34.56 -6.24 -28.40
C PRO E 57 33.20 -6.69 -27.91
N GLU E 58 32.13 -5.99 -28.29
CA GLU E 58 30.79 -6.43 -27.92
C GLU E 58 30.49 -7.82 -28.46
N TYR E 59 31.04 -8.17 -29.62
CA TYR E 59 30.89 -9.53 -30.14
C TYR E 59 31.49 -10.55 -29.18
N TRP E 60 32.68 -10.27 -28.65
CA TRP E 60 33.29 -11.17 -27.68
C TRP E 60 32.48 -11.24 -26.40
N ASP E 61 31.94 -10.10 -25.95
CA ASP E 61 31.10 -10.11 -24.76
C ASP E 61 29.87 -11.00 -24.95
N ARG E 62 29.17 -10.82 -26.07
CA ARG E 62 27.98 -11.61 -26.37
C ARG E 62 28.31 -13.10 -26.46
N GLU E 63 29.40 -13.45 -27.13
CA GLU E 63 29.77 -14.86 -27.24
C GLU E 63 30.13 -15.44 -25.89
N THR E 64 30.84 -14.68 -25.06
CA THR E 64 31.14 -15.11 -23.70
C THR E 64 29.86 -15.37 -22.91
N GLN E 65 28.86 -14.49 -23.08
CA GLN E 65 27.59 -14.70 -22.38
C GLN E 65 26.91 -15.98 -22.86
N LYS E 66 26.92 -16.21 -24.18
CA LYS E 66 26.42 -17.48 -24.71
C LYS E 66 27.09 -18.66 -24.05
N TYR E 67 28.42 -18.62 -23.95
CA TYR E 67 29.16 -19.75 -23.40
C TYR E 67 28.88 -19.95 -21.92
N LYS E 68 28.76 -18.87 -21.15
CA LYS E 68 28.46 -18.99 -19.72
C LYS E 68 27.07 -19.59 -19.52
N ARG E 69 26.08 -19.09 -20.27
CA ARG E 69 24.73 -19.66 -20.21
C ARG E 69 24.76 -21.14 -20.56
N GLN E 70 25.52 -21.53 -21.58
CA GLN E 70 25.62 -22.93 -21.94
C GLN E 70 26.31 -23.74 -20.85
N ALA E 71 27.27 -23.14 -20.12
CA ALA E 71 27.91 -23.84 -19.02
C ALA E 71 26.90 -24.17 -17.91
N GLN E 72 26.11 -23.17 -17.52
CA GLN E 72 25.07 -23.43 -16.52
C GLN E 72 24.07 -24.47 -17.02
N THR E 73 23.63 -24.34 -18.27
CA THR E 73 22.74 -25.31 -18.87
C THR E 73 23.34 -26.71 -18.82
N ASP E 74 24.65 -26.83 -19.06
CA ASP E 74 25.29 -28.13 -19.09
C ASP E 74 25.43 -28.72 -17.70
N ARG E 75 25.61 -27.88 -16.67
CA ARG E 75 25.57 -28.40 -15.31
C ARG E 75 24.19 -28.99 -15.01
N VAL E 76 23.13 -28.25 -15.37
CA VAL E 76 21.78 -28.77 -15.19
C VAL E 76 21.61 -30.08 -15.97
N SER E 77 22.17 -30.14 -17.17
CA SER E 77 22.10 -31.34 -18.00
C SER E 77 22.80 -32.52 -17.33
N LEU E 78 23.96 -32.27 -16.73
CA LEU E 78 24.68 -33.34 -16.04
C LEU E 78 23.89 -33.86 -14.85
N ARG E 79 23.31 -32.96 -14.05
CA ARG E 79 22.47 -33.40 -12.94
C ARG E 79 21.29 -34.22 -13.43
N ASN E 80 20.62 -33.76 -14.49
CA ASN E 80 19.49 -34.50 -15.04
C ASN E 80 19.92 -35.88 -15.53
N LEU E 81 21.06 -35.95 -16.22
CA LEU E 81 21.54 -37.23 -16.74
C LEU E 81 21.88 -38.19 -15.61
N ARG E 82 22.52 -37.68 -14.54
CA ARG E 82 22.72 -38.48 -13.35
C ARG E 82 21.41 -39.05 -12.83
N GLY E 83 20.40 -38.18 -12.70
CA GLY E 83 19.09 -38.65 -12.24
C GLY E 83 18.49 -39.70 -13.15
N TYR E 84 18.66 -39.52 -14.47
CA TYR E 84 18.12 -40.48 -15.43
C TYR E 84 18.76 -41.85 -15.27
N TYR E 85 20.09 -41.89 -15.16
CA TYR E 85 20.79 -43.13 -14.90
C TYR E 85 20.88 -43.48 -13.41
N ASN E 86 20.31 -42.66 -12.53
CA ASN E 86 20.39 -42.82 -11.08
C ASN E 86 21.80 -43.22 -10.65
N GLN E 87 22.80 -42.57 -11.23
CA GLN E 87 24.20 -42.89 -10.97
C GLN E 87 24.69 -42.17 -9.72
N SER E 88 25.74 -42.71 -9.13
CA SER E 88 26.30 -42.14 -7.91
C SER E 88 26.82 -40.73 -8.16
N GLU E 89 26.77 -39.90 -7.12
CA GLU E 89 27.20 -38.51 -7.22
C GLU E 89 28.72 -38.36 -7.06
N ALA E 90 29.43 -39.44 -6.75
CA ALA E 90 30.87 -39.38 -6.52
C ALA E 90 31.69 -39.80 -7.73
N GLY E 91 31.06 -39.88 -8.91
CA GLY E 91 31.74 -40.28 -10.13
C GLY E 91 31.80 -39.12 -11.12
N SER E 92 32.99 -38.94 -11.70
CA SER E 92 33.16 -37.93 -12.73
C SER E 92 32.52 -38.41 -14.03
N HIS E 93 31.93 -37.48 -14.78
CA HIS E 93 31.22 -37.89 -15.99
C HIS E 93 31.39 -36.88 -17.11
N THR E 94 31.39 -37.37 -18.35
CA THR E 94 31.66 -36.53 -19.51
C THR E 94 30.41 -36.41 -20.37
N LEU E 95 30.09 -35.18 -20.77
CA LEU E 95 28.99 -34.88 -21.68
C LEU E 95 29.56 -34.09 -22.85
N GLN E 96 29.34 -34.57 -24.07
CA GLN E 96 29.88 -33.95 -25.26
C GLN E 96 28.76 -33.53 -26.19
N ARG E 97 28.94 -32.38 -26.83
CA ARG E 97 27.97 -31.84 -27.78
C ARG E 97 28.72 -31.41 -29.03
N MET E 98 28.23 -31.83 -30.20
CA MET E 98 28.86 -31.46 -31.46
C MET E 98 27.77 -30.98 -32.41
N TYR E 99 27.93 -29.77 -32.92
CA TYR E 99 26.94 -29.27 -33.87
C TYR E 99 27.60 -28.37 -34.92
N GLY E 100 27.09 -28.44 -36.13
CA GLY E 100 27.67 -27.65 -37.21
C GLY E 100 26.83 -27.74 -38.47
N CYS E 101 27.26 -26.97 -39.46
CA CYS E 101 26.60 -26.93 -40.76
C CYS E 101 27.64 -26.90 -41.87
N ASP E 102 27.35 -27.61 -42.96
CA ASP E 102 28.25 -27.78 -44.09
C ASP E 102 27.74 -26.99 -45.29
N LEU E 103 28.56 -26.09 -45.81
CA LEU E 103 28.20 -25.32 -46.99
C LEU E 103 28.41 -26.16 -48.23
N GLY E 104 27.45 -26.09 -49.16
CA GLY E 104 27.54 -26.83 -50.40
C GLY E 104 28.33 -26.06 -51.44
N PRO E 105 28.57 -26.71 -52.60
CA PRO E 105 29.28 -26.01 -53.68
C PRO E 105 28.47 -24.90 -54.32
N ASP E 106 27.14 -24.94 -54.22
CA ASP E 106 26.28 -23.94 -54.85
C ASP E 106 25.96 -22.78 -53.92
N GLY E 107 26.78 -22.55 -52.88
CA GLY E 107 26.52 -21.47 -51.95
C GLY E 107 25.21 -21.58 -51.20
N ARG E 108 24.86 -22.78 -50.76
CA ARG E 108 23.63 -23.00 -50.01
C ARG E 108 23.88 -24.06 -48.95
N LEU E 109 22.96 -24.17 -48.01
CA LEU E 109 23.09 -25.18 -46.96
C LEU E 109 23.04 -26.58 -47.57
N LEU E 110 24.03 -27.40 -47.24
CA LEU E 110 24.06 -28.79 -47.68
C LEU E 110 23.53 -29.75 -46.61
N ARG E 111 24.05 -29.65 -45.39
CA ARG E 111 23.58 -30.51 -44.31
C ARG E 111 23.91 -29.84 -42.98
N GLY E 112 23.22 -30.29 -41.94
CA GLY E 112 23.48 -29.84 -40.59
C GLY E 112 23.42 -31.00 -39.63
N TYR E 113 24.17 -30.87 -38.55
CA TYR E 113 24.23 -31.94 -37.55
C TYR E 113 24.30 -31.35 -36.16
N ASN E 114 23.68 -32.05 -35.21
CA ASN E 114 23.69 -31.64 -33.80
C ASN E 114 23.44 -32.89 -32.97
N GLN E 115 24.43 -33.29 -32.16
CA GLN E 115 24.33 -34.56 -31.46
C GLN E 115 25.04 -34.46 -30.11
N PHE E 116 24.61 -35.33 -29.20
CA PHE E 116 25.08 -35.38 -27.83
C PHE E 116 25.58 -36.77 -27.49
N ALA E 117 26.49 -36.83 -26.51
CA ALA E 117 27.06 -38.09 -26.05
C ALA E 117 27.30 -38.00 -24.55
N TYR E 118 27.03 -39.09 -23.84
CA TYR E 118 27.28 -39.18 -22.40
C TYR E 118 28.35 -40.22 -22.17
N ASP E 119 29.47 -39.80 -21.58
CA ASP E 119 30.60 -40.67 -21.27
C ASP E 119 31.00 -41.49 -22.50
N GLY E 120 31.13 -40.82 -23.64
CA GLY E 120 31.53 -41.46 -24.87
C GLY E 120 30.48 -42.32 -25.54
N LYS E 121 29.26 -42.36 -25.01
CA LYS E 121 28.18 -43.15 -25.60
C LYS E 121 27.23 -42.22 -26.35
N ASP E 122 26.88 -42.61 -27.57
CA ASP E 122 25.85 -41.89 -28.32
C ASP E 122 24.58 -41.80 -27.51
N TYR E 123 24.09 -40.59 -27.29
CA TYR E 123 22.88 -40.37 -26.50
C TYR E 123 21.68 -40.01 -27.37
N ILE E 124 21.75 -38.89 -28.09
CA ILE E 124 20.66 -38.46 -28.95
C ILE E 124 21.25 -37.67 -30.11
N ALA E 125 20.58 -37.71 -31.26
CA ALA E 125 21.07 -37.03 -32.46
C ALA E 125 19.91 -36.43 -33.23
N LEU E 126 20.12 -35.22 -33.75
CA LEU E 126 19.13 -34.59 -34.61
C LEU E 126 19.17 -35.24 -35.98
N ASN E 127 18.02 -35.70 -36.45
CA ASN E 127 17.94 -36.36 -37.74
C ASN E 127 18.18 -35.36 -38.87
N GLU E 128 18.47 -35.90 -40.06
CA GLU E 128 18.75 -35.06 -41.22
C GLU E 128 17.54 -34.26 -41.65
N ASP E 129 16.33 -34.73 -41.33
CA ASP E 129 15.13 -33.95 -41.62
C ASP E 129 15.01 -32.72 -40.72
N LEU E 130 15.81 -32.63 -39.66
CA LEU E 130 15.87 -31.49 -38.76
C LEU E 130 14.54 -31.22 -38.06
N ARG E 131 13.66 -32.23 -38.01
CA ARG E 131 12.38 -32.11 -37.33
C ARG E 131 12.09 -33.25 -36.37
N SER E 132 12.82 -34.36 -36.46
CA SER E 132 12.69 -35.48 -35.54
C SER E 132 14.03 -35.74 -34.86
N TRP E 133 14.05 -36.72 -33.97
CA TRP E 133 15.24 -37.05 -33.20
C TRP E 133 15.49 -38.54 -33.27
N THR E 134 16.71 -38.93 -32.89
CA THR E 134 17.11 -40.33 -32.80
C THR E 134 17.71 -40.56 -31.43
N ALA E 135 17.03 -41.34 -30.60
CA ALA E 135 17.47 -41.67 -29.26
C ALA E 135 18.14 -43.04 -29.27
N ALA E 136 19.36 -43.10 -28.74
CA ALA E 136 20.09 -44.37 -28.73
C ALA E 136 19.48 -45.35 -27.75
N ASP E 137 19.44 -44.98 -26.47
CA ASP E 137 18.92 -45.85 -25.43
C ASP E 137 17.61 -45.31 -24.87
N LYS E 138 17.13 -45.93 -23.79
CA LYS E 138 15.82 -45.60 -23.24
C LYS E 138 15.83 -44.30 -22.44
N ALA E 139 16.93 -44.01 -21.75
CA ALA E 139 17.00 -42.77 -20.99
C ALA E 139 17.01 -41.55 -21.90
N ALA E 140 17.52 -41.70 -23.12
CA ALA E 140 17.47 -40.62 -24.10
C ALA E 140 16.05 -40.37 -24.58
N GLN E 141 15.17 -41.37 -24.49
CA GLN E 141 13.78 -41.17 -24.85
C GLN E 141 13.12 -40.11 -23.97
N ILE E 142 13.58 -39.94 -22.74
CA ILE E 142 13.03 -38.89 -21.86
C ILE E 142 13.33 -37.52 -22.46
N THR E 143 14.59 -37.29 -22.85
CA THR E 143 14.94 -36.04 -23.50
C THR E 143 14.21 -35.87 -24.82
N GLN E 144 14.00 -36.98 -25.54
CA GLN E 144 13.23 -36.92 -26.78
C GLN E 144 11.81 -36.43 -26.52
N ARG E 145 11.15 -36.98 -25.50
CA ARG E 145 9.82 -36.50 -25.11
C ARG E 145 9.85 -35.01 -24.78
N LYS E 146 10.80 -34.61 -23.92
CA LYS E 146 10.85 -33.22 -23.48
C LYS E 146 11.04 -32.26 -24.64
N TRP E 147 11.90 -32.64 -25.59
CA TRP E 147 12.21 -31.76 -26.72
C TRP E 147 11.11 -31.77 -27.77
N GLU E 148 10.44 -32.92 -27.97
CA GLU E 148 9.30 -32.97 -28.87
C GLU E 148 8.15 -32.14 -28.32
N ALA E 149 7.96 -32.14 -27.01
CA ALA E 149 6.93 -31.30 -26.41
C ALA E 149 7.30 -29.83 -26.48
N ALA E 150 8.57 -29.50 -26.20
CA ALA E 150 9.03 -28.12 -26.22
C ALA E 150 9.40 -27.63 -27.61
N ARG E 151 9.41 -28.51 -28.62
CA ARG E 151 9.72 -28.14 -30.00
C ARG E 151 11.09 -27.49 -30.11
N GLU E 152 12.10 -28.16 -29.55
CA GLU E 152 13.49 -27.72 -29.66
C GLU E 152 14.08 -28.02 -31.03
N ALA E 153 13.54 -29.03 -31.74
CA ALA E 153 14.00 -29.33 -33.08
C ALA E 153 13.84 -28.12 -33.99
N GLU E 154 12.75 -27.39 -33.85
CA GLU E 154 12.54 -26.17 -34.63
C GLU E 154 13.61 -25.13 -34.33
N GLN E 155 13.97 -24.97 -33.05
CA GLN E 155 15.03 -24.03 -32.68
C GLN E 155 16.35 -24.41 -33.33
N ARG E 156 16.74 -25.67 -33.21
CA ARG E 156 18.02 -26.11 -33.77
C ARG E 156 18.00 -25.98 -35.30
N ARG E 157 16.89 -26.32 -35.93
CA ARG E 157 16.76 -26.15 -37.37
C ARG E 157 16.86 -24.69 -37.78
N ALA E 158 16.24 -23.80 -37.00
CA ALA E 158 16.35 -22.37 -37.27
C ALA E 158 17.79 -21.91 -37.19
N TYR E 159 18.56 -22.46 -36.24
CA TYR E 159 19.97 -22.07 -36.16
C TYR E 159 20.77 -22.64 -37.31
N LEU E 160 20.48 -23.88 -37.71
CA LEU E 160 21.30 -24.56 -38.71
C LEU E 160 21.02 -24.09 -40.13
N GLU E 161 19.77 -23.73 -40.44
CA GLU E 161 19.44 -23.34 -41.81
C GLU E 161 19.76 -21.88 -42.10
N GLY E 162 19.83 -21.02 -41.09
CA GLY E 162 19.99 -19.61 -41.33
C GLY E 162 21.24 -18.96 -40.78
N THR E 163 21.25 -18.69 -39.47
CA THR E 163 22.29 -17.84 -38.89
C THR E 163 23.67 -18.48 -38.97
N CYS E 164 23.76 -19.81 -38.87
CA CYS E 164 25.06 -20.46 -38.99
C CYS E 164 25.66 -20.23 -40.36
N VAL E 165 24.84 -20.28 -41.41
CA VAL E 165 25.32 -20.03 -42.76
C VAL E 165 25.77 -18.58 -42.90
N GLU E 166 25.02 -17.64 -42.31
CA GLU E 166 25.42 -16.24 -42.33
C GLU E 166 26.78 -16.05 -41.68
N TRP E 167 26.97 -16.62 -40.48
CA TRP E 167 28.26 -16.53 -39.80
C TRP E 167 29.36 -17.17 -40.64
N LEU E 168 29.07 -18.31 -41.27
CA LEU E 168 30.07 -18.99 -42.08
C LEU E 168 30.52 -18.12 -43.25
N ARG E 169 29.55 -17.55 -43.98
CA ARG E 169 29.89 -16.66 -45.09
C ARG E 169 30.69 -15.45 -44.62
N ARG E 170 30.27 -14.85 -43.50
CA ARG E 170 30.98 -13.72 -42.93
C ARG E 170 32.43 -14.07 -42.63
N TYR E 171 32.64 -15.20 -41.95
CA TYR E 171 33.99 -15.61 -41.59
C TYR E 171 34.83 -15.92 -42.82
N LEU E 172 34.23 -16.60 -43.82
CA LEU E 172 34.96 -16.93 -45.04
C LEU E 172 35.42 -15.67 -45.78
N GLU E 173 34.52 -14.68 -45.89
CA GLU E 173 34.93 -13.44 -46.56
C GLU E 173 35.96 -12.67 -45.74
N ASN E 174 35.76 -12.58 -44.43
CA ASN E 174 36.70 -11.85 -43.58
C ASN E 174 38.10 -12.44 -43.65
N GLY E 175 38.21 -13.75 -43.85
CA GLY E 175 39.51 -14.39 -43.90
C GLY E 175 39.71 -15.25 -45.14
N LYS E 176 39.31 -14.72 -46.31
CA LYS E 176 39.44 -15.49 -47.54
C LYS E 176 40.90 -15.73 -47.91
N LYS E 177 41.80 -14.86 -47.46
CA LYS E 177 43.22 -15.02 -47.77
C LYS E 177 43.77 -16.32 -47.23
N THR E 178 43.25 -16.81 -46.10
CA THR E 178 43.75 -18.02 -45.48
C THR E 178 42.76 -19.17 -45.46
N LEU E 179 41.46 -18.89 -45.46
CA LEU E 179 40.46 -19.95 -45.42
C LEU E 179 40.05 -20.44 -46.80
N GLN E 180 40.15 -19.60 -47.83
CA GLN E 180 39.80 -20.01 -49.18
C GLN E 180 40.99 -20.47 -50.00
N ARG E 181 42.22 -20.22 -49.53
CA ARG E 181 43.40 -20.71 -50.24
C ARG E 181 43.70 -22.15 -49.83
N ALA E 182 44.32 -22.88 -50.75
CA ALA E 182 44.72 -24.27 -50.50
C ALA E 182 46.19 -24.42 -50.89
N GLU E 183 47.00 -24.89 -49.94
CA GLU E 183 48.42 -25.12 -50.16
C GLU E 183 48.65 -26.57 -50.52
N HIS E 184 49.15 -26.81 -51.73
CA HIS E 184 49.42 -28.16 -52.19
C HIS E 184 50.50 -28.80 -51.32
N PRO E 185 50.41 -30.11 -51.05
CA PRO E 185 51.39 -30.75 -50.17
C PRO E 185 52.76 -30.84 -50.84
N LYS E 186 53.80 -30.52 -50.06
CA LYS E 186 55.18 -30.70 -50.49
C LYS E 186 55.57 -32.14 -50.19
N THR E 187 55.97 -32.88 -51.22
CA THR E 187 56.11 -34.32 -51.10
C THR E 187 57.50 -34.79 -51.49
N HIS E 188 57.92 -35.87 -50.87
CA HIS E 188 59.12 -36.60 -51.23
C HIS E 188 59.00 -37.98 -50.60
N VAL E 189 59.71 -38.93 -51.20
CA VAL E 189 59.67 -40.32 -50.78
C VAL E 189 61.07 -40.78 -50.40
N THR E 190 61.16 -41.51 -49.30
CA THR E 190 62.43 -41.99 -48.74
C THR E 190 62.42 -43.50 -48.67
N HIS E 191 63.60 -44.08 -48.45
CA HIS E 191 63.72 -45.52 -48.29
C HIS E 191 64.69 -45.83 -47.17
N HIS E 192 64.49 -46.97 -46.52
CA HIS E 192 65.40 -47.44 -45.50
C HIS E 192 65.57 -48.95 -45.64
N PRO E 193 66.72 -49.49 -45.19
CA PRO E 193 66.93 -50.94 -45.33
C PRO E 193 66.41 -51.75 -44.14
N VAL E 194 65.45 -52.64 -44.41
CA VAL E 194 64.99 -53.56 -43.39
C VAL E 194 65.86 -54.81 -43.35
N SER E 195 66.29 -55.29 -44.52
CA SER E 195 67.17 -56.45 -44.62
C SER E 195 68.01 -56.29 -45.88
N ASP E 196 68.84 -57.29 -46.16
CA ASP E 196 69.67 -57.26 -47.36
C ASP E 196 68.83 -57.33 -48.62
N HIS E 197 67.66 -57.98 -48.55
CA HIS E 197 66.76 -58.10 -49.70
C HIS E 197 65.42 -57.43 -49.46
N GLU E 198 65.29 -56.62 -48.41
CA GLU E 198 64.05 -55.92 -48.11
C GLU E 198 64.36 -54.46 -47.83
N ALA E 199 63.39 -53.59 -48.13
CA ALA E 199 63.56 -52.16 -47.92
C ALA E 199 62.17 -51.54 -47.78
N THR E 200 62.08 -50.52 -46.94
CA THR E 200 60.81 -49.83 -46.71
C THR E 200 60.80 -48.51 -47.47
N LEU E 201 59.73 -48.29 -48.25
CA LEU E 201 59.51 -47.06 -48.99
C LEU E 201 58.46 -46.24 -48.26
N ARG E 202 58.73 -44.96 -48.04
CA ARG E 202 57.83 -44.10 -47.29
C ARG E 202 57.55 -42.84 -48.09
N CYS E 203 56.27 -42.67 -48.46
CA CYS E 203 55.80 -41.47 -49.15
C CYS E 203 55.39 -40.44 -48.11
N TRP E 204 55.81 -39.20 -48.32
CA TRP E 204 55.63 -38.11 -47.37
C TRP E 204 54.82 -37.00 -48.01
N ALA E 205 53.92 -36.40 -47.22
CA ALA E 205 53.18 -35.21 -47.63
C ALA E 205 53.14 -34.27 -46.45
N LEU E 206 53.62 -33.05 -46.65
CA LEU E 206 53.74 -32.06 -45.59
C LEU E 206 53.22 -30.73 -46.07
N GLY E 207 52.94 -29.85 -45.11
CA GLY E 207 52.55 -28.47 -45.41
C GLY E 207 51.38 -28.34 -46.36
N PHE E 208 50.29 -29.06 -46.08
CA PHE E 208 49.13 -28.95 -46.98
C PHE E 208 47.89 -28.61 -46.16
N TYR E 209 46.92 -27.98 -46.82
CA TYR E 209 45.65 -27.60 -46.17
C TYR E 209 44.55 -27.75 -47.22
N PRO E 210 43.35 -28.29 -46.93
CA PRO E 210 42.99 -28.73 -45.60
C PRO E 210 43.48 -30.15 -45.30
N ALA E 211 43.08 -30.68 -44.16
CA ALA E 211 43.58 -31.96 -43.69
C ALA E 211 43.23 -33.11 -44.63
N GLU E 212 42.09 -33.02 -45.32
CA GLU E 212 41.65 -34.11 -46.20
C GLU E 212 42.68 -34.37 -47.29
N ILE E 213 43.14 -35.61 -47.38
CA ILE E 213 44.16 -36.00 -48.34
C ILE E 213 44.08 -37.51 -48.53
N THR E 214 44.57 -38.00 -49.66
CA THR E 214 44.56 -39.43 -49.96
C THR E 214 45.93 -39.86 -50.43
N LEU E 215 46.55 -40.78 -49.70
CA LEU E 215 47.85 -41.36 -50.06
C LEU E 215 47.68 -42.86 -50.30
N THR E 216 48.23 -43.34 -51.41
CA THR E 216 48.09 -44.75 -51.75
C THR E 216 49.41 -45.26 -52.35
N TRP E 217 49.66 -46.56 -52.18
CA TRP E 217 50.83 -47.22 -52.75
C TRP E 217 50.35 -48.28 -53.73
N GLN E 218 50.81 -48.23 -54.98
CA GLN E 218 50.41 -49.22 -55.97
C GLN E 218 51.61 -49.85 -56.67
N ARG E 219 51.53 -51.18 -56.84
CA ARG E 219 52.54 -51.96 -57.54
C ARG E 219 51.98 -52.39 -58.90
N ASP E 220 52.53 -51.82 -59.98
CA ASP E 220 52.16 -52.15 -61.35
C ASP E 220 50.70 -51.87 -61.66
N GLY E 221 50.18 -50.76 -61.12
CA GLY E 221 48.83 -50.33 -61.38
C GLY E 221 47.78 -50.87 -60.44
N GLU E 222 48.14 -51.75 -59.51
CA GLU E 222 47.22 -52.34 -58.55
C GLU E 222 47.64 -51.91 -57.16
N ASP E 223 46.72 -51.28 -56.43
CA ASP E 223 47.04 -50.73 -55.12
C ASP E 223 46.93 -51.82 -54.07
N GLN E 224 47.96 -51.94 -53.24
CA GLN E 224 47.95 -52.91 -52.15
C GLN E 224 47.65 -52.09 -50.90
N THR E 225 46.42 -52.17 -50.40
CA THR E 225 46.05 -51.41 -49.22
C THR E 225 46.45 -52.12 -47.93
N GLN E 226 46.48 -53.45 -47.93
CA GLN E 226 46.76 -54.18 -46.69
C GLN E 226 48.24 -54.05 -46.30
N ASP E 227 49.13 -54.12 -47.28
CA ASP E 227 50.55 -53.99 -47.00
C ASP E 227 50.96 -52.54 -46.74
N THR E 228 50.19 -51.57 -47.22
CA THR E 228 50.49 -50.18 -46.96
C THR E 228 50.26 -49.87 -45.48
N GLU E 229 51.17 -49.11 -44.89
CA GLU E 229 51.04 -48.67 -43.51
C GLU E 229 50.67 -47.19 -43.50
N LEU E 230 49.64 -46.85 -42.73
CA LEU E 230 49.13 -45.49 -42.67
C LEU E 230 49.17 -44.98 -41.23
N VAL E 231 49.16 -43.67 -41.10
CA VAL E 231 49.11 -43.00 -39.80
C VAL E 231 48.08 -41.89 -39.88
N GLU E 232 47.46 -41.60 -38.73
CA GLU E 232 46.47 -40.54 -38.67
C GLU E 232 47.08 -39.21 -39.07
N THR E 233 46.33 -38.43 -39.85
CA THR E 233 46.78 -37.11 -40.24
C THR E 233 47.03 -36.24 -39.01
N ARG E 234 48.20 -35.62 -38.97
CA ARG E 234 48.64 -34.89 -37.80
C ARG E 234 48.96 -33.44 -38.15
N PRO E 235 48.71 -32.51 -37.22
CA PRO E 235 49.02 -31.10 -37.50
C PRO E 235 50.49 -30.79 -37.22
N ALA E 236 51.05 -29.91 -38.04
CA ALA E 236 52.43 -29.47 -37.84
C ALA E 236 52.53 -28.38 -36.77
N GLY E 237 51.43 -27.73 -36.43
CA GLY E 237 51.42 -26.67 -35.43
C GLY E 237 51.42 -25.27 -35.99
N ASP E 238 51.57 -25.10 -37.31
CA ASP E 238 51.55 -23.81 -37.95
C ASP E 238 50.36 -23.62 -38.88
N GLY E 239 49.30 -24.41 -38.67
CA GLY E 239 48.14 -24.38 -39.53
C GLY E 239 48.15 -25.39 -40.65
N THR E 240 49.24 -26.13 -40.81
CA THR E 240 49.37 -27.13 -41.85
C THR E 240 49.51 -28.52 -41.22
N PHE E 241 49.18 -29.54 -42.00
CA PHE E 241 49.12 -30.91 -41.51
C PHE E 241 50.17 -31.76 -42.19
N GLN E 242 50.45 -32.92 -41.59
CA GLN E 242 51.45 -33.86 -42.08
C GLN E 242 50.82 -35.24 -42.23
N LYS E 243 51.36 -36.04 -43.15
CA LYS E 243 50.89 -37.40 -43.31
C LYS E 243 51.87 -38.19 -44.17
N TRP E 244 52.12 -39.44 -43.77
CA TRP E 244 53.01 -40.31 -44.53
C TRP E 244 52.42 -41.71 -44.60
N ALA E 245 52.76 -42.41 -45.68
CA ALA E 245 52.29 -43.78 -45.92
C ALA E 245 53.45 -44.62 -46.44
N ALA E 246 53.66 -45.78 -45.84
CA ALA E 246 54.81 -46.61 -46.18
C ALA E 246 54.37 -48.00 -46.63
N VAL E 247 55.28 -48.67 -47.34
CA VAL E 247 55.10 -50.04 -47.81
C VAL E 247 56.46 -50.70 -47.88
N VAL E 248 56.53 -51.97 -47.47
CA VAL E 248 57.77 -52.73 -47.53
C VAL E 248 57.85 -53.46 -48.86
N VAL E 249 59.02 -53.41 -49.49
CA VAL E 249 59.22 -53.94 -50.83
C VAL E 249 60.52 -54.74 -50.85
N PRO E 250 60.70 -55.60 -51.84
CA PRO E 250 62.00 -56.25 -52.02
C PRO E 250 62.94 -55.37 -52.82
N SER E 251 64.18 -55.27 -52.36
CA SER E 251 65.19 -54.47 -53.06
C SER E 251 65.37 -54.97 -54.48
N GLY E 252 65.41 -54.04 -55.44
CA GLY E 252 65.44 -54.33 -56.85
C GLY E 252 64.08 -54.21 -57.50
N GLU E 253 63.01 -54.46 -56.75
CA GLU E 253 61.65 -54.20 -57.19
C GLU E 253 61.16 -52.83 -56.75
N GLU E 254 62.06 -51.95 -56.29
CA GLU E 254 61.66 -50.61 -55.87
C GLU E 254 61.04 -49.83 -57.01
N GLN E 255 61.51 -50.06 -58.23
CA GLN E 255 60.95 -49.39 -59.40
C GLN E 255 59.49 -49.76 -59.64
N ARG E 256 59.04 -50.90 -59.10
CA ARG E 256 57.70 -51.39 -59.38
C ARG E 256 56.62 -50.67 -58.58
N TYR E 257 57.00 -50.00 -57.48
CA TYR E 257 56.04 -49.35 -56.60
C TYR E 257 55.97 -47.86 -56.88
N THR E 258 54.78 -47.28 -56.75
CA THR E 258 54.55 -45.87 -57.01
C THR E 258 53.55 -45.32 -56.00
N CYS E 259 53.89 -44.17 -55.42
CA CYS E 259 52.99 -43.43 -54.54
C CYS E 259 51.97 -42.63 -55.36
N HIS E 260 50.77 -42.51 -54.81
CA HIS E 260 49.69 -41.74 -55.42
C HIS E 260 49.16 -40.75 -54.39
N VAL E 261 49.10 -39.48 -54.78
CA VAL E 261 48.69 -38.40 -53.90
C VAL E 261 47.48 -37.70 -54.50
N GLN E 262 46.43 -37.57 -53.71
CA GLN E 262 45.21 -36.86 -54.10
C GLN E 262 44.91 -35.79 -53.07
N HIS E 263 44.72 -34.55 -53.53
CA HIS E 263 44.51 -33.42 -52.65
C HIS E 263 43.85 -32.30 -53.46
N GLU E 264 43.14 -31.41 -52.76
CA GLU E 264 42.46 -30.31 -53.43
C GLU E 264 43.46 -29.35 -54.07
N GLY E 265 44.54 -29.03 -53.37
CA GLY E 265 45.51 -28.08 -53.89
C GLY E 265 46.13 -28.50 -55.21
N LEU E 266 46.29 -29.80 -55.41
CA LEU E 266 46.88 -30.30 -56.65
C LEU E 266 45.85 -30.25 -57.78
N PRO E 267 46.20 -29.68 -58.94
CA PRO E 267 45.23 -29.68 -60.06
C PRO E 267 44.85 -31.08 -60.52
N GLU E 268 45.84 -31.94 -60.73
CA GLU E 268 45.62 -33.32 -61.11
C GLU E 268 46.33 -34.26 -60.13
N PRO E 269 45.79 -35.45 -59.89
CA PRO E 269 46.42 -36.37 -58.93
C PRO E 269 47.88 -36.64 -59.30
N LEU E 270 48.73 -36.72 -58.28
CA LEU E 270 50.17 -36.84 -58.47
C LEU E 270 50.61 -38.29 -58.34
N THR E 271 51.55 -38.69 -59.19
CA THR E 271 52.20 -39.99 -59.14
C THR E 271 53.68 -39.77 -58.81
N LEU E 272 54.19 -40.50 -57.81
CA LEU E 272 55.51 -40.24 -57.28
C LEU E 272 56.34 -41.52 -57.24
N ARG E 273 57.63 -41.38 -57.51
CA ARG E 273 58.58 -42.48 -57.47
C ARG E 273 59.97 -41.92 -57.20
N TRP E 274 60.84 -42.76 -56.64
CA TRP E 274 62.17 -42.30 -56.25
C TRP E 274 63.25 -42.90 -57.15
N ILE F 1 32.87 -45.86 -20.32
CA ILE F 1 33.67 -46.40 -21.41
C ILE F 1 35.08 -45.84 -21.34
N GLN F 2 36.02 -46.50 -22.00
CA GLN F 2 37.43 -46.10 -21.99
C GLN F 2 38.05 -46.38 -23.35
N ARG F 3 39.12 -45.64 -23.65
CA ARG F 3 39.84 -45.81 -24.91
C ARG F 3 41.32 -45.55 -24.67
N THR F 4 42.15 -46.19 -25.48
CA THR F 4 43.61 -46.08 -25.36
C THR F 4 44.16 -45.01 -26.28
N PRO F 5 45.08 -44.18 -25.79
CA PRO F 5 45.61 -43.09 -26.61
C PRO F 5 46.61 -43.56 -27.66
N LYS F 6 46.45 -43.02 -28.86
CA LYS F 6 47.39 -43.18 -29.96
C LYS F 6 48.32 -41.98 -30.00
N ILE F 7 49.63 -42.25 -30.03
CA ILE F 7 50.65 -41.21 -29.89
C ILE F 7 51.42 -41.08 -31.20
N GLN F 8 51.82 -39.85 -31.50
CA GLN F 8 52.74 -39.58 -32.60
C GLN F 8 53.71 -38.48 -32.18
N VAL F 9 55.01 -38.74 -32.32
CA VAL F 9 56.04 -37.77 -31.99
C VAL F 9 56.79 -37.42 -33.26
N TYR F 10 56.89 -36.13 -33.55
CA TYR F 10 57.48 -35.68 -34.81
C TYR F 10 57.95 -34.23 -34.66
N SER F 11 58.38 -33.65 -35.77
CA SER F 11 58.83 -32.26 -35.82
C SER F 11 58.02 -31.48 -36.84
N ARG F 12 57.84 -30.18 -36.58
CA ARG F 12 57.10 -29.34 -37.49
C ARG F 12 57.75 -29.31 -38.87
N HIS F 13 59.03 -29.01 -38.93
CA HIS F 13 59.84 -29.07 -40.13
C HIS F 13 60.76 -30.29 -40.11
N PRO F 14 61.34 -30.66 -41.24
CA PRO F 14 62.28 -31.77 -41.24
C PRO F 14 63.49 -31.49 -40.36
N ALA F 15 63.92 -32.52 -39.63
CA ALA F 15 64.98 -32.39 -38.65
C ALA F 15 66.30 -32.04 -39.33
N GLU F 16 66.90 -30.92 -38.92
CA GLU F 16 68.23 -30.51 -39.39
C GLU F 16 69.08 -30.25 -38.15
N ASN F 17 70.18 -30.98 -38.02
CA ASN F 17 71.02 -30.88 -36.84
C ASN F 17 71.61 -29.48 -36.73
N GLY F 18 71.34 -28.82 -35.60
CA GLY F 18 71.80 -27.47 -35.37
C GLY F 18 70.85 -26.37 -35.79
N LYS F 19 69.65 -26.71 -36.23
CA LYS F 19 68.66 -25.74 -36.67
C LYS F 19 67.41 -25.84 -35.80
N SER F 20 66.87 -24.69 -35.42
CA SER F 20 65.70 -24.64 -34.55
C SER F 20 64.51 -25.32 -35.20
N ASN F 21 63.67 -25.94 -34.36
CA ASN F 21 62.51 -26.69 -34.81
C ASN F 21 61.58 -26.87 -33.62
N PHE F 22 60.42 -27.47 -33.87
CA PHE F 22 59.40 -27.69 -32.84
C PHE F 22 59.13 -29.17 -32.70
N LEU F 23 59.25 -29.67 -31.48
CA LEU F 23 58.87 -31.04 -31.16
C LEU F 23 57.37 -31.09 -30.90
N ASN F 24 56.69 -32.04 -31.55
CA ASN F 24 55.24 -32.19 -31.46
C ASN F 24 54.92 -33.60 -30.98
N CYS F 25 54.08 -33.68 -29.95
CA CYS F 25 53.50 -34.93 -29.48
C CYS F 25 51.98 -34.82 -29.63
N TYR F 26 51.42 -35.63 -30.51
CA TYR F 26 50.01 -35.58 -30.87
C TYR F 26 49.35 -36.86 -30.35
N VAL F 27 48.43 -36.71 -29.40
CA VAL F 27 47.71 -37.84 -28.82
C VAL F 27 46.27 -37.78 -29.32
N SER F 28 45.68 -38.94 -29.55
CA SER F 28 44.33 -39.00 -30.10
C SER F 28 43.65 -40.28 -29.65
N GLY F 29 42.32 -40.30 -29.79
CA GLY F 29 41.57 -41.51 -29.52
C GLY F 29 41.55 -41.95 -28.07
N PHE F 30 41.54 -41.01 -27.14
CA PHE F 30 41.55 -41.33 -25.72
C PHE F 30 40.29 -40.79 -25.06
N HIS F 31 39.85 -41.48 -24.01
CA HIS F 31 38.63 -41.13 -23.29
C HIS F 31 38.68 -41.76 -21.90
N PRO F 32 38.41 -41.01 -20.83
CA PRO F 32 37.98 -39.60 -20.79
C PRO F 32 39.11 -38.59 -21.02
N SER F 33 38.78 -37.31 -20.84
CA SER F 33 39.73 -36.24 -21.15
C SER F 33 40.95 -36.26 -20.24
N ASP F 34 40.80 -36.71 -19.00
CA ASP F 34 41.90 -36.69 -18.05
C ASP F 34 43.10 -37.48 -18.57
N ILE F 35 44.22 -36.80 -18.74
CA ILE F 35 45.43 -37.40 -19.30
C ILE F 35 46.60 -36.49 -18.95
N GLU F 36 47.79 -37.07 -18.86
CA GLU F 36 49.00 -36.28 -18.63
C GLU F 36 50.00 -36.57 -19.73
N VAL F 37 50.57 -35.52 -20.32
CA VAL F 37 51.53 -35.66 -21.39
C VAL F 37 52.74 -34.78 -21.08
N ASP F 38 53.92 -35.38 -21.11
CA ASP F 38 55.17 -34.67 -20.90
C ASP F 38 56.12 -34.98 -22.04
N LEU F 39 57.06 -34.06 -22.29
CA LEU F 39 58.11 -34.24 -23.26
C LEU F 39 59.43 -34.44 -22.53
N LEU F 40 60.27 -35.32 -23.05
CA LEU F 40 61.50 -35.74 -22.38
C LEU F 40 62.68 -35.49 -23.30
N LYS F 41 63.67 -34.74 -22.79
CA LYS F 41 64.97 -34.59 -23.42
C LYS F 41 65.94 -35.52 -22.71
N ASN F 42 66.37 -36.58 -23.38
CA ASN F 42 67.28 -37.58 -22.81
C ASN F 42 66.78 -38.09 -21.47
N GLY F 43 65.46 -38.26 -21.35
CA GLY F 43 64.88 -38.73 -20.12
C GLY F 43 64.63 -37.66 -19.09
N GLU F 44 64.84 -36.40 -19.43
CA GLU F 44 64.66 -35.28 -18.51
C GLU F 44 63.38 -34.54 -18.88
N ARG F 45 62.56 -34.25 -17.88
CA ARG F 45 61.34 -33.49 -18.11
C ARG F 45 61.68 -32.06 -18.54
N ILE F 46 60.91 -31.54 -19.50
CA ILE F 46 61.14 -30.21 -20.06
C ILE F 46 60.06 -29.27 -19.54
N GLU F 47 60.49 -28.13 -18.98
CA GLU F 47 59.57 -27.13 -18.49
C GLU F 47 59.17 -26.19 -19.62
N LYS F 48 58.19 -25.32 -19.34
CA LYS F 48 57.68 -24.35 -20.31
C LYS F 48 57.19 -25.02 -21.58
N VAL F 49 56.41 -26.08 -21.42
CA VAL F 49 55.84 -26.83 -22.53
C VAL F 49 54.36 -26.49 -22.62
N GLU F 50 53.96 -25.87 -23.73
CA GLU F 50 52.59 -25.50 -23.96
C GLU F 50 51.82 -26.65 -24.62
N HIS F 51 50.50 -26.54 -24.60
CA HIS F 51 49.64 -27.55 -25.20
C HIS F 51 48.40 -26.90 -25.79
N SER F 52 47.85 -27.55 -26.81
CA SER F 52 46.70 -27.03 -27.54
C SER F 52 45.42 -27.17 -26.71
N ASP F 53 44.33 -26.66 -27.26
CA ASP F 53 43.03 -26.71 -26.62
C ASP F 53 42.32 -28.04 -26.90
N LEU F 54 41.56 -28.50 -25.92
CA LEU F 54 40.97 -29.83 -25.97
C LEU F 54 39.84 -29.87 -27.00
N SER F 55 39.78 -30.98 -27.75
CA SER F 55 38.77 -31.19 -28.77
C SER F 55 38.61 -32.68 -28.97
N PHE F 56 37.70 -33.08 -29.87
CA PHE F 56 37.47 -34.49 -30.11
C PHE F 56 37.07 -34.70 -31.57
N SER F 57 37.12 -35.97 -32.00
CA SER F 57 36.90 -36.35 -33.37
C SER F 57 35.43 -36.76 -33.59
N LYS F 58 35.16 -37.40 -34.73
CA LYS F 58 33.78 -37.74 -35.10
C LYS F 58 33.17 -38.73 -34.12
N ASP F 59 33.94 -39.73 -33.70
CA ASP F 59 33.44 -40.80 -32.83
C ASP F 59 33.62 -40.48 -31.35
N TRP F 60 33.60 -39.19 -30.98
CA TRP F 60 33.71 -38.70 -29.61
C TRP F 60 35.08 -38.92 -29.00
N SER F 61 36.08 -39.27 -29.80
CA SER F 61 37.43 -39.51 -29.31
C SER F 61 38.23 -38.21 -29.28
N PHE F 62 38.83 -37.92 -28.14
CA PHE F 62 39.56 -36.68 -27.91
C PHE F 62 40.87 -36.65 -28.70
N TYR F 63 41.45 -35.47 -28.82
CA TYR F 63 42.78 -35.32 -29.41
C TYR F 63 43.44 -34.06 -28.86
N LEU F 64 44.75 -34.15 -28.61
CA LEU F 64 45.53 -33.06 -28.04
C LEU F 64 46.88 -32.99 -28.73
N LEU F 65 47.49 -31.82 -28.67
CA LEU F 65 48.80 -31.57 -29.26
C LEU F 65 49.66 -30.79 -28.28
N TYR F 66 50.85 -31.33 -27.99
CA TYR F 66 51.85 -30.66 -27.16
C TYR F 66 53.04 -30.31 -28.03
N TYR F 67 53.61 -29.12 -27.82
CA TYR F 67 54.71 -28.67 -28.66
C TYR F 67 55.75 -27.95 -27.81
N THR F 68 56.98 -27.95 -28.31
CA THR F 68 58.06 -27.23 -27.64
C THR F 68 59.10 -26.82 -28.68
N GLU F 69 59.92 -25.84 -28.31
CA GLU F 69 60.98 -25.34 -29.17
C GLU F 69 62.29 -26.01 -28.79
N PHE F 70 63.00 -26.55 -29.78
CA PHE F 70 64.22 -27.29 -29.50
C PHE F 70 65.08 -27.31 -30.75
N THR F 71 66.33 -27.73 -30.56
CA THR F 71 67.27 -27.94 -31.66
C THR F 71 67.70 -29.40 -31.65
N PRO F 72 67.47 -30.17 -32.71
CA PRO F 72 67.80 -31.59 -32.69
C PRO F 72 69.27 -31.82 -32.96
N THR F 73 69.83 -32.82 -32.29
CA THR F 73 71.20 -33.27 -32.51
C THR F 73 71.22 -34.78 -32.69
N GLU F 74 72.33 -35.27 -33.25
CA GLU F 74 72.45 -36.68 -33.54
C GLU F 74 72.45 -37.52 -32.27
N LYS F 75 73.22 -37.10 -31.27
CA LYS F 75 73.37 -37.90 -30.05
C LYS F 75 72.11 -37.86 -29.18
N ASP F 76 71.52 -36.67 -29.02
CA ASP F 76 70.42 -36.50 -28.08
C ASP F 76 69.18 -37.27 -28.53
N GLU F 77 68.44 -37.80 -27.55
CA GLU F 77 67.21 -38.53 -27.78
C GLU F 77 66.05 -37.78 -27.15
N TYR F 78 64.99 -37.58 -27.93
CA TYR F 78 63.78 -36.87 -27.49
C TYR F 78 62.62 -37.85 -27.53
N ALA F 79 61.76 -37.79 -26.52
CA ALA F 79 60.65 -38.72 -26.43
C ALA F 79 59.43 -38.04 -25.84
N CYS F 80 58.30 -38.73 -25.91
CA CYS F 80 57.04 -38.26 -25.32
C CYS F 80 56.52 -39.32 -24.35
N ARG F 81 56.18 -38.89 -23.14
CA ARG F 81 55.61 -39.75 -22.12
C ARG F 81 54.16 -39.36 -21.88
N VAL F 82 53.27 -40.34 -21.93
CA VAL F 82 51.86 -40.10 -21.64
C VAL F 82 51.41 -41.06 -20.55
N ASN F 83 50.54 -40.56 -19.65
CA ASN F 83 49.92 -41.36 -18.62
C ASN F 83 48.41 -41.16 -18.73
N HIS F 84 47.69 -42.27 -18.82
CA HIS F 84 46.24 -42.28 -18.97
C HIS F 84 45.66 -43.36 -18.08
N VAL F 85 44.36 -43.25 -17.79
CA VAL F 85 43.73 -44.21 -16.90
C VAL F 85 43.75 -45.62 -17.49
N THR F 86 43.66 -45.72 -18.82
CA THR F 86 43.77 -47.02 -19.48
C THR F 86 45.18 -47.57 -19.47
N LEU F 87 46.18 -46.71 -19.28
CA LEU F 87 47.57 -47.15 -19.26
C LEU F 87 47.92 -47.72 -17.90
N SER F 88 48.35 -48.98 -17.89
CA SER F 88 48.82 -49.62 -16.66
C SER F 88 50.07 -48.92 -16.13
N GLN F 89 50.99 -48.58 -17.01
CA GLN F 89 52.25 -47.94 -16.72
C GLN F 89 52.45 -46.80 -17.71
N PRO F 90 53.18 -45.75 -17.35
CA PRO F 90 53.38 -44.64 -18.30
C PRO F 90 53.99 -45.13 -19.59
N LYS F 91 53.43 -44.66 -20.70
CA LYS F 91 53.87 -45.08 -22.03
C LYS F 91 54.83 -44.06 -22.61
N ILE F 92 56.00 -44.51 -23.03
CA ILE F 92 57.04 -43.67 -23.60
C ILE F 92 57.20 -44.02 -25.07
N VAL F 93 57.31 -42.99 -25.92
CA VAL F 93 57.52 -43.18 -27.34
C VAL F 93 58.69 -42.32 -27.78
N LYS F 94 59.72 -42.96 -28.32
CA LYS F 94 60.89 -42.24 -28.81
C LYS F 94 60.56 -41.51 -30.11
N TRP F 95 61.34 -40.48 -30.38
CA TRP F 95 61.21 -39.70 -31.62
C TRP F 95 62.16 -40.28 -32.67
N ASP F 96 61.59 -40.84 -33.73
CA ASP F 96 62.36 -41.32 -34.86
C ASP F 96 62.17 -40.34 -36.01
N ARG F 97 63.27 -39.99 -36.68
CA ARG F 97 63.20 -39.05 -37.78
C ARG F 97 62.53 -39.64 -39.02
N ASP F 98 62.41 -40.96 -39.08
CA ASP F 98 61.72 -41.65 -40.17
C ASP F 98 62.40 -41.38 -41.52
N GLY G 1 28.94 -18.03 -35.22
CA GLY G 1 28.21 -17.69 -34.01
C GLY G 1 27.60 -18.92 -33.36
N ALA G 2 27.66 -18.96 -32.02
CA ALA G 2 27.18 -20.12 -31.29
C ALA G 2 25.66 -20.21 -31.33
N ASP G 3 25.17 -21.42 -31.06
CA ASP G 3 23.73 -21.69 -31.02
C ASP G 3 23.26 -21.58 -29.57
N GLY G 4 23.04 -20.34 -29.14
CA GLY G 4 22.61 -20.15 -27.76
C GLY G 4 21.21 -19.61 -27.64
N VAL G 5 20.31 -20.13 -28.46
CA VAL G 5 18.91 -19.74 -28.45
C VAL G 5 18.13 -20.81 -27.69
N GLY G 6 17.63 -20.47 -26.52
CA GLY G 6 16.86 -21.38 -25.70
C GLY G 6 17.67 -22.04 -24.60
N LYS G 7 17.03 -23.03 -23.98
CA LYS G 7 17.63 -23.82 -22.90
C LYS G 7 17.76 -25.27 -23.36
N SER G 8 19.00 -25.72 -23.53
CA SER G 8 19.26 -27.12 -23.96
C SER G 8 18.54 -28.05 -22.98
N ALA G 9 18.92 -27.96 -21.70
CA ALA G 9 18.27 -28.70 -20.59
C ALA G 9 17.99 -30.15 -20.98
N LEU G 10 18.99 -30.82 -21.56
CA LEU G 10 18.73 -32.21 -21.97
C LEU G 10 18.41 -33.03 -20.72
N SER H 2 -27.14 34.03 53.11
CA SER H 2 -26.92 33.12 51.98
C SER H 2 -25.87 33.69 51.02
N HIS H 3 -25.10 32.78 50.41
CA HIS H 3 -24.08 33.15 49.45
C HIS H 3 -24.40 32.51 48.10
N SER H 4 -23.78 33.05 47.05
CA SER H 4 -24.03 32.56 45.70
C SER H 4 -22.94 33.05 44.77
N MET H 5 -22.80 32.35 43.65
CA MET H 5 -21.87 32.72 42.58
C MET H 5 -22.65 32.83 41.28
N ARG H 6 -22.41 33.90 40.53
CA ARG H 6 -23.13 34.20 39.31
C ARG H 6 -22.16 34.52 38.19
N TYR H 7 -22.52 34.12 36.96
CA TYR H 7 -21.72 34.33 35.78
C TYR H 7 -22.63 34.84 34.68
N PHE H 8 -22.20 35.91 34.01
CA PHE H 8 -23.00 36.56 32.97
C PHE H 8 -22.17 36.69 31.70
N TYR H 9 -22.71 36.17 30.59
CA TYR H 9 -22.09 36.26 29.28
C TYR H 9 -23.00 37.05 28.36
N THR H 10 -22.39 37.91 27.53
CA THR H 10 -23.12 38.69 26.55
C THR H 10 -22.35 38.67 25.24
N ALA H 11 -23.04 38.33 24.15
CA ALA H 11 -22.47 38.30 22.82
C ALA H 11 -23.30 39.20 21.93
N VAL H 12 -22.68 40.26 21.41
CA VAL H 12 -23.35 41.22 20.55
C VAL H 12 -22.77 41.05 19.15
N SER H 13 -23.62 40.69 18.20
CA SER H 13 -23.21 40.42 16.83
C SER H 13 -23.20 41.70 16.03
N ARG H 14 -22.04 42.06 15.49
CA ARG H 14 -21.92 43.24 14.65
C ARG H 14 -21.73 42.79 13.22
N PRO H 15 -22.65 43.14 12.31
CA PRO H 15 -22.53 42.71 10.92
C PRO H 15 -21.76 43.69 10.05
N GLY H 16 -20.90 43.14 9.20
CA GLY H 16 -20.07 43.92 8.32
C GLY H 16 -18.76 44.36 8.91
N ARG H 17 -18.57 44.17 10.22
CA ARG H 17 -17.31 44.51 10.87
C ARG H 17 -16.60 43.27 11.40
N GLY H 18 -17.01 42.08 10.96
CA GLY H 18 -16.34 40.87 11.41
C GLY H 18 -17.03 40.15 12.56
N GLU H 19 -16.23 39.62 13.46
CA GLU H 19 -16.71 38.77 14.53
C GLU H 19 -17.43 39.56 15.61
N PRO H 20 -18.38 38.93 16.31
CA PRO H 20 -19.12 39.62 17.38
C PRO H 20 -18.22 39.98 18.56
N ARG H 21 -18.74 40.89 19.39
CA ARG H 21 -18.08 41.30 20.62
C ARG H 21 -18.61 40.44 21.77
N PHE H 22 -17.69 39.91 22.58
CA PHE H 22 -18.03 39.04 23.70
C PHE H 22 -17.57 39.69 24.99
N ILE H 23 -18.46 39.72 26.00
CA ILE H 23 -18.14 40.28 27.30
C ILE H 23 -18.65 39.33 28.37
N ALA H 24 -17.77 38.97 29.30
CA ALA H 24 -18.07 38.01 30.35
C ALA H 24 -17.71 38.61 31.70
N VAL H 25 -18.60 38.47 32.68
CA VAL H 25 -18.36 38.99 34.02
C VAL H 25 -18.74 37.94 35.06
N GLY H 26 -18.01 37.96 36.17
CA GLY H 26 -18.25 37.06 37.28
C GLY H 26 -18.46 37.78 38.60
N TYR H 27 -19.54 37.41 39.30
CA TYR H 27 -19.91 38.02 40.56
C TYR H 27 -19.92 36.95 41.64
N VAL H 28 -19.27 37.24 42.77
CA VAL H 28 -19.45 36.48 44.00
C VAL H 28 -20.26 37.34 44.95
N ASP H 29 -21.50 36.90 45.17
CA ASP H 29 -22.51 37.65 45.95
C ASP H 29 -22.55 38.94 45.12
N ASP H 30 -22.42 40.09 45.76
CA ASP H 30 -22.39 41.33 44.99
C ASP H 30 -21.06 42.03 44.75
N THR H 31 -19.97 41.26 44.64
CA THR H 31 -18.67 41.82 44.28
C THR H 31 -18.17 41.17 43.00
N GLN H 32 -17.69 41.98 42.07
CA GLN H 32 -17.15 41.47 40.83
C GLN H 32 -15.71 41.01 41.04
N PHE H 33 -15.36 39.87 40.45
CA PHE H 33 -14.00 39.38 40.62
C PHE H 33 -13.25 39.16 39.32
N VAL H 34 -13.93 38.83 38.22
CA VAL H 34 -13.30 38.61 36.93
C VAL H 34 -14.21 39.18 35.84
N GLN H 35 -13.59 39.64 34.76
CA GLN H 35 -14.33 40.10 33.60
C GLN H 35 -13.41 39.98 32.40
N PHE H 36 -13.96 39.54 31.28
CA PHE H 36 -13.22 39.32 30.06
C PHE H 36 -13.94 39.99 28.90
N ASP H 37 -13.16 40.62 28.02
CA ASP H 37 -13.70 41.31 26.85
C ASP H 37 -12.96 40.85 25.61
N SER H 38 -13.71 40.49 24.57
CA SER H 38 -13.11 39.97 23.35
C SER H 38 -12.53 41.08 22.48
N ASP H 39 -13.07 42.29 22.59
CA ASP H 39 -12.63 43.42 21.79
C ASP H 39 -11.59 44.28 22.51
N ALA H 40 -11.02 43.78 23.61
CA ALA H 40 -9.99 44.52 24.31
C ALA H 40 -8.69 44.50 23.52
N ALA H 41 -7.78 45.40 23.90
CA ALA H 41 -6.47 45.46 23.25
C ALA H 41 -5.71 44.15 23.44
N SER H 42 -5.72 43.61 24.66
CA SER H 42 -5.09 42.33 24.95
C SER H 42 -6.13 41.46 25.64
N PRO H 43 -6.84 40.63 24.88
CA PRO H 43 -7.94 39.84 25.46
C PRO H 43 -7.45 38.78 26.44
N ARG H 44 -7.76 39.00 27.73
CA ARG H 44 -7.39 38.05 28.77
C ARG H 44 -8.22 38.35 30.00
N GLY H 45 -8.38 37.33 30.85
CA GLY H 45 -9.12 37.49 32.09
C GLY H 45 -8.50 38.51 33.03
N GLU H 46 -9.30 39.49 33.45
CA GLU H 46 -8.79 40.54 34.31
C GLU H 46 -9.41 40.46 35.70
N PRO H 47 -8.62 40.60 36.75
CA PRO H 47 -9.17 40.56 38.11
C PRO H 47 -9.63 41.93 38.61
N ARG H 48 -10.84 41.98 39.17
CA ARG H 48 -11.38 43.19 39.76
C ARG H 48 -11.55 43.09 41.27
N ALA H 49 -11.28 41.92 41.86
CA ALA H 49 -11.29 41.71 43.29
C ALA H 49 -9.89 41.34 43.76
N PRO H 50 -9.46 41.80 44.94
CA PRO H 50 -8.10 41.48 45.40
C PRO H 50 -7.87 40.01 45.69
N TRP H 51 -8.90 39.27 46.09
CA TRP H 51 -8.68 37.89 46.52
C TRP H 51 -8.38 36.95 45.36
N VAL H 52 -8.75 37.31 44.13
CA VAL H 52 -8.31 36.55 42.98
C VAL H 52 -6.99 37.06 42.40
N GLU H 53 -6.56 38.25 42.80
CA GLU H 53 -5.30 38.79 42.26
C GLU H 53 -4.10 38.00 42.75
N GLN H 54 -4.21 37.35 43.90
CA GLN H 54 -3.14 36.51 44.43
C GLN H 54 -3.24 35.07 43.95
N GLU H 55 -4.07 34.89 42.94
CA GLU H 55 -4.23 33.56 42.34
C GLU H 55 -3.05 33.29 41.41
N GLY H 56 -2.73 32.02 41.20
CA GLY H 56 -1.64 31.68 40.30
C GLY H 56 -1.88 32.14 38.87
N PRO H 57 -0.80 32.47 38.17
CA PRO H 57 -0.93 32.87 36.76
C PRO H 57 -1.50 31.79 35.85
N GLU H 58 -1.17 30.52 36.13
CA GLU H 58 -1.75 29.43 35.35
C GLU H 58 -3.27 29.42 35.45
N TYR H 59 -3.82 29.81 36.60
CA TYR H 59 -5.27 29.95 36.73
C TYR H 59 -5.81 30.98 35.76
N TRP H 60 -5.13 32.13 35.64
CA TRP H 60 -5.57 33.15 34.70
C TRP H 60 -5.46 32.67 33.26
N ASP H 61 -4.40 31.94 32.92
CA ASP H 61 -4.28 31.39 31.58
C ASP H 61 -5.44 30.45 31.27
N ARG H 62 -5.73 29.53 32.19
CA ARG H 62 -6.82 28.58 32.01
C ARG H 62 -8.16 29.30 31.86
N GLU H 63 -8.41 30.31 32.70
CA GLU H 63 -9.67 31.06 32.62
C GLU H 63 -9.78 31.81 31.30
N THR H 64 -8.68 32.41 30.84
CA THR H 64 -8.66 33.06 29.54
C THR H 64 -9.01 32.09 28.43
N GLN H 65 -8.47 30.86 28.50
CA GLN H 65 -8.80 29.87 27.48
C GLN H 65 -10.27 29.50 27.53
N LYS H 66 -10.81 29.32 28.74
CA LYS H 66 -12.25 29.08 28.90
C LYS H 66 -13.06 30.16 28.17
N TYR H 67 -12.72 31.43 28.43
CA TYR H 67 -13.50 32.54 27.89
C TYR H 67 -13.35 32.64 26.37
N LYS H 68 -12.15 32.41 25.84
CA LYS H 68 -11.95 32.45 24.39
C LYS H 68 -12.74 31.34 23.70
N ARG H 69 -12.67 30.13 24.25
CA ARG H 69 -13.45 29.02 23.70
C ARG H 69 -14.95 29.35 23.72
N GLN H 70 -15.43 29.93 24.82
CA GLN H 70 -16.83 30.31 24.88
C GLN H 70 -17.17 31.41 23.88
N ALA H 71 -16.23 32.30 23.60
CA ALA H 71 -16.46 33.34 22.59
C ALA H 71 -16.66 32.71 21.21
N GLN H 72 -15.80 31.77 20.84
CA GLN H 72 -15.98 31.08 19.55
C GLN H 72 -17.32 30.34 19.52
N THR H 73 -17.62 29.62 20.60
CA THR H 73 -18.89 28.89 20.69
C THR H 73 -20.08 29.84 20.52
N ASP H 74 -19.98 31.02 21.12
CA ASP H 74 -21.11 31.98 21.06
C ASP H 74 -21.28 32.53 19.64
N ARG H 75 -20.18 32.80 18.93
CA ARG H 75 -20.30 33.34 17.55
C ARG H 75 -21.07 32.34 16.70
N VAL H 76 -20.75 31.05 16.83
CA VAL H 76 -21.48 29.97 16.10
C VAL H 76 -22.94 29.97 16.56
N SER H 77 -23.18 30.17 17.86
CA SER H 77 -24.60 30.18 18.33
C SER H 77 -25.33 31.33 17.64
N LEU H 78 -24.69 32.50 17.57
CA LEU H 78 -25.31 33.65 16.88
C LEU H 78 -25.67 33.22 15.46
N ARG H 79 -24.68 32.65 14.75
CA ARG H 79 -24.98 32.26 13.38
C ARG H 79 -26.11 31.21 13.34
N ASN H 80 -26.06 30.24 14.24
CA ASN H 80 -27.10 29.22 14.29
C ASN H 80 -28.46 29.82 14.58
N LEU H 81 -28.54 30.76 15.52
CA LEU H 81 -29.82 31.38 15.87
C LEU H 81 -30.37 32.22 14.72
N ARG H 82 -29.50 32.96 14.04
CA ARG H 82 -29.93 33.66 12.84
C ARG H 82 -30.54 32.68 11.85
N GLY H 83 -29.85 31.56 11.62
CA GLY H 83 -30.39 30.54 10.73
C GLY H 83 -31.73 29.99 11.19
N TYR H 84 -31.89 29.82 12.51
CA TYR H 84 -33.14 29.28 13.05
C TYR H 84 -34.30 30.23 12.78
N TYR H 85 -34.09 31.52 13.01
CA TYR H 85 -35.11 32.53 12.71
C TYR H 85 -35.05 33.01 11.26
N ASN H 86 -34.14 32.46 10.46
CA ASN H 86 -33.89 32.85 9.06
C ASN H 86 -33.95 34.36 8.87
N GLN H 87 -33.37 35.10 9.81
CA GLN H 87 -33.38 36.55 9.78
C GLN H 87 -32.22 37.07 8.94
N SER H 88 -32.35 38.33 8.51
CA SER H 88 -31.35 38.95 7.65
C SER H 88 -30.00 39.02 8.35
N GLU H 89 -28.94 38.99 7.54
CA GLU H 89 -27.57 39.04 8.03
C GLU H 89 -27.11 40.45 8.36
N ALA H 90 -27.91 41.47 8.05
CA ALA H 90 -27.54 42.87 8.26
C ALA H 90 -28.12 43.45 9.54
N GLY H 91 -28.64 42.61 10.43
CA GLY H 91 -29.25 43.06 11.67
C GLY H 91 -28.42 42.61 12.87
N SER H 92 -28.20 43.54 13.80
CA SER H 92 -27.50 43.22 15.02
C SER H 92 -28.41 42.43 15.97
N HIS H 93 -27.81 41.48 16.70
CA HIS H 93 -28.56 40.63 17.59
C HIS H 93 -27.74 40.34 18.84
N THR H 94 -28.42 40.21 19.97
CA THR H 94 -27.80 40.03 21.27
C THR H 94 -28.16 38.66 21.83
N LEU H 95 -27.16 37.96 22.37
CA LEU H 95 -27.37 36.69 23.05
C LEU H 95 -26.80 36.77 24.46
N GLN H 96 -27.63 36.45 25.45
CA GLN H 96 -27.25 36.55 26.85
C GLN H 96 -27.34 35.18 27.52
N ARG H 97 -26.38 34.91 28.39
CA ARG H 97 -26.30 33.66 29.13
C ARG H 97 -26.07 33.98 30.60
N MET H 98 -26.86 33.36 31.49
CA MET H 98 -26.73 33.59 32.92
C MET H 98 -26.72 32.25 33.63
N TYR H 99 -25.67 31.99 34.42
CA TYR H 99 -25.67 30.74 35.17
C TYR H 99 -24.97 30.96 36.50
N GLY H 100 -25.44 30.25 37.51
CA GLY H 100 -24.85 30.38 38.83
C GLY H 100 -25.42 29.36 39.79
N CYS H 101 -24.87 29.36 40.99
CA CYS H 101 -25.34 28.47 42.04
C CYS H 101 -25.42 29.20 43.37
N ASP H 102 -26.49 28.89 44.12
CA ASP H 102 -26.79 29.50 45.40
C ASP H 102 -26.56 28.44 46.48
N LEU H 103 -25.69 28.76 47.43
CA LEU H 103 -25.36 27.85 48.53
C LEU H 103 -26.42 27.92 49.63
N GLY H 104 -26.74 26.76 50.19
CA GLY H 104 -27.72 26.69 51.25
C GLY H 104 -27.13 26.96 52.62
N PRO H 105 -28.00 26.99 53.62
CA PRO H 105 -27.53 27.21 55.00
C PRO H 105 -26.71 26.07 55.57
N ASP H 106 -26.85 24.86 55.03
CA ASP H 106 -26.15 23.69 55.53
C ASP H 106 -24.80 23.48 54.86
N GLY H 107 -24.22 24.54 54.28
CA GLY H 107 -22.94 24.43 53.60
C GLY H 107 -22.96 23.47 52.43
N ARG H 108 -24.06 23.45 51.68
CA ARG H 108 -24.19 22.62 50.50
C ARG H 108 -25.07 23.34 49.48
N LEU H 109 -25.12 22.79 48.28
CA LEU H 109 -25.87 23.42 47.19
C LEU H 109 -27.34 23.55 47.55
N LEU H 110 -27.86 24.77 47.39
CA LEU H 110 -29.28 25.07 47.55
C LEU H 110 -30.01 25.08 46.21
N ARG H 111 -29.47 25.79 45.23
CA ARG H 111 -30.10 25.79 43.92
C ARG H 111 -29.08 26.17 42.86
N GLY H 112 -29.42 25.86 41.60
CA GLY H 112 -28.61 26.25 40.48
C GLY H 112 -29.47 26.70 39.32
N TYR H 113 -28.93 27.60 38.50
CA TYR H 113 -29.66 28.13 37.37
C TYR H 113 -28.73 28.33 36.19
N ASN H 114 -29.27 28.10 34.98
CA ASN H 114 -28.52 28.29 33.74
C ASN H 114 -29.51 28.54 32.61
N GLN H 115 -29.48 29.73 32.01
CA GLN H 115 -30.49 30.09 31.05
C GLN H 115 -29.92 31.01 29.98
N PHE H 116 -30.58 30.99 28.82
CA PHE H 116 -30.19 31.77 27.65
C PHE H 116 -31.37 32.62 27.19
N ALA H 117 -31.04 33.76 26.60
CA ALA H 117 -32.03 34.72 26.10
C ALA H 117 -31.51 35.35 24.81
N TYR H 118 -32.41 35.54 23.86
CA TYR H 118 -32.09 36.12 22.56
C TYR H 118 -32.81 37.44 22.40
N ASP H 119 -32.04 38.51 22.18
CA ASP H 119 -32.57 39.87 22.00
C ASP H 119 -33.53 40.26 23.13
N GLY H 120 -33.09 40.02 24.36
CA GLY H 120 -33.86 40.38 25.52
C GLY H 120 -35.08 39.51 25.79
N LYS H 121 -35.32 38.50 24.97
CA LYS H 121 -36.43 37.58 25.15
C LYS H 121 -35.90 36.27 25.69
N ASP H 122 -36.57 35.74 26.72
CA ASP H 122 -36.23 34.42 27.24
C ASP H 122 -36.24 33.39 26.12
N TYR H 123 -35.13 32.69 25.97
CA TYR H 123 -35.01 31.68 24.92
C TYR H 123 -35.13 30.27 25.49
N ILE H 124 -34.26 29.90 26.41
CA ILE H 124 -34.32 28.56 27.00
C ILE H 124 -33.81 28.63 28.43
N ALA H 125 -34.30 27.71 29.28
CA ALA H 125 -33.90 27.70 30.67
C ALA H 125 -33.75 26.27 31.17
N LEU H 126 -32.71 26.03 31.98
CA LEU H 126 -32.55 24.73 32.61
C LEU H 126 -33.51 24.60 33.78
N ASN H 127 -34.29 23.53 33.79
CA ASN H 127 -35.25 23.33 34.87
C ASN H 127 -34.53 23.08 36.19
N GLU H 128 -35.26 23.26 37.29
CA GLU H 128 -34.69 23.10 38.62
C GLU H 128 -34.28 21.67 38.91
N ASP H 129 -34.89 20.69 38.23
CA ASP H 129 -34.47 19.30 38.37
C ASP H 129 -33.12 19.02 37.74
N LEU H 130 -32.58 19.95 36.94
CA LEU H 130 -31.27 19.86 36.32
C LEU H 130 -31.16 18.65 35.38
N ARG H 131 -32.30 18.14 34.91
CA ARG H 131 -32.32 17.02 34.00
C ARG H 131 -33.20 17.24 32.77
N SER H 132 -34.07 18.24 32.78
CA SER H 132 -34.92 18.61 31.65
C SER H 132 -34.68 20.08 31.30
N TRP H 133 -35.35 20.54 30.26
CA TRP H 133 -35.21 21.92 29.79
C TRP H 133 -36.60 22.55 29.60
N THR H 134 -36.60 23.87 29.49
CA THR H 134 -37.82 24.64 29.21
C THR H 134 -37.54 25.55 28.03
N ALA H 135 -38.22 25.29 26.92
CA ALA H 135 -38.09 26.07 25.69
C ALA H 135 -39.22 27.08 25.60
N ALA H 136 -38.86 28.35 25.39
CA ALA H 136 -39.86 29.41 25.34
C ALA H 136 -40.69 29.31 24.07
N ASP H 137 -40.06 29.40 22.90
CA ASP H 137 -40.75 29.37 21.62
C ASP H 137 -40.41 28.09 20.87
N LYS H 138 -40.81 28.04 19.59
CA LYS H 138 -40.67 26.81 18.83
C LYS H 138 -39.22 26.59 18.40
N ALA H 139 -38.49 27.67 18.11
CA ALA H 139 -37.08 27.52 17.72
C ALA H 139 -36.22 27.04 18.88
N ALA H 140 -36.60 27.37 20.12
CA ALA H 140 -35.86 26.87 21.26
C ALA H 140 -36.06 25.37 21.45
N GLN H 141 -37.18 24.83 20.95
CA GLN H 141 -37.38 23.38 20.99
C GLN H 141 -36.33 22.65 20.17
N ILE H 142 -35.80 23.29 19.12
CA ILE H 142 -34.73 22.68 18.34
C ILE H 142 -33.49 22.49 19.20
N THR H 143 -33.10 23.53 19.93
CA THR H 143 -31.96 23.41 20.85
C THR H 143 -32.26 22.41 21.95
N GLN H 144 -33.52 22.33 22.39
CA GLN H 144 -33.91 21.31 23.36
C GLN H 144 -33.67 19.91 22.81
N ARG H 145 -34.08 19.68 21.55
CA ARG H 145 -33.80 18.40 20.90
C ARG H 145 -32.30 18.12 20.87
N LYS H 146 -31.55 19.09 20.36
CA LYS H 146 -30.10 18.90 20.21
C LYS H 146 -29.45 18.54 21.55
N TRP H 147 -29.79 19.26 22.61
CA TRP H 147 -29.12 19.06 23.90
C TRP H 147 -29.63 17.83 24.63
N GLU H 148 -30.92 17.50 24.51
CA GLU H 148 -31.40 16.25 25.09
C GLU H 148 -30.79 15.05 24.41
N ALA H 149 -30.60 15.12 23.09
CA ALA H 149 -29.92 14.03 22.38
C ALA H 149 -28.44 13.98 22.72
N ALA H 150 -27.80 15.15 22.80
CA ALA H 150 -26.38 15.23 23.10
C ALA H 150 -26.06 15.16 24.59
N ARG H 151 -27.09 15.14 25.45
CA ARG H 151 -26.92 15.02 26.90
C ARG H 151 -26.05 16.13 27.48
N GLU H 152 -26.41 17.38 27.15
CA GLU H 152 -25.74 18.53 27.75
C GLU H 152 -26.22 18.80 29.16
N ALA H 153 -27.45 18.39 29.47
CA ALA H 153 -27.99 18.58 30.82
C ALA H 153 -27.12 17.89 31.87
N GLU H 154 -26.59 16.71 31.56
CA GLU H 154 -25.70 16.03 32.50
C GLU H 154 -24.44 16.84 32.75
N GLN H 155 -23.87 17.41 31.68
CA GLN H 155 -22.69 18.26 31.82
C GLN H 155 -22.98 19.47 32.72
N ARG H 156 -24.11 20.15 32.45
CA ARG H 156 -24.44 21.34 33.22
C ARG H 156 -24.69 21.00 34.69
N ARG H 157 -25.40 19.89 34.94
CA ARG H 157 -25.62 19.48 36.33
C ARG H 157 -24.31 19.11 37.01
N ALA H 158 -23.40 18.44 36.29
CA ALA H 158 -22.10 18.13 36.85
C ALA H 158 -21.34 19.39 37.24
N TYR H 159 -21.47 20.45 36.44
CA TYR H 159 -20.80 21.69 36.79
C TYR H 159 -21.47 22.37 37.98
N LEU H 160 -22.80 22.32 38.04
CA LEU H 160 -23.52 23.07 39.07
C LEU H 160 -23.52 22.39 40.43
N GLU H 161 -23.52 21.06 40.48
CA GLU H 161 -23.58 20.36 41.75
C GLU H 161 -22.22 20.23 42.44
N GLY H 162 -21.13 20.28 41.67
CA GLY H 162 -19.82 20.03 42.25
C GLY H 162 -18.85 21.18 42.20
N THR H 163 -18.26 21.41 41.02
CA THR H 163 -17.12 22.31 40.91
C THR H 163 -17.50 23.76 41.24
N CYS H 164 -18.72 24.19 40.92
CA CYS H 164 -19.11 25.56 41.28
C CYS H 164 -19.11 25.74 42.79
N VAL H 165 -19.58 24.73 43.52
CA VAL H 165 -19.59 24.80 44.98
C VAL H 165 -18.17 24.82 45.53
N GLU H 166 -17.29 24.00 44.96
CA GLU H 166 -15.88 24.01 45.37
C GLU H 166 -15.25 25.38 45.15
N TRP H 167 -15.45 25.95 43.96
CA TRP H 167 -14.92 27.28 43.67
C TRP H 167 -15.49 28.31 44.64
N LEU H 168 -16.79 28.23 44.92
CA LEU H 168 -17.42 29.21 45.81
C LEU H 168 -16.85 29.14 47.21
N ARG H 169 -16.75 27.93 47.77
CA ARG H 169 -16.17 27.77 49.11
C ARG H 169 -14.72 28.25 49.14
N ARG H 170 -13.98 27.96 48.07
CA ARG H 170 -12.57 28.39 48.08
C ARG H 170 -12.54 29.90 48.11
N TYR H 171 -13.28 30.55 47.22
CA TYR H 171 -13.27 32.01 47.18
C TYR H 171 -13.72 32.60 48.50
N LEU H 172 -14.74 32.01 49.13
CA LEU H 172 -15.21 32.51 50.40
C LEU H 172 -14.13 32.43 51.47
N GLU H 173 -13.40 31.31 51.53
CA GLU H 173 -12.32 31.22 52.50
C GLU H 173 -11.18 32.17 52.17
N ASN H 174 -10.80 32.25 50.90
CA ASN H 174 -9.71 33.13 50.50
C ASN H 174 -10.03 34.60 50.77
N GLY H 175 -11.30 34.99 50.70
CA GLY H 175 -11.68 36.36 50.94
C GLY H 175 -12.81 36.52 51.96
N LYS H 176 -12.73 35.77 53.06
CA LYS H 176 -13.77 35.86 54.08
C LYS H 176 -13.77 37.20 54.78
N LYS H 177 -12.63 37.87 54.81
CA LYS H 177 -12.55 39.18 55.47
C LYS H 177 -13.48 40.20 54.82
N THR H 178 -13.70 40.08 53.52
CA THR H 178 -14.53 41.03 52.79
C THR H 178 -15.83 40.44 52.24
N LEU H 179 -15.86 39.14 51.96
CA LEU H 179 -17.06 38.51 51.42
C LEU H 179 -18.01 38.00 52.51
N GLN H 180 -17.48 37.67 53.68
CA GLN H 180 -18.31 37.23 54.79
C GLN H 180 -18.69 38.36 55.73
N ARG H 181 -18.09 39.53 55.55
CA ARG H 181 -18.45 40.69 56.37
C ARG H 181 -19.71 41.36 55.83
N ALA H 182 -20.45 41.98 56.74
CA ALA H 182 -21.63 42.75 56.40
C ALA H 182 -21.52 44.12 57.04
N GLU H 183 -21.62 45.16 56.22
CA GLU H 183 -21.52 46.54 56.69
C GLU H 183 -22.94 47.05 56.94
N HIS H 184 -23.24 47.34 58.19
CA HIS H 184 -24.57 47.86 58.51
C HIS H 184 -24.77 49.22 57.85
N PRO H 185 -25.96 49.50 57.33
CA PRO H 185 -26.17 50.77 56.62
C PRO H 185 -26.18 51.97 57.56
N LYS H 186 -25.50 53.02 57.13
CA LYS H 186 -25.55 54.31 57.80
C LYS H 186 -26.74 55.07 57.25
N THR H 187 -27.67 55.46 58.11
CA THR H 187 -28.96 55.96 57.68
C THR H 187 -29.24 57.33 58.27
N HIS H 188 -30.01 58.13 57.55
CA HIS H 188 -30.48 59.40 58.07
C HIS H 188 -31.68 59.88 57.24
N VAL H 189 -32.48 60.74 57.85
CA VAL H 189 -33.72 61.22 57.25
C VAL H 189 -33.63 62.72 57.05
N THR H 190 -34.03 63.19 55.87
CA THR H 190 -34.04 64.60 55.51
C THR H 190 -35.45 65.01 55.11
N HIS H 191 -35.68 66.32 55.03
CA HIS H 191 -36.97 66.82 54.58
C HIS H 191 -36.75 68.04 53.69
N HIS H 192 -37.68 68.24 52.77
CA HIS H 192 -37.67 69.39 51.87
C HIS H 192 -39.09 69.91 51.70
N PRO H 193 -39.22 71.20 51.34
CA PRO H 193 -40.57 71.75 51.16
C PRO H 193 -41.11 71.55 49.75
N VAL H 194 -42.23 70.83 49.65
CA VAL H 194 -42.92 70.67 48.36
C VAL H 194 -43.86 71.85 48.11
N SER H 195 -44.54 72.32 49.14
CA SER H 195 -45.44 73.45 49.06
C SER H 195 -45.45 74.15 50.41
N ASP H 196 -46.26 75.20 50.52
CA ASP H 196 -46.35 75.91 51.79
C ASP H 196 -46.96 75.05 52.89
N HIS H 197 -47.85 74.12 52.54
CA HIS H 197 -48.48 73.22 53.51
C HIS H 197 -48.18 71.75 53.25
N GLU H 198 -47.21 71.43 52.39
CA GLU H 198 -46.84 70.06 52.07
C GLU H 198 -45.31 69.92 52.18
N ALA H 199 -44.84 68.71 52.49
CA ALA H 199 -43.41 68.52 52.65
C ALA H 199 -43.02 67.07 52.36
N THR H 200 -41.82 66.89 51.82
CA THR H 200 -41.31 65.57 51.46
C THR H 200 -40.30 65.09 52.49
N LEU H 201 -40.52 63.86 52.99
CA LEU H 201 -39.61 63.18 53.90
C LEU H 201 -38.85 62.11 53.13
N ARG H 202 -37.53 62.07 53.30
CA ARG H 202 -36.68 61.14 52.56
C ARG H 202 -35.79 60.37 53.52
N CYS H 203 -35.97 59.05 53.57
CA CYS H 203 -35.14 58.15 54.35
C CYS H 203 -33.97 57.69 53.46
N TRP H 204 -32.76 57.74 54.01
CA TRP H 204 -31.53 57.46 53.28
C TRP H 204 -30.76 56.35 53.98
N ALA H 205 -30.20 55.43 53.19
CA ALA H 205 -29.35 54.37 53.69
C ALA H 205 -28.15 54.23 52.76
N LEU H 206 -26.94 54.28 53.34
CA LEU H 206 -25.70 54.29 52.58
C LEU H 206 -24.74 53.29 53.21
N GLY H 207 -23.69 52.96 52.46
CA GLY H 207 -22.60 52.14 52.96
C GLY H 207 -22.99 50.79 53.55
N PHE H 208 -23.74 50.00 52.79
CA PHE H 208 -24.15 48.67 53.25
C PHE H 208 -23.76 47.61 52.24
N TYR H 209 -23.54 46.40 52.75
CA TYR H 209 -23.19 45.22 51.95
C TYR H 209 -23.89 44.04 52.63
N PRO H 210 -24.61 43.20 51.88
CA PRO H 210 -24.81 43.27 50.43
C PRO H 210 -25.89 44.26 50.00
N ALA H 211 -26.20 44.27 48.71
CA ALA H 211 -27.12 45.26 48.16
C ALA H 211 -28.55 45.08 48.67
N GLU H 212 -28.96 43.84 48.96
CA GLU H 212 -30.33 43.58 49.38
C GLU H 212 -30.65 44.33 50.67
N ILE H 213 -31.71 45.13 50.63
CA ILE H 213 -32.13 45.94 51.78
C ILE H 213 -33.60 46.27 51.57
N THR H 214 -34.29 46.59 52.65
CA THR H 214 -35.72 46.92 52.58
C THR H 214 -35.99 48.20 53.34
N LEU H 215 -36.48 49.21 52.63
CA LEU H 215 -36.90 50.48 53.23
C LEU H 215 -38.39 50.64 53.01
N THR H 216 -39.10 50.99 54.08
CA THR H 216 -40.55 51.12 54.04
C THR H 216 -40.96 52.33 54.86
N TRP H 217 -42.10 52.93 54.49
CA TRP H 217 -42.67 54.06 55.21
C TRP H 217 -43.99 53.63 55.82
N GLN H 218 -44.16 53.87 57.13
CA GLN H 218 -45.39 53.51 57.80
C GLN H 218 -46.00 54.74 58.46
N ARG H 219 -47.31 54.88 58.33
CA ARG H 219 -48.06 56.01 58.88
C ARG H 219 -48.72 55.52 60.15
N ASP H 220 -48.04 55.70 61.29
CA ASP H 220 -48.59 55.34 62.59
C ASP H 220 -49.12 53.90 62.55
N GLY H 221 -48.35 53.02 61.92
CA GLY H 221 -48.77 51.65 61.74
C GLY H 221 -49.35 51.28 60.38
N GLU H 222 -49.36 52.20 59.41
CA GLU H 222 -49.89 51.91 58.07
C GLU H 222 -48.75 51.85 57.07
N ASP H 223 -48.43 50.63 56.62
CA ASP H 223 -47.33 50.40 55.68
C ASP H 223 -47.90 50.29 54.27
N GLN H 224 -48.14 51.43 53.65
CA GLN H 224 -48.68 51.49 52.30
C GLN H 224 -47.59 51.94 51.32
N THR H 225 -47.28 51.07 50.35
CA THR H 225 -46.30 51.38 49.32
C THR H 225 -46.83 52.35 48.27
N GLN H 226 -48.14 52.58 48.23
CA GLN H 226 -48.74 53.29 47.10
C GLN H 226 -48.25 54.73 47.00
N ASP H 227 -48.20 55.45 48.12
CA ASP H 227 -47.68 56.81 48.10
C ASP H 227 -46.15 56.85 48.14
N THR H 228 -45.51 55.77 48.60
CA THR H 228 -44.06 55.75 48.71
C THR H 228 -43.39 55.77 47.35
N GLU H 229 -42.32 56.55 47.26
CA GLU H 229 -41.48 56.63 46.06
C GLU H 229 -40.19 55.90 46.33
N LEU H 230 -39.81 54.99 45.43
CA LEU H 230 -38.63 54.17 45.57
C LEU H 230 -37.71 54.34 44.37
N VAL H 231 -36.43 54.01 44.57
CA VAL H 231 -35.43 54.03 43.52
C VAL H 231 -34.60 52.76 43.62
N GLU H 232 -34.12 52.29 42.48
CA GLU H 232 -33.28 51.10 42.45
C GLU H 232 -32.01 51.30 43.28
N THR H 233 -31.63 50.25 44.01
CA THR H 233 -30.38 50.29 44.76
C THR H 233 -29.21 50.55 43.82
N ARG H 234 -28.35 51.51 44.18
CA ARG H 234 -27.29 51.94 43.32
C ARG H 234 -25.94 51.77 44.01
N PRO H 235 -24.89 51.43 43.26
CA PRO H 235 -23.57 51.26 43.86
C PRO H 235 -22.87 52.60 44.03
N ALA H 236 -22.12 52.71 45.14
CA ALA H 236 -21.32 53.90 45.39
C ALA H 236 -20.00 53.88 44.61
N GLY H 237 -19.59 52.70 44.12
CA GLY H 237 -18.36 52.55 43.37
C GLY H 237 -17.20 52.00 44.17
N ASP H 238 -17.35 51.86 45.50
CA ASP H 238 -16.32 51.31 46.35
C ASP H 238 -16.72 49.96 46.95
N GLY H 239 -17.66 49.26 46.32
CA GLY H 239 -18.15 47.99 46.81
C GLY H 239 -19.39 48.07 47.67
N THR H 240 -19.88 49.27 47.99
CA THR H 240 -21.07 49.42 48.80
C THR H 240 -22.17 50.11 48.00
N PHE H 241 -23.41 49.91 48.42
CA PHE H 241 -24.58 50.34 47.68
C PHE H 241 -25.37 51.39 48.47
N GLN H 242 -26.21 52.13 47.75
CA GLN H 242 -27.01 53.21 48.32
C GLN H 242 -28.48 53.00 47.99
N LYS H 243 -29.36 53.53 48.84
CA LYS H 243 -30.79 53.46 48.56
C LYS H 243 -31.55 54.43 49.44
N TRP H 244 -32.55 55.09 48.86
CA TRP H 244 -33.38 56.04 49.58
C TRP H 244 -34.84 55.88 49.18
N ALA H 245 -35.73 56.23 50.11
CA ALA H 245 -37.18 56.13 49.92
C ALA H 245 -37.85 57.36 50.47
N ALA H 246 -38.72 58.00 49.68
CA ALA H 246 -39.34 59.25 50.08
C ALA H 246 -40.86 59.12 50.07
N VAL H 247 -41.50 60.04 50.80
CA VAL H 247 -42.95 60.11 50.88
C VAL H 247 -43.34 61.57 51.13
N VAL H 248 -44.40 62.01 50.47
CA VAL H 248 -44.93 63.36 50.65
C VAL H 248 -45.99 63.32 51.74
N VAL H 249 -45.92 64.29 52.66
CA VAL H 249 -46.76 64.30 53.84
C VAL H 249 -47.32 65.70 54.06
N PRO H 250 -48.40 65.81 54.84
CA PRO H 250 -48.86 67.13 55.26
C PRO H 250 -48.11 67.59 56.51
N SER H 251 -47.70 68.85 56.48
CA SER H 251 -46.98 69.42 57.62
C SER H 251 -47.81 69.33 58.88
N GLY H 252 -47.17 68.89 59.98
CA GLY H 252 -47.83 68.62 61.22
C GLY H 252 -48.10 67.15 61.47
N GLU H 253 -48.27 66.36 60.41
CA GLU H 253 -48.41 64.91 60.53
C GLU H 253 -47.07 64.19 60.40
N GLU H 254 -45.96 64.92 60.38
CA GLU H 254 -44.65 64.29 60.27
C GLU H 254 -44.34 63.40 61.46
N GLN H 255 -44.83 63.77 62.65
CA GLN H 255 -44.53 63.00 63.86
C GLN H 255 -45.10 61.58 63.80
N ARG H 256 -46.16 61.35 63.03
CA ARG H 256 -46.80 60.04 63.00
C ARG H 256 -46.12 59.06 62.05
N TYR H 257 -45.23 59.53 61.18
CA TYR H 257 -44.59 58.68 60.18
C TYR H 257 -43.27 58.13 60.68
N THR H 258 -42.97 56.89 60.31
CA THR H 258 -41.71 56.27 60.68
C THR H 258 -41.19 55.43 59.54
N CYS H 259 -39.91 55.61 59.24
CA CYS H 259 -39.19 54.78 58.29
C CYS H 259 -38.77 53.48 58.96
N HIS H 260 -38.77 52.40 58.18
CA HIS H 260 -38.36 51.09 58.65
C HIS H 260 -37.31 50.55 57.70
N VAL H 261 -36.16 50.14 58.25
CA VAL H 261 -35.06 49.62 57.46
C VAL H 261 -34.73 48.22 57.96
N GLN H 262 -34.66 47.29 57.03
CA GLN H 262 -34.35 45.88 57.29
C GLN H 262 -33.15 45.49 56.44
N HIS H 263 -32.14 44.92 57.09
CA HIS H 263 -30.88 44.58 56.43
C HIS H 263 -30.18 43.52 57.27
N GLU H 264 -29.32 42.74 56.61
CA GLU H 264 -28.60 41.69 57.31
C GLU H 264 -27.63 42.25 58.34
N GLY H 265 -26.90 43.32 57.99
CA GLY H 265 -25.92 43.89 58.90
C GLY H 265 -26.53 44.34 60.22
N LEU H 266 -27.76 44.83 60.20
CA LEU H 266 -28.42 45.26 61.42
C LEU H 266 -28.95 44.05 62.18
N PRO H 267 -28.67 43.93 63.47
CA PRO H 267 -29.24 42.80 64.23
C PRO H 267 -30.75 42.84 64.28
N GLU H 268 -31.33 44.00 64.56
CA GLU H 268 -32.77 44.19 64.57
C GLU H 268 -33.17 45.29 63.60
N PRO H 269 -34.33 45.18 62.95
CA PRO H 269 -34.76 46.24 62.02
C PRO H 269 -34.87 47.58 62.73
N LEU H 270 -34.45 48.63 62.05
CA LEU H 270 -34.42 49.96 62.67
C LEU H 270 -35.63 50.78 62.27
N THR H 271 -36.12 51.57 63.22
CA THR H 271 -37.20 52.52 63.00
C THR H 271 -36.64 53.93 63.16
N LEU H 272 -36.93 54.79 62.20
CA LEU H 272 -36.31 56.10 62.09
C LEU H 272 -37.40 57.17 61.96
N ARG H 273 -37.14 58.33 62.55
CA ARG H 273 -38.07 59.45 62.48
C ARG H 273 -37.30 60.75 62.63
N TRP H 274 -37.82 61.82 62.03
CA TRP H 274 -37.14 63.11 62.03
C TRP H 274 -37.89 64.16 62.85
N GLN I 2 -36.96 46.20 23.21
CA GLN I 2 -36.23 47.40 23.63
C GLN I 2 -36.74 47.91 24.99
N ARG I 3 -35.89 48.65 25.69
CA ARG I 3 -36.24 49.19 26.99
C ARG I 3 -35.59 50.56 27.16
N THR I 4 -36.22 51.40 27.96
CA THR I 4 -35.66 52.74 28.15
C THR I 4 -34.77 52.77 29.39
N PRO I 5 -33.61 53.40 29.30
CA PRO I 5 -32.69 53.41 30.44
C PRO I 5 -33.15 54.34 31.55
N LYS I 6 -33.05 53.85 32.78
CA LYS I 6 -33.28 54.66 33.97
C LYS I 6 -31.94 55.15 34.49
N ILE I 7 -31.86 56.46 34.75
CA ILE I 7 -30.61 57.15 35.05
C ILE I 7 -30.62 57.59 36.50
N GLN I 8 -29.45 57.57 37.13
CA GLN I 8 -29.27 58.13 38.46
C GLN I 8 -27.90 58.79 38.54
N VAL I 9 -27.87 60.05 38.93
CA VAL I 9 -26.61 60.80 39.07
C VAL I 9 -26.43 61.16 40.53
N TYR I 10 -25.28 60.80 41.08
CA TYR I 10 -25.05 60.99 42.51
C TYR I 10 -23.55 61.04 42.77
N SER I 11 -23.18 61.06 44.05
CA SER I 11 -21.80 61.04 44.49
C SER I 11 -21.57 59.87 45.44
N ARG I 12 -20.35 59.33 45.43
CA ARG I 12 -20.01 58.22 46.30
C ARG I 12 -20.21 58.59 47.76
N HIS I 13 -19.64 59.71 48.18
CA HIS I 13 -19.80 60.27 49.51
C HIS I 13 -20.75 61.47 49.44
N PRO I 14 -21.27 61.92 50.60
CA PRO I 14 -22.09 63.14 50.58
C PRO I 14 -21.30 64.34 50.09
N ALA I 15 -21.95 65.17 49.29
CA ALA I 15 -21.28 66.30 48.65
C ALA I 15 -20.78 67.29 49.69
N GLU I 16 -19.48 67.57 49.65
CA GLU I 16 -18.86 68.57 50.51
C GLU I 16 -18.08 69.53 49.61
N ASN I 17 -18.45 70.80 49.65
CA ASN I 17 -17.82 71.81 48.80
C ASN I 17 -16.34 71.94 49.15
N GLY I 18 -15.48 71.70 48.17
CA GLY I 18 -14.05 71.78 48.37
C GLY I 18 -13.36 70.48 48.76
N LYS I 19 -14.09 69.36 48.76
CA LYS I 19 -13.53 68.08 49.14
C LYS I 19 -13.63 67.12 47.96
N SER I 20 -12.55 66.36 47.72
CA SER I 20 -12.51 65.44 46.60
C SER I 20 -13.61 64.38 46.73
N ASN I 21 -14.15 63.96 45.60
CA ASN I 21 -15.27 63.02 45.58
C ASN I 21 -15.38 62.42 44.20
N PHE I 22 -16.33 61.50 44.04
CA PHE I 22 -16.55 60.79 42.79
C PHE I 22 -17.96 61.04 42.28
N LEU I 23 -18.06 61.51 41.04
CA LEU I 23 -19.34 61.64 40.34
C LEU I 23 -19.69 60.30 39.70
N ASN I 24 -20.92 59.84 39.93
CA ASN I 24 -21.39 58.56 39.41
C ASN I 24 -22.66 58.79 38.60
N CYS I 25 -22.67 58.25 37.39
CA CYS I 25 -23.87 58.17 36.55
C CYS I 25 -24.16 56.69 36.35
N TYR I 26 -25.27 56.22 36.90
CA TYR I 26 -25.64 54.82 36.92
C TYR I 26 -26.88 54.64 36.05
N VAL I 27 -26.73 53.89 34.96
CA VAL I 27 -27.83 53.61 34.04
C VAL I 27 -28.23 52.16 34.23
N SER I 28 -29.53 51.88 34.12
CA SER I 28 -30.00 50.53 34.36
C SER I 28 -31.28 50.28 33.58
N GLY I 29 -31.60 49.00 33.40
CA GLY I 29 -32.86 48.63 32.78
C GLY I 29 -32.97 48.99 31.31
N PHE I 30 -31.87 48.92 30.58
CA PHE I 30 -31.86 49.28 29.16
C PHE I 30 -31.43 48.09 28.31
N HIS I 31 -31.92 48.08 27.07
CA HIS I 31 -31.68 47.02 26.09
C HIS I 31 -31.95 47.58 24.71
N PRO I 32 -31.05 47.38 23.73
CA PRO I 32 -29.81 46.58 23.82
C PRO I 32 -28.65 47.29 24.52
N SER I 33 -27.49 46.61 24.54
CA SER I 33 -26.33 47.12 25.27
C SER I 33 -25.75 48.38 24.65
N ASP I 34 -25.82 48.52 23.32
CA ASP I 34 -25.22 49.65 22.64
C ASP I 34 -25.81 50.96 23.15
N ILE I 35 -24.95 51.81 23.72
CA ILE I 35 -25.38 53.05 24.35
C ILE I 35 -24.16 53.95 24.48
N GLU I 36 -24.40 55.26 24.55
CA GLU I 36 -23.33 56.23 24.76
C GLU I 36 -23.65 57.05 26.00
N VAL I 37 -22.70 57.15 26.93
CA VAL I 37 -22.88 57.90 28.16
C VAL I 37 -21.66 58.77 28.39
N ASP I 38 -21.89 60.07 28.57
CA ASP I 38 -20.84 61.03 28.87
C ASP I 38 -21.23 61.83 30.09
N LEU I 39 -20.23 62.38 30.77
CA LEU I 39 -20.42 63.27 31.91
C LEU I 39 -20.04 64.69 31.49
N LEU I 40 -20.76 65.67 32.01
CA LEU I 40 -20.59 67.06 31.63
C LEU I 40 -20.35 67.92 32.86
N LYS I 41 -19.25 68.67 32.85
CA LYS I 41 -19.02 69.73 33.82
C LYS I 41 -19.36 71.03 33.12
N ASN I 42 -20.47 71.65 33.53
CA ASN I 42 -20.96 72.89 32.93
C ASN I 42 -21.11 72.74 31.42
N GLY I 43 -21.58 71.57 30.98
CA GLY I 43 -21.82 71.29 29.58
C GLY I 43 -20.64 70.81 28.77
N GLU I 44 -19.48 70.59 29.38
CA GLU I 44 -18.30 70.11 28.67
C GLU I 44 -18.02 68.66 29.03
N ARG I 45 -17.78 67.84 28.01
CA ARG I 45 -17.39 66.46 28.23
C ARG I 45 -16.00 66.42 28.88
N ILE I 46 -15.83 65.50 29.83
CA ILE I 46 -14.57 65.36 30.56
C ILE I 46 -13.88 64.09 30.08
N GLU I 47 -12.60 64.22 29.75
CA GLU I 47 -11.79 63.10 29.30
C GLU I 47 -11.26 62.33 30.52
N LYS I 48 -10.63 61.19 30.24
CA LYS I 48 -10.08 60.31 31.29
C LYS I 48 -11.20 59.86 32.24
N VAL I 49 -12.32 59.43 31.66
CA VAL I 49 -13.46 58.96 32.42
C VAL I 49 -13.55 57.45 32.27
N GLU I 50 -13.38 56.73 33.36
CA GLU I 50 -13.49 55.28 33.36
C GLU I 50 -14.94 54.88 33.58
N HIS I 51 -15.23 53.61 33.27
CA HIS I 51 -16.57 53.07 33.43
C HIS I 51 -16.47 51.60 33.80
N SER I 52 -17.49 51.10 34.48
CA SER I 52 -17.47 49.73 34.97
C SER I 52 -17.69 48.75 33.81
N ASP I 53 -17.62 47.46 34.13
CA ASP I 53 -17.77 46.41 33.14
C ASP I 53 -19.25 46.09 32.94
N LEU I 54 -19.58 45.72 31.71
CA LEU I 54 -20.98 45.55 31.34
C LEU I 54 -21.58 44.31 32.00
N SER I 55 -22.82 44.44 32.48
CA SER I 55 -23.52 43.35 33.11
C SER I 55 -25.02 43.61 33.00
N PHE I 56 -25.82 42.67 33.50
CA PHE I 56 -27.26 42.80 33.44
C PHE I 56 -27.87 42.10 34.65
N SER I 57 -29.14 42.41 34.91
CA SER I 57 -29.86 41.90 36.07
C SER I 57 -30.66 40.66 35.69
N LYS I 58 -31.58 40.26 36.58
CA LYS I 58 -32.34 39.04 36.37
C LYS I 58 -33.23 39.13 35.13
N ASP I 59 -33.79 40.31 34.87
CA ASP I 59 -34.74 40.49 33.78
C ASP I 59 -34.07 40.83 32.45
N TRP I 60 -32.81 40.41 32.27
CA TRP I 60 -32.04 40.60 31.03
C TRP I 60 -31.79 42.07 30.73
N SER I 61 -32.09 42.96 31.65
CA SER I 61 -31.90 44.39 31.45
C SER I 61 -30.49 44.77 31.87
N PHE I 62 -29.77 45.44 30.98
CA PHE I 62 -28.38 45.76 31.23
C PHE I 62 -28.26 46.87 32.26
N TYR I 63 -27.06 47.01 32.83
CA TYR I 63 -26.80 48.10 33.76
C TYR I 63 -25.31 48.45 33.72
N LEU I 64 -25.04 49.75 33.79
CA LEU I 64 -23.68 50.28 33.69
C LEU I 64 -23.50 51.42 34.69
N LEU I 65 -22.24 51.66 35.04
CA LEU I 65 -21.89 52.75 35.94
C LEU I 65 -20.68 53.48 35.39
N TYR I 66 -20.78 54.79 35.24
CA TYR I 66 -19.69 55.65 34.84
C TYR I 66 -19.30 56.52 36.03
N TYR I 67 -18.00 56.71 36.24
CA TYR I 67 -17.53 57.46 37.39
C TYR I 67 -16.37 58.35 37.01
N THR I 68 -16.19 59.42 37.79
CA THR I 68 -15.07 60.32 37.59
C THR I 68 -14.70 60.98 38.90
N GLU I 69 -13.48 61.50 38.95
CA GLU I 69 -12.94 62.18 40.14
C GLU I 69 -13.09 63.68 39.98
N PHE I 70 -13.62 64.34 41.00
CA PHE I 70 -13.87 65.77 40.90
C PHE I 70 -13.94 66.38 42.29
N THR I 71 -13.88 67.71 42.35
CA THR I 71 -14.09 68.45 43.59
C THR I 71 -15.27 69.39 43.39
N PRO I 72 -16.35 69.27 44.16
CA PRO I 72 -17.54 70.10 43.91
C PRO I 72 -17.46 71.49 44.52
N THR I 73 -17.96 72.47 43.77
CA THR I 73 -18.18 73.82 44.24
C THR I 73 -19.57 74.25 43.81
N GLU I 74 -20.07 75.33 44.42
CA GLU I 74 -21.41 75.80 44.11
C GLU I 74 -21.53 76.25 42.66
N LYS I 75 -20.48 76.90 42.13
CA LYS I 75 -20.57 77.50 40.80
C LYS I 75 -20.73 76.43 39.72
N ASP I 76 -19.94 75.37 39.80
CA ASP I 76 -19.98 74.35 38.76
C ASP I 76 -21.28 73.57 38.81
N GLU I 77 -21.79 73.23 37.63
CA GLU I 77 -22.99 72.41 37.49
C GLU I 77 -22.59 71.13 36.76
N TYR I 78 -22.98 69.98 37.33
CA TYR I 78 -22.59 68.68 36.80
C TYR I 78 -23.82 67.93 36.30
N ALA I 79 -23.67 67.26 35.15
CA ALA I 79 -24.78 66.55 34.55
C ALA I 79 -24.27 65.30 33.86
N CYS I 80 -25.22 64.44 33.46
CA CYS I 80 -24.94 63.22 32.72
C CYS I 80 -25.77 63.23 31.44
N ARG I 81 -25.12 62.96 30.31
CA ARG I 81 -25.77 62.87 29.00
C ARG I 81 -25.74 61.41 28.55
N VAL I 82 -26.91 60.89 28.19
CA VAL I 82 -27.00 59.53 27.67
C VAL I 82 -27.71 59.58 26.32
N ASN I 83 -27.23 58.78 25.38
CA ASN I 83 -27.88 58.60 24.09
C ASN I 83 -28.04 57.10 23.85
N HIS I 84 -29.27 56.71 23.51
CA HIS I 84 -29.61 55.32 23.27
C HIS I 84 -30.51 55.26 22.04
N VAL I 85 -30.58 54.07 21.43
CA VAL I 85 -31.35 53.92 20.20
C VAL I 85 -32.83 54.19 20.45
N THR I 86 -33.34 53.84 21.63
CA THR I 86 -34.72 54.14 21.97
C THR I 86 -34.94 55.62 22.25
N LEU I 87 -33.88 56.36 22.58
CA LEU I 87 -33.98 57.79 22.85
C LEU I 87 -33.97 58.55 21.53
N SER I 88 -35.02 59.34 21.28
CA SER I 88 -35.03 60.15 20.07
C SER I 88 -33.90 61.17 20.08
N GLN I 89 -33.68 61.82 21.21
CA GLN I 89 -32.63 62.81 21.37
C GLN I 89 -31.94 62.59 22.71
N PRO I 90 -30.68 63.01 22.84
CA PRO I 90 -29.94 62.76 24.09
C PRO I 90 -30.66 63.27 25.33
N LYS I 91 -30.63 62.44 26.38
CA LYS I 91 -31.26 62.75 27.66
C LYS I 91 -30.22 63.30 28.62
N ILE I 92 -30.52 64.45 29.20
CA ILE I 92 -29.62 65.13 30.14
C ILE I 92 -30.24 65.07 31.52
N VAL I 93 -29.45 64.70 32.51
CA VAL I 93 -29.90 64.69 33.90
C VAL I 93 -28.85 65.40 34.74
N LYS I 94 -29.23 66.50 35.37
CA LYS I 94 -28.31 67.24 36.23
C LYS I 94 -28.07 66.48 37.54
N TRP I 95 -26.96 66.80 38.19
CA TRP I 95 -26.63 66.20 39.48
C TRP I 95 -27.23 67.07 40.58
N ASP I 96 -28.21 66.52 41.30
CA ASP I 96 -28.83 67.20 42.43
C ASP I 96 -28.36 66.55 43.73
N ARG I 97 -28.01 67.39 44.71
CA ARG I 97 -27.59 66.90 46.01
C ARG I 97 -28.72 66.31 46.82
N ASP I 98 -29.97 66.50 46.39
CA ASP I 98 -31.16 65.94 47.04
C ASP I 98 -31.34 66.52 48.42
N GLY J 1 -14.95 29.39 38.94
CA GLY J 1 -14.52 28.90 37.65
C GLY J 1 -15.62 28.82 36.62
N ALA J 2 -15.30 29.15 35.38
CA ALA J 2 -16.29 29.19 34.31
C ALA J 2 -16.75 27.78 33.95
N ASP J 3 -17.90 27.70 33.28
CA ASP J 3 -18.48 26.43 32.87
C ASP J 3 -18.00 26.13 31.45
N GLY J 4 -16.77 25.62 31.37
CA GLY J 4 -16.11 25.30 30.11
C GLY J 4 -15.86 23.82 29.92
N VAL J 5 -16.89 23.01 30.10
CA VAL J 5 -16.74 21.56 30.06
C VAL J 5 -16.95 21.04 28.65
N GLY J 6 -18.14 21.30 28.08
CA GLY J 6 -18.47 20.87 26.76
C GLY J 6 -18.57 22.00 25.77
N LYS J 7 -19.09 21.69 24.59
CA LYS J 7 -19.31 22.77 23.61
C LYS J 7 -20.79 23.10 23.76
N SER J 8 -21.11 24.26 24.34
CA SER J 8 -22.54 24.60 24.53
C SER J 8 -23.22 24.70 23.16
N ALA J 9 -22.51 25.20 22.16
CA ALA J 9 -23.07 25.39 20.81
C ALA J 9 -24.38 26.17 20.93
N LEU J 10 -25.45 25.61 20.33
CA LEU J 10 -26.89 26.00 20.25
C LEU J 10 -27.49 25.25 19.07
#